data_2CW4
# 
_entry.id   2CW4 
# 
_audit_conform.dict_name       mmcif_pdbx.dic 
_audit_conform.dict_version    5.397 
_audit_conform.dict_location   http://mmcif.pdb.org/dictionaries/ascii/mmcif_pdbx.dic 
# 
loop_
_database_2.database_id 
_database_2.database_code 
_database_2.pdbx_database_accession 
_database_2.pdbx_DOI 
PDB   2CW4         pdb_00002cw4 10.2210/pdb2cw4/pdb 
RCSB  RCSB024690   ?            ?                   
WWPDB D_1000024690 ?            ?                   
# 
loop_
_pdbx_audit_revision_history.ordinal 
_pdbx_audit_revision_history.data_content_type 
_pdbx_audit_revision_history.major_revision 
_pdbx_audit_revision_history.minor_revision 
_pdbx_audit_revision_history.revision_date 
1 'Structure model' 1 0 2005-12-16 
2 'Structure model' 1 1 2008-04-30 
3 'Structure model' 1 2 2011-07-13 
4 'Structure model' 1 3 2024-10-23 
# 
_pdbx_audit_revision_details.ordinal             1 
_pdbx_audit_revision_details.revision_ordinal    1 
_pdbx_audit_revision_details.data_content_type   'Structure model' 
_pdbx_audit_revision_details.provider            repository 
_pdbx_audit_revision_details.type                'Initial release' 
_pdbx_audit_revision_details.description         ? 
_pdbx_audit_revision_details.details             ? 
# 
loop_
_pdbx_audit_revision_group.ordinal 
_pdbx_audit_revision_group.revision_ordinal 
_pdbx_audit_revision_group.data_content_type 
_pdbx_audit_revision_group.group 
1 2 'Structure model' 'Version format compliance' 
2 3 'Structure model' 'Derived calculations'      
3 3 'Structure model' 'Version format compliance' 
4 4 'Structure model' 'Data collection'           
5 4 'Structure model' 'Database references'       
6 4 'Structure model' 'Derived calculations'      
7 4 'Structure model' 'Structure summary'         
# 
loop_
_pdbx_audit_revision_category.ordinal 
_pdbx_audit_revision_category.revision_ordinal 
_pdbx_audit_revision_category.data_content_type 
_pdbx_audit_revision_category.category 
1 4 'Structure model' chem_comp_atom            
2 4 'Structure model' chem_comp_bond            
3 4 'Structure model' database_2                
4 4 'Structure model' pdbx_entry_details        
5 4 'Structure model' pdbx_modification_feature 
6 4 'Structure model' struct_conn               
7 4 'Structure model' struct_ref_seq_dif        
# 
loop_
_pdbx_audit_revision_item.ordinal 
_pdbx_audit_revision_item.revision_ordinal 
_pdbx_audit_revision_item.data_content_type 
_pdbx_audit_revision_item.item 
1 4 'Structure model' '_database_2.pdbx_DOI'                
2 4 'Structure model' '_database_2.pdbx_database_accession' 
3 4 'Structure model' '_struct_conn.pdbx_leaving_atom_flag' 
4 4 'Structure model' '_struct_ref_seq_dif.details'         
# 
_pdbx_database_status.status_code                     REL 
_pdbx_database_status.entry_id                        2CW4 
_pdbx_database_status.recvd_initial_deposition_date   2005-06-16 
_pdbx_database_status.deposit_site                    PDBJ 
_pdbx_database_status.process_site                    PDBJ 
_pdbx_database_status.status_code_sf                  REL 
_pdbx_database_status.status_code_mr                  ? 
_pdbx_database_status.SG_entry                        Y 
_pdbx_database_status.pdb_format_compatible           Y 
_pdbx_database_status.status_code_cs                  ? 
_pdbx_database_status.status_code_nmr_data            ? 
_pdbx_database_status.methods_development_category    ? 
# 
_pdbx_database_related.db_name        TargetDB 
_pdbx_database_related.db_id          ttk003000865.1 
_pdbx_database_related.details        . 
_pdbx_database_related.content_type   unspecified 
# 
loop_
_audit_author.name 
_audit_author.pdbx_ordinal 
'Wang, H.'                                               1 
'Murayama, K.'                                           2 
'Terada, T.'                                             3 
'Shirouzu, M.'                                           4 
'Kuramitsu, S.'                                          5 
'Yokoyama, S.'                                           6 
'RIKEN Structural Genomics/Proteomics Initiative (RSGI)' 7 
# 
_citation.id                        primary 
_citation.title                     'Crystal structure of TTHA0137 from Thermus Thermophilus HB8' 
_citation.journal_abbrev            'TO BE PUBLISHED' 
_citation.journal_volume            ? 
_citation.page_first                ? 
_citation.page_last                 ? 
_citation.year                      ? 
_citation.journal_id_ASTM           ? 
_citation.country                   ? 
_citation.journal_id_ISSN           ? 
_citation.journal_id_CSD            0353 
_citation.book_publisher            ? 
_citation.pdbx_database_id_PubMed   ? 
_citation.pdbx_database_id_DOI      ? 
# 
loop_
_citation_author.citation_id 
_citation_author.name 
_citation_author.ordinal 
_citation_author.identifier_ORCID 
primary 'Wang, H.'      1 ? 
primary 'Murayama, K.'  2 ? 
primary 'Terada, T.'    3 ? 
primary 'Shirouzu, M.'  4 ? 
primary 'Kuramitsu, S.' 5 ? 
primary 'Yokoyama, S.'  6 ? 
# 
loop_
_entity.id 
_entity.type 
_entity.src_method 
_entity.pdbx_description 
_entity.formula_weight 
_entity.pdbx_number_of_molecules 
_entity.pdbx_ec 
_entity.pdbx_mutation 
_entity.pdbx_fragment 
_entity.details 
1 polymer man 'translation initiation inhibitor' 13297.769 1  ? ? ? ? 
2 water   nat water                              18.015    59 ? ? ? ? 
# 
_entity_poly.entity_id                      1 
_entity_poly.type                           'polypeptide(L)' 
_entity_poly.nstd_linkage                   no 
_entity_poly.nstd_monomer                   yes 
_entity_poly.pdbx_seq_one_letter_code       
;(MSE)EAVKTDRAPAAIGPYAQAVKAGGFVFVSGQIPLAPDGSLVEGDIRVQTERV(MSE)ENLKAVLEAAGSGLSRVVQ
TTCFLAD(MSE)EDFPGFNEVYARYFTPPYPARATVAVKALPRGVRVEVACVALAE
;
_entity_poly.pdbx_seq_one_letter_code_can   
;MEAVKTDRAPAAIGPYAQAVKAGGFVFVSGQIPLAPDGSLVEGDIRVQTERVMENLKAVLEAAGSGLSRVVQTTCFLADM
EDFPGFNEVYARYFTPPYPARATVAVKALPRGVRVEVACVALAE
;
_entity_poly.pdbx_strand_id                 A 
_entity_poly.pdbx_target_identifier         ttk003000865.1 
# 
_pdbx_entity_nonpoly.entity_id   2 
_pdbx_entity_nonpoly.name        water 
_pdbx_entity_nonpoly.comp_id     HOH 
# 
loop_
_entity_poly_seq.entity_id 
_entity_poly_seq.num 
_entity_poly_seq.mon_id 
_entity_poly_seq.hetero 
1 1   MSE n 
1 2   GLU n 
1 3   ALA n 
1 4   VAL n 
1 5   LYS n 
1 6   THR n 
1 7   ASP n 
1 8   ARG n 
1 9   ALA n 
1 10  PRO n 
1 11  ALA n 
1 12  ALA n 
1 13  ILE n 
1 14  GLY n 
1 15  PRO n 
1 16  TYR n 
1 17  ALA n 
1 18  GLN n 
1 19  ALA n 
1 20  VAL n 
1 21  LYS n 
1 22  ALA n 
1 23  GLY n 
1 24  GLY n 
1 25  PHE n 
1 26  VAL n 
1 27  PHE n 
1 28  VAL n 
1 29  SER n 
1 30  GLY n 
1 31  GLN n 
1 32  ILE n 
1 33  PRO n 
1 34  LEU n 
1 35  ALA n 
1 36  PRO n 
1 37  ASP n 
1 38  GLY n 
1 39  SER n 
1 40  LEU n 
1 41  VAL n 
1 42  GLU n 
1 43  GLY n 
1 44  ASP n 
1 45  ILE n 
1 46  ARG n 
1 47  VAL n 
1 48  GLN n 
1 49  THR n 
1 50  GLU n 
1 51  ARG n 
1 52  VAL n 
1 53  MSE n 
1 54  GLU n 
1 55  ASN n 
1 56  LEU n 
1 57  LYS n 
1 58  ALA n 
1 59  VAL n 
1 60  LEU n 
1 61  GLU n 
1 62  ALA n 
1 63  ALA n 
1 64  GLY n 
1 65  SER n 
1 66  GLY n 
1 67  LEU n 
1 68  SER n 
1 69  ARG n 
1 70  VAL n 
1 71  VAL n 
1 72  GLN n 
1 73  THR n 
1 74  THR n 
1 75  CYS n 
1 76  PHE n 
1 77  LEU n 
1 78  ALA n 
1 79  ASP n 
1 80  MSE n 
1 81  GLU n 
1 82  ASP n 
1 83  PHE n 
1 84  PRO n 
1 85  GLY n 
1 86  PHE n 
1 87  ASN n 
1 88  GLU n 
1 89  VAL n 
1 90  TYR n 
1 91  ALA n 
1 92  ARG n 
1 93  TYR n 
1 94  PHE n 
1 95  THR n 
1 96  PRO n 
1 97  PRO n 
1 98  TYR n 
1 99  PRO n 
1 100 ALA n 
1 101 ARG n 
1 102 ALA n 
1 103 THR n 
1 104 VAL n 
1 105 ALA n 
1 106 VAL n 
1 107 LYS n 
1 108 ALA n 
1 109 LEU n 
1 110 PRO n 
1 111 ARG n 
1 112 GLY n 
1 113 VAL n 
1 114 ARG n 
1 115 VAL n 
1 116 GLU n 
1 117 VAL n 
1 118 ALA n 
1 119 CYS n 
1 120 VAL n 
1 121 ALA n 
1 122 LEU n 
1 123 ALA n 
1 124 GLU n 
# 
_entity_src_gen.entity_id                          1 
_entity_src_gen.pdbx_src_id                        1 
_entity_src_gen.pdbx_alt_source_flag               sample 
_entity_src_gen.pdbx_seq_type                      ? 
_entity_src_gen.pdbx_beg_seq_num                   ? 
_entity_src_gen.pdbx_end_seq_num                   ? 
_entity_src_gen.gene_src_common_name               ? 
_entity_src_gen.gene_src_genus                     Thermus 
_entity_src_gen.pdbx_gene_src_gene                 ? 
_entity_src_gen.gene_src_species                   ? 
_entity_src_gen.gene_src_strain                    ? 
_entity_src_gen.gene_src_tissue                    ? 
_entity_src_gen.gene_src_tissue_fraction           ? 
_entity_src_gen.gene_src_details                   ? 
_entity_src_gen.pdbx_gene_src_fragment             ? 
_entity_src_gen.pdbx_gene_src_scientific_name      'Thermus thermophilus' 
_entity_src_gen.pdbx_gene_src_ncbi_taxonomy_id     274 
_entity_src_gen.pdbx_gene_src_variant              ? 
_entity_src_gen.pdbx_gene_src_cell_line            ? 
_entity_src_gen.pdbx_gene_src_atcc                 ? 
_entity_src_gen.pdbx_gene_src_organ                ? 
_entity_src_gen.pdbx_gene_src_organelle            ? 
_entity_src_gen.pdbx_gene_src_cell                 ? 
_entity_src_gen.pdbx_gene_src_cellular_location    ? 
_entity_src_gen.host_org_common_name               ? 
_entity_src_gen.pdbx_host_org_scientific_name      'Escherichia coli' 
_entity_src_gen.pdbx_host_org_ncbi_taxonomy_id     562 
_entity_src_gen.host_org_genus                     Escherichia 
_entity_src_gen.pdbx_host_org_gene                 ? 
_entity_src_gen.pdbx_host_org_organ                ? 
_entity_src_gen.host_org_species                   ? 
_entity_src_gen.pdbx_host_org_tissue               ? 
_entity_src_gen.pdbx_host_org_tissue_fraction      ? 
_entity_src_gen.pdbx_host_org_strain               ? 
_entity_src_gen.pdbx_host_org_variant              ? 
_entity_src_gen.pdbx_host_org_cell_line            ? 
_entity_src_gen.pdbx_host_org_atcc                 ? 
_entity_src_gen.pdbx_host_org_culture_collection   ? 
_entity_src_gen.pdbx_host_org_cell                 ? 
_entity_src_gen.pdbx_host_org_organelle            ? 
_entity_src_gen.pdbx_host_org_cellular_location    ? 
_entity_src_gen.pdbx_host_org_vector_type          plasmid 
_entity_src_gen.pdbx_host_org_vector               ? 
_entity_src_gen.host_org_details                   ? 
_entity_src_gen.expression_system_id               ? 
_entity_src_gen.plasmid_name                       pET11a 
_entity_src_gen.plasmid_details                    ? 
_entity_src_gen.pdbx_description                   ? 
# 
loop_
_chem_comp.id 
_chem_comp.type 
_chem_comp.mon_nstd_flag 
_chem_comp.name 
_chem_comp.pdbx_synonyms 
_chem_comp.formula 
_chem_comp.formula_weight 
ALA 'L-peptide linking' y ALANINE          ? 'C3 H7 N O2'     89.093  
ARG 'L-peptide linking' y ARGININE         ? 'C6 H15 N4 O2 1' 175.209 
ASN 'L-peptide linking' y ASPARAGINE       ? 'C4 H8 N2 O3'    132.118 
ASP 'L-peptide linking' y 'ASPARTIC ACID'  ? 'C4 H7 N O4'     133.103 
CYS 'L-peptide linking' y CYSTEINE         ? 'C3 H7 N O2 S'   121.158 
GLN 'L-peptide linking' y GLUTAMINE        ? 'C5 H10 N2 O3'   146.144 
GLU 'L-peptide linking' y 'GLUTAMIC ACID'  ? 'C5 H9 N O4'     147.129 
GLY 'peptide linking'   y GLYCINE          ? 'C2 H5 N O2'     75.067  
HOH non-polymer         . WATER            ? 'H2 O'           18.015  
ILE 'L-peptide linking' y ISOLEUCINE       ? 'C6 H13 N O2'    131.173 
LEU 'L-peptide linking' y LEUCINE          ? 'C6 H13 N O2'    131.173 
LYS 'L-peptide linking' y LYSINE           ? 'C6 H15 N2 O2 1' 147.195 
MET 'L-peptide linking' y METHIONINE       ? 'C5 H11 N O2 S'  149.211 
MSE 'L-peptide linking' n SELENOMETHIONINE ? 'C5 H11 N O2 Se' 196.106 
PHE 'L-peptide linking' y PHENYLALANINE    ? 'C9 H11 N O2'    165.189 
PRO 'L-peptide linking' y PROLINE          ? 'C5 H9 N O2'     115.130 
SER 'L-peptide linking' y SERINE           ? 'C3 H7 N O3'     105.093 
THR 'L-peptide linking' y THREONINE        ? 'C4 H9 N O3'     119.119 
TYR 'L-peptide linking' y TYROSINE         ? 'C9 H11 N O3'    181.189 
VAL 'L-peptide linking' y VALINE           ? 'C5 H11 N O2'    117.146 
# 
loop_
_pdbx_poly_seq_scheme.asym_id 
_pdbx_poly_seq_scheme.entity_id 
_pdbx_poly_seq_scheme.seq_id 
_pdbx_poly_seq_scheme.mon_id 
_pdbx_poly_seq_scheme.ndb_seq_num 
_pdbx_poly_seq_scheme.pdb_seq_num 
_pdbx_poly_seq_scheme.auth_seq_num 
_pdbx_poly_seq_scheme.pdb_mon_id 
_pdbx_poly_seq_scheme.auth_mon_id 
_pdbx_poly_seq_scheme.pdb_strand_id 
_pdbx_poly_seq_scheme.pdb_ins_code 
_pdbx_poly_seq_scheme.hetero 
A 1 1   MSE 1   1   1   MSE MSE A . n 
A 1 2   GLU 2   2   2   GLU GLU A . n 
A 1 3   ALA 3   3   3   ALA ALA A . n 
A 1 4   VAL 4   4   4   VAL VAL A . n 
A 1 5   LYS 5   5   5   LYS LYS A . n 
A 1 6   THR 6   6   6   THR THR A . n 
A 1 7   ASP 7   7   7   ASP ASP A . n 
A 1 8   ARG 8   8   8   ARG ARG A . n 
A 1 9   ALA 9   9   9   ALA ALA A . n 
A 1 10  PRO 10  10  10  PRO PRO A . n 
A 1 11  ALA 11  11  11  ALA ALA A . n 
A 1 12  ALA 12  12  12  ALA ALA A . n 
A 1 13  ILE 13  13  13  ILE ILE A . n 
A 1 14  GLY 14  14  14  GLY GLY A . n 
A 1 15  PRO 15  15  15  PRO PRO A . n 
A 1 16  TYR 16  16  16  TYR TYR A . n 
A 1 17  ALA 17  17  17  ALA ALA A . n 
A 1 18  GLN 18  18  18  GLN GLN A . n 
A 1 19  ALA 19  19  19  ALA ALA A . n 
A 1 20  VAL 20  20  20  VAL VAL A . n 
A 1 21  LYS 21  21  21  LYS LYS A . n 
A 1 22  ALA 22  22  22  ALA ALA A . n 
A 1 23  GLY 23  23  23  GLY GLY A . n 
A 1 24  GLY 24  24  24  GLY GLY A . n 
A 1 25  PHE 25  25  25  PHE PHE A . n 
A 1 26  VAL 26  26  26  VAL VAL A . n 
A 1 27  PHE 27  27  27  PHE PHE A . n 
A 1 28  VAL 28  28  28  VAL VAL A . n 
A 1 29  SER 29  29  29  SER SER A . n 
A 1 30  GLY 30  30  30  GLY GLY A . n 
A 1 31  GLN 31  31  31  GLN GLN A . n 
A 1 32  ILE 32  32  32  ILE ILE A . n 
A 1 33  PRO 33  33  33  PRO PRO A . n 
A 1 34  LEU 34  34  34  LEU LEU A . n 
A 1 35  ALA 35  35  35  ALA ALA A . n 
A 1 36  PRO 36  36  36  PRO PRO A . n 
A 1 37  ASP 37  37  37  ASP ASP A . n 
A 1 38  GLY 38  38  38  GLY GLY A . n 
A 1 39  SER 39  39  39  SER SER A . n 
A 1 40  LEU 40  40  40  LEU LEU A . n 
A 1 41  VAL 41  41  41  VAL VAL A . n 
A 1 42  GLU 42  42  42  GLU GLU A . n 
A 1 43  GLY 43  43  43  GLY GLY A . n 
A 1 44  ASP 44  44  44  ASP ASP A . n 
A 1 45  ILE 45  45  45  ILE ILE A . n 
A 1 46  ARG 46  46  46  ARG ARG A . n 
A 1 47  VAL 47  47  47  VAL VAL A . n 
A 1 48  GLN 48  48  48  GLN GLN A . n 
A 1 49  THR 49  49  49  THR THR A . n 
A 1 50  GLU 50  50  50  GLU GLU A . n 
A 1 51  ARG 51  51  51  ARG ARG A . n 
A 1 52  VAL 52  52  52  VAL VAL A . n 
A 1 53  MSE 53  53  53  MSE MSE A . n 
A 1 54  GLU 54  54  54  GLU GLU A . n 
A 1 55  ASN 55  55  55  ASN ASN A . n 
A 1 56  LEU 56  56  56  LEU LEU A . n 
A 1 57  LYS 57  57  57  LYS LYS A . n 
A 1 58  ALA 58  58  58  ALA ALA A . n 
A 1 59  VAL 59  59  59  VAL VAL A . n 
A 1 60  LEU 60  60  60  LEU LEU A . n 
A 1 61  GLU 61  61  61  GLU GLU A . n 
A 1 62  ALA 62  62  62  ALA ALA A . n 
A 1 63  ALA 63  63  63  ALA ALA A . n 
A 1 64  GLY 64  64  64  GLY GLY A . n 
A 1 65  SER 65  65  65  SER SER A . n 
A 1 66  GLY 66  66  66  GLY GLY A . n 
A 1 67  LEU 67  67  67  LEU LEU A . n 
A 1 68  SER 68  68  68  SER SER A . n 
A 1 69  ARG 69  69  69  ARG ARG A . n 
A 1 70  VAL 70  70  70  VAL VAL A . n 
A 1 71  VAL 71  71  71  VAL VAL A . n 
A 1 72  GLN 72  72  72  GLN GLN A . n 
A 1 73  THR 73  73  73  THR THR A . n 
A 1 74  THR 74  74  74  THR THR A . n 
A 1 75  CYS 75  75  75  CYS CYS A . n 
A 1 76  PHE 76  76  76  PHE PHE A . n 
A 1 77  LEU 77  77  77  LEU LEU A . n 
A 1 78  ALA 78  78  78  ALA ALA A . n 
A 1 79  ASP 79  79  79  ASP ASP A . n 
A 1 80  MSE 80  80  80  MSE MSE A . n 
A 1 81  GLU 81  81  81  GLU GLU A . n 
A 1 82  ASP 82  82  82  ASP ASP A . n 
A 1 83  PHE 83  83  83  PHE PHE A . n 
A 1 84  PRO 84  84  84  PRO PRO A . n 
A 1 85  GLY 85  85  85  GLY GLY A . n 
A 1 86  PHE 86  86  86  PHE PHE A . n 
A 1 87  ASN 87  87  87  ASN ASN A . n 
A 1 88  GLU 88  88  88  GLU GLU A . n 
A 1 89  VAL 89  89  89  VAL VAL A . n 
A 1 90  TYR 90  90  90  TYR TYR A . n 
A 1 91  ALA 91  91  91  ALA ALA A . n 
A 1 92  ARG 92  92  92  ARG ARG A . n 
A 1 93  TYR 93  93  93  TYR TYR A . n 
A 1 94  PHE 94  94  94  PHE PHE A . n 
A 1 95  THR 95  95  95  THR THR A . n 
A 1 96  PRO 96  96  96  PRO PRO A . n 
A 1 97  PRO 97  97  97  PRO PRO A . n 
A 1 98  TYR 98  98  98  TYR TYR A . n 
A 1 99  PRO 99  99  99  PRO PRO A . n 
A 1 100 ALA 100 100 100 ALA ALA A . n 
A 1 101 ARG 101 101 101 ARG ARG A . n 
A 1 102 ALA 102 102 102 ALA ALA A . n 
A 1 103 THR 103 103 103 THR THR A . n 
A 1 104 VAL 104 104 104 VAL VAL A . n 
A 1 105 ALA 105 105 105 ALA ALA A . n 
A 1 106 VAL 106 106 106 VAL VAL A . n 
A 1 107 LYS 107 107 107 LYS LYS A . n 
A 1 108 ALA 108 108 108 ALA ALA A . n 
A 1 109 LEU 109 109 109 LEU LEU A . n 
A 1 110 PRO 110 110 110 PRO PRO A . n 
A 1 111 ARG 111 111 111 ARG ARG A . n 
A 1 112 GLY 112 112 112 GLY GLY A . n 
A 1 113 VAL 113 113 113 VAL VAL A . n 
A 1 114 ARG 114 114 114 ARG ARG A . n 
A 1 115 VAL 115 115 115 VAL VAL A . n 
A 1 116 GLU 116 116 116 GLU GLU A . n 
A 1 117 VAL 117 117 117 VAL VAL A . n 
A 1 118 ALA 118 118 118 ALA ALA A . n 
A 1 119 CYS 119 119 119 CYS CYS A . n 
A 1 120 VAL 120 120 120 VAL VAL A . n 
A 1 121 ALA 121 121 121 ALA ALA A . n 
A 1 122 LEU 122 122 122 LEU LEU A . n 
A 1 123 ALA 123 123 123 ALA ALA A . n 
A 1 124 GLU 124 124 124 GLU GLU A . n 
# 
loop_
_pdbx_nonpoly_scheme.asym_id 
_pdbx_nonpoly_scheme.entity_id 
_pdbx_nonpoly_scheme.mon_id 
_pdbx_nonpoly_scheme.ndb_seq_num 
_pdbx_nonpoly_scheme.pdb_seq_num 
_pdbx_nonpoly_scheme.auth_seq_num 
_pdbx_nonpoly_scheme.pdb_mon_id 
_pdbx_nonpoly_scheme.auth_mon_id 
_pdbx_nonpoly_scheme.pdb_strand_id 
_pdbx_nonpoly_scheme.pdb_ins_code 
B 2 HOH 1  125 1  HOH HOH A . 
B 2 HOH 2  126 2  HOH HOH A . 
B 2 HOH 3  127 3  HOH HOH A . 
B 2 HOH 4  128 4  HOH HOH A . 
B 2 HOH 5  129 5  HOH HOH A . 
B 2 HOH 6  130 6  HOH HOH A . 
B 2 HOH 7  131 7  HOH HOH A . 
B 2 HOH 8  132 8  HOH HOH A . 
B 2 HOH 9  133 9  HOH HOH A . 
B 2 HOH 10 134 10 HOH HOH A . 
B 2 HOH 11 135 11 HOH HOH A . 
B 2 HOH 12 136 12 HOH HOH A . 
B 2 HOH 13 137 13 HOH HOH A . 
B 2 HOH 14 138 14 HOH HOH A . 
B 2 HOH 15 139 15 HOH HOH A . 
B 2 HOH 16 140 16 HOH HOH A . 
B 2 HOH 17 141 17 HOH HOH A . 
B 2 HOH 18 142 18 HOH HOH A . 
B 2 HOH 19 143 19 HOH HOH A . 
B 2 HOH 20 144 20 HOH HOH A . 
B 2 HOH 21 145 21 HOH HOH A . 
B 2 HOH 22 146 22 HOH HOH A . 
B 2 HOH 23 147 23 HOH HOH A . 
B 2 HOH 24 148 24 HOH HOH A . 
B 2 HOH 25 149 25 HOH HOH A . 
B 2 HOH 26 150 26 HOH HOH A . 
B 2 HOH 27 151 27 HOH HOH A . 
B 2 HOH 28 152 28 HOH HOH A . 
B 2 HOH 29 153 29 HOH HOH A . 
B 2 HOH 30 154 30 HOH HOH A . 
B 2 HOH 31 155 31 HOH HOH A . 
B 2 HOH 32 156 32 HOH HOH A . 
B 2 HOH 33 157 33 HOH HOH A . 
B 2 HOH 34 158 34 HOH HOH A . 
B 2 HOH 35 159 35 HOH HOH A . 
B 2 HOH 36 160 36 HOH HOH A . 
B 2 HOH 37 161 37 HOH HOH A . 
B 2 HOH 38 162 38 HOH HOH A . 
B 2 HOH 39 163 39 HOH HOH A . 
B 2 HOH 40 164 40 HOH HOH A . 
B 2 HOH 41 165 41 HOH HOH A . 
B 2 HOH 42 166 42 HOH HOH A . 
B 2 HOH 43 167 43 HOH HOH A . 
B 2 HOH 44 168 44 HOH HOH A . 
B 2 HOH 45 169 45 HOH HOH A . 
B 2 HOH 46 170 46 HOH HOH A . 
B 2 HOH 47 171 47 HOH HOH A . 
B 2 HOH 48 172 48 HOH HOH A . 
B 2 HOH 49 173 49 HOH HOH A . 
B 2 HOH 50 174 50 HOH HOH A . 
B 2 HOH 51 175 51 HOH HOH A . 
B 2 HOH 52 176 52 HOH HOH A . 
B 2 HOH 53 177 53 HOH HOH A . 
B 2 HOH 54 178 54 HOH HOH A . 
B 2 HOH 55 179 55 HOH HOH A . 
B 2 HOH 56 180 56 HOH HOH A . 
B 2 HOH 57 181 57 HOH HOH A . 
B 2 HOH 58 182 58 HOH HOH A . 
B 2 HOH 59 183 59 HOH HOH A . 
# 
loop_
_software.name 
_software.classification 
_software.version 
_software.citation_id 
_software.pdbx_ordinal 
CNS       refinement       1.1 ? 1 
HKL-2000  'data reduction' .   ? 2 
SCALEPACK 'data scaling'   .   ? 3 
MOLREP    phasing          .   ? 4 
# 
_cell.entry_id           2CW4 
_cell.length_a           59.540 
_cell.length_b           59.540 
_cell.length_c           83.740 
_cell.angle_alpha        90.00 
_cell.angle_beta         90.00 
_cell.angle_gamma        120.00 
_cell.Z_PDB              9 
_cell.pdbx_unique_axis   ? 
# 
_symmetry.entry_id                         2CW4 
_symmetry.space_group_name_H-M             'H 3' 
_symmetry.pdbx_full_space_group_name_H-M   ? 
_symmetry.cell_setting                     ? 
_symmetry.Int_Tables_number                146 
_symmetry.space_group_name_Hall            ? 
# 
_exptl.entry_id          2CW4 
_exptl.method            'X-RAY DIFFRACTION' 
_exptl.crystals_number   1 
# 
_exptl_crystal.id                    1 
_exptl_crystal.density_meas          ? 
_exptl_crystal.density_Matthews      2.2 
_exptl_crystal.density_percent_sol   43.6 
_exptl_crystal.description           ? 
_exptl_crystal.F_000                 ? 
_exptl_crystal.preparation           ? 
# 
_exptl_crystal_grow.crystal_id      1 
_exptl_crystal_grow.method          'VAPOR DIFFUSION, HANGING DROP' 
_exptl_crystal_grow.temp            293 
_exptl_crystal_grow.temp_details    ? 
_exptl_crystal_grow.pH              6.5 
_exptl_crystal_grow.pdbx_details    'PEG1500 BIS-TRIS, pH 6.5, VAPOR DIFFUSION, HANGING DROP, temperature 293K' 
_exptl_crystal_grow.pdbx_pH_range   . 
# 
_diffrn.id                     1 
_diffrn.ambient_temp           100 
_diffrn.ambient_temp_details   ? 
_diffrn.crystal_id             1 
# 
_diffrn_detector.diffrn_id              1 
_diffrn_detector.detector               'IMAGE PLATE' 
_diffrn_detector.type                   'RIGAKU RAXIS IV' 
_diffrn_detector.pdbx_collection_date   2005-04-18 
_diffrn_detector.details                ? 
# 
_diffrn_radiation.diffrn_id                        1 
_diffrn_radiation.wavelength_id                    1 
_diffrn_radiation.pdbx_monochromatic_or_laue_m_l   M 
_diffrn_radiation.monochromator                    ? 
_diffrn_radiation.pdbx_diffrn_protocol             'SINGLE WAVELENGTH' 
_diffrn_radiation.pdbx_scattering_type             x-ray 
# 
_diffrn_radiation_wavelength.id           1 
_diffrn_radiation_wavelength.wavelength   1.5418 
_diffrn_radiation_wavelength.wt           1.0 
# 
_diffrn_source.diffrn_id                   1 
_diffrn_source.source                      'ROTATING ANODE' 
_diffrn_source.type                        RIGAKU 
_diffrn_source.pdbx_synchrotron_site       ? 
_diffrn_source.pdbx_synchrotron_beamline   ? 
_diffrn_source.pdbx_wavelength             ? 
_diffrn_source.pdbx_wavelength_list        1.5418 
# 
_reflns.entry_id                     2CW4 
_reflns.observed_criterion_sigma_I   -3 
_reflns.observed_criterion_sigma_F   ? 
_reflns.d_resolution_low             50 
_reflns.d_resolution_high            1.80 
_reflns.number_obs                   10369 
_reflns.number_all                   ? 
_reflns.percent_possible_obs         99.3 
_reflns.pdbx_Rmerge_I_obs            ? 
_reflns.pdbx_Rsym_value              0.054 
_reflns.pdbx_netI_over_sigmaI        30.97 
_reflns.B_iso_Wilson_estimate        14.7 
_reflns.pdbx_redundancy              6.1 
_reflns.R_free_details               ? 
_reflns.limit_h_max                  ? 
_reflns.limit_h_min                  ? 
_reflns.limit_k_max                  ? 
_reflns.limit_k_min                  ? 
_reflns.limit_l_max                  ? 
_reflns.limit_l_min                  ? 
_reflns.observed_criterion_F_max     ? 
_reflns.observed_criterion_F_min     ? 
_reflns.pdbx_chi_squared             ? 
_reflns.pdbx_scaling_rejects         ? 
_reflns.pdbx_ordinal                 1 
_reflns.pdbx_diffrn_id               1 
# 
_reflns_shell.d_res_high             1.80 
_reflns_shell.d_res_low              1.86 
_reflns_shell.percent_possible_all   93.0 
_reflns_shell.Rmerge_I_obs           ? 
_reflns_shell.pdbx_Rsym_value        0.13 
_reflns_shell.meanI_over_sigI_obs    10.7 
_reflns_shell.pdbx_redundancy        4.8 
_reflns_shell.percent_possible_obs   ? 
_reflns_shell.number_unique_all      974 
_reflns_shell.number_measured_all    ? 
_reflns_shell.number_measured_obs    ? 
_reflns_shell.number_unique_obs      ? 
_reflns_shell.pdbx_chi_squared       ? 
_reflns_shell.pdbx_ordinal           1 
_reflns_shell.pdbx_diffrn_id         1 
# 
_refine.entry_id                                 2CW4 
_refine.ls_number_reflns_obs                     10228 
_refine.ls_number_reflns_all                     ? 
_refine.pdbx_ls_sigma_I                          ? 
_refine.pdbx_ls_sigma_F                          0.0 
_refine.pdbx_data_cutoff_high_absF               1310874.94 
_refine.pdbx_data_cutoff_low_absF                0.000000 
_refine.pdbx_data_cutoff_high_rms_absF           ? 
_refine.ls_d_res_low                             27.91 
_refine.ls_d_res_high                            1.80 
_refine.ls_percent_reflns_obs                    99.5 
_refine.ls_R_factor_obs                          0.145 
_refine.ls_R_factor_all                          ? 
_refine.ls_R_factor_R_work                       0.145 
_refine.ls_R_factor_R_free                       0.182 
_refine.ls_R_factor_R_free_error                 ? 
_refine.ls_R_factor_R_free_error_details         ? 
_refine.ls_percent_reflns_R_free                 5.0 
_refine.ls_number_reflns_R_free                  516 
_refine.ls_number_parameters                     ? 
_refine.ls_number_restraints                     ? 
_refine.occupancy_min                            ? 
_refine.occupancy_max                            ? 
_refine.correlation_coeff_Fo_to_Fc               ? 
_refine.correlation_coeff_Fo_to_Fc_free          ? 
_refine.B_iso_mean                               17.3 
_refine.aniso_B[1][1]                            0.86 
_refine.aniso_B[2][2]                            0.86 
_refine.aniso_B[3][3]                            -1.73 
_refine.aniso_B[1][2]                            1.29 
_refine.aniso_B[1][3]                            0.00 
_refine.aniso_B[2][3]                            0.00 
_refine.solvent_model_details                    'FLAT MODEL' 
_refine.solvent_model_param_ksol                 0.365402 
_refine.solvent_model_param_bsol                 45.9009 
_refine.pdbx_solvent_vdw_probe_radii             ? 
_refine.pdbx_solvent_ion_probe_radii             ? 
_refine.pdbx_solvent_shrinkage_radii             ? 
_refine.pdbx_ls_cross_valid_method               THROUGHOUT 
_refine.details                                  
'This is a twinned structure. The twinning operator is (h,k,l) -> (h,-h-k,-l) and twinning fraction is 0.355.' 
_refine.pdbx_starting_model                      ? 
_refine.pdbx_method_to_determine_struct          'MOLECULAR REPLACEMENT' 
_refine.pdbx_isotropic_thermal_model             RESTRAINED 
_refine.pdbx_stereochemistry_target_values       ? 
_refine.pdbx_stereochem_target_val_spec_case     ? 
_refine.pdbx_R_Free_selection_details            RANDOM 
_refine.pdbx_overall_ESU_R                       ? 
_refine.pdbx_overall_ESU_R_Free                  ? 
_refine.overall_SU_ML                            ? 
_refine.overall_SU_B                             ? 
_refine.ls_redundancy_reflns_obs                 ? 
_refine.B_iso_min                                ? 
_refine.B_iso_max                                ? 
_refine.overall_SU_R_Cruickshank_DPI             ? 
_refine.overall_SU_R_free                        ? 
_refine.ls_wR_factor_R_free                      ? 
_refine.ls_wR_factor_R_work                      ? 
_refine.overall_FOM_free_R_set                   ? 
_refine.overall_FOM_work_R_set                   ? 
_refine.pdbx_refine_id                           'X-RAY DIFFRACTION' 
_refine.pdbx_diffrn_id                           1 
_refine.pdbx_TLS_residual_ADP_flag               ? 
_refine.pdbx_overall_phase_error                 ? 
_refine.pdbx_overall_SU_R_free_Cruickshank_DPI   ? 
_refine.pdbx_overall_SU_R_Blow_DPI               ? 
_refine.pdbx_overall_SU_R_free_Blow_DPI          ? 
# 
_refine_analyze.entry_id                        2CW4 
_refine_analyze.Luzzati_coordinate_error_obs    0.26 
_refine_analyze.Luzzati_sigma_a_obs             0.14 
_refine_analyze.Luzzati_d_res_low_obs           5.00 
_refine_analyze.Luzzati_coordinate_error_free   0.27 
_refine_analyze.Luzzati_sigma_a_free            0.18 
_refine_analyze.Luzzati_d_res_low_free          ? 
_refine_analyze.number_disordered_residues      ? 
_refine_analyze.occupancy_sum_hydrogen          ? 
_refine_analyze.occupancy_sum_non_hydrogen      ? 
_refine_analyze.pdbx_Luzzati_d_res_high_obs     ? 
_refine_analyze.pdbx_refine_id                  'X-RAY DIFFRACTION' 
# 
_refine_hist.pdbx_refine_id                   'X-RAY DIFFRACTION' 
_refine_hist.cycle_id                         LAST 
_refine_hist.pdbx_number_atoms_protein        924 
_refine_hist.pdbx_number_atoms_nucleic_acid   0 
_refine_hist.pdbx_number_atoms_ligand         0 
_refine_hist.number_atoms_solvent             59 
_refine_hist.number_atoms_total               983 
_refine_hist.d_res_high                       1.80 
_refine_hist.d_res_low                        27.91 
# 
loop_
_refine_ls_restr.type 
_refine_ls_restr.dev_ideal 
_refine_ls_restr.dev_ideal_target 
_refine_ls_restr.weight 
_refine_ls_restr.number 
_refine_ls_restr.pdbx_refine_id 
_refine_ls_restr.pdbx_restraint_function 
c_bond_d           0.006 ? ? ? 'X-RAY DIFFRACTION' ? 
c_angle_deg        1.3   ? ? ? 'X-RAY DIFFRACTION' ? 
c_dihedral_angle_d 24.2  ? ? ? 'X-RAY DIFFRACTION' ? 
c_improper_angle_d 0.92  ? ? ? 'X-RAY DIFFRACTION' ? 
# 
_refine_ls_shell.pdbx_total_number_of_bins_used   8 
_refine_ls_shell.d_res_high                       1.80 
_refine_ls_shell.d_res_low                        1.88 
_refine_ls_shell.number_reflns_R_work             1155 
_refine_ls_shell.R_factor_R_work                  0.241 
_refine_ls_shell.percent_reflns_obs               96.4 
_refine_ls_shell.R_factor_R_free                  0.289 
_refine_ls_shell.R_factor_R_free_error            ? 
_refine_ls_shell.percent_reflns_R_free            6.2 
_refine_ls_shell.number_reflns_R_free             76 
_refine_ls_shell.number_reflns_obs                ? 
_refine_ls_shell.redundancy_reflns_obs            ? 
_refine_ls_shell.number_reflns_all                ? 
_refine_ls_shell.pdbx_refine_id                   'X-RAY DIFFRACTION' 
_refine_ls_shell.R_factor_all                     ? 
# 
loop_
_pdbx_xplor_file.serial_no 
_pdbx_xplor_file.param_file 
_pdbx_xplor_file.topol_file 
_pdbx_xplor_file.pdbx_refine_id 
1 protein_rep.param protein.top 'X-RAY DIFFRACTION' 
2 water_rep.param   ?           'X-RAY DIFFRACTION' 
# 
_struct.entry_id                  2CW4 
_struct.title                     'Crystal structure of TTHA0137 from Thermus Thermophilus HB8' 
_struct.pdbx_model_details        ? 
_struct.pdbx_CASP_flag            ? 
_struct.pdbx_model_type_details   ? 
# 
_struct_keywords.entry_id        2CW4 
_struct_keywords.pdbx_keywords   'STRUCTURAL GENOMICS, UNKNOWN FUNCTION' 
_struct_keywords.text            
;STRUCTURAL GENOMICS, UNKNOWN FUNCTION, NPPSFA, National Project on Protein Structural and Functional Analyses, RIKEN Structural Genomics/Proteomics Initiative, RSGI
;
# 
loop_
_struct_asym.id 
_struct_asym.pdbx_blank_PDB_chainid_flag 
_struct_asym.pdbx_modified 
_struct_asym.entity_id 
_struct_asym.details 
A N N 1 ? 
B N N 2 ? 
# 
_struct_ref.id                         1 
_struct_ref.db_name                    UNP 
_struct_ref.db_code                    Q5SM06_THET8 
_struct_ref.pdbx_db_accession          Q5SM06 
_struct_ref.entity_id                  1 
_struct_ref.pdbx_seq_one_letter_code   
;MEAVKTDRAPAAIGPYAQAVKAGGFVFVSGQIPLAPDGSLVEGDIRVQTERVMENLKAVLEAAGSGLSRVVQTTCFLADM
EDFPGFNEVYARYFTPPYPARATVAVKALPRGVRVEVACVALAE
;
_struct_ref.pdbx_align_begin           1 
_struct_ref.pdbx_db_isoform            ? 
# 
_struct_ref_seq.align_id                      1 
_struct_ref_seq.ref_id                        1 
_struct_ref_seq.pdbx_PDB_id_code              2CW4 
_struct_ref_seq.pdbx_strand_id                A 
_struct_ref_seq.seq_align_beg                 1 
_struct_ref_seq.pdbx_seq_align_beg_ins_code   ? 
_struct_ref_seq.seq_align_end                 124 
_struct_ref_seq.pdbx_seq_align_end_ins_code   ? 
_struct_ref_seq.pdbx_db_accession             Q5SM06 
_struct_ref_seq.db_align_beg                  1 
_struct_ref_seq.pdbx_db_align_beg_ins_code    ? 
_struct_ref_seq.db_align_end                  124 
_struct_ref_seq.pdbx_db_align_end_ins_code    ? 
_struct_ref_seq.pdbx_auth_seq_align_beg       1 
_struct_ref_seq.pdbx_auth_seq_align_end       124 
# 
loop_
_struct_ref_seq_dif.align_id 
_struct_ref_seq_dif.pdbx_pdb_id_code 
_struct_ref_seq_dif.mon_id 
_struct_ref_seq_dif.pdbx_pdb_strand_id 
_struct_ref_seq_dif.seq_num 
_struct_ref_seq_dif.pdbx_pdb_ins_code 
_struct_ref_seq_dif.pdbx_seq_db_name 
_struct_ref_seq_dif.pdbx_seq_db_accession_code 
_struct_ref_seq_dif.db_mon_id 
_struct_ref_seq_dif.pdbx_seq_db_seq_num 
_struct_ref_seq_dif.details 
_struct_ref_seq_dif.pdbx_auth_seq_num 
_struct_ref_seq_dif.pdbx_ordinal 
1 2CW4 MSE A 1  ? UNP Q5SM06 MET 1  'modified residue' 1  1 
1 2CW4 MSE A 53 ? UNP Q5SM06 MET 53 'modified residue' 53 2 
1 2CW4 MSE A 80 ? UNP Q5SM06 MET 80 'modified residue' 80 3 
# 
loop_
_pdbx_struct_assembly.id 
_pdbx_struct_assembly.details 
_pdbx_struct_assembly.method_details 
_pdbx_struct_assembly.oligomeric_details 
_pdbx_struct_assembly.oligomeric_count 
1 author_defined_assembly   ?        monomeric 1 
2 software_defined_assembly PISA,PQS trimeric  3 
# 
loop_
_pdbx_struct_assembly_prop.biol_id 
_pdbx_struct_assembly_prop.type 
_pdbx_struct_assembly_prop.value 
_pdbx_struct_assembly_prop.details 
2 'ABSA (A^2)' 5850  ? 
2 MORE         -52   ? 
2 'SSA (A^2)'  14000 ? 
# 
loop_
_pdbx_struct_assembly_gen.assembly_id 
_pdbx_struct_assembly_gen.oper_expression 
_pdbx_struct_assembly_gen.asym_id_list 
1 1     A,B 
2 1,2,3 A,B 
# 
loop_
_pdbx_struct_oper_list.id 
_pdbx_struct_oper_list.type 
_pdbx_struct_oper_list.name 
_pdbx_struct_oper_list.symmetry_operation 
_pdbx_struct_oper_list.matrix[1][1] 
_pdbx_struct_oper_list.matrix[1][2] 
_pdbx_struct_oper_list.matrix[1][3] 
_pdbx_struct_oper_list.vector[1] 
_pdbx_struct_oper_list.matrix[2][1] 
_pdbx_struct_oper_list.matrix[2][2] 
_pdbx_struct_oper_list.matrix[2][3] 
_pdbx_struct_oper_list.vector[2] 
_pdbx_struct_oper_list.matrix[3][1] 
_pdbx_struct_oper_list.matrix[3][2] 
_pdbx_struct_oper_list.matrix[3][3] 
_pdbx_struct_oper_list.vector[3] 
1 'identity operation'         1_555 x,y,z        1.0000000000 0.0000000000  0.0000000000  0.0000000000  0.0000000000  1.0000000000  0.0000000000  0.0000000000  0.0000000000  0.0000000000  1.0000000000  0.0000000000   
2 'crystal symmetry operation' 2_665 -y+1,x-y+1,z 0.8010918668 0.2338861981  -0.5509528721 -7.1598403030 -0.3894268205 -0.4953514264 -0.7765138221 7.3003012256  -0.4545311566 0.8366147326  -0.3057404404 -19.6589033779 
3 'crystal symmetry operation' 3_565 -x+y,-x+1,z  0.8010918668 -0.3894268205 -0.4545311566 -0.3569611607 0.2338861981  -0.4953514264 0.8366147326  21.7377306452 -0.5509528721 -0.7765138221 -0.3057404404 -4.2864715485 
# 
_struct_biol.id   1 
# 
loop_
_struct_conf.conf_type_id 
_struct_conf.id 
_struct_conf.pdbx_PDB_helix_id 
_struct_conf.beg_label_comp_id 
_struct_conf.beg_label_asym_id 
_struct_conf.beg_label_seq_id 
_struct_conf.pdbx_beg_PDB_ins_code 
_struct_conf.end_label_comp_id 
_struct_conf.end_label_asym_id 
_struct_conf.end_label_seq_id 
_struct_conf.pdbx_end_PDB_ins_code 
_struct_conf.beg_auth_comp_id 
_struct_conf.beg_auth_asym_id 
_struct_conf.beg_auth_seq_id 
_struct_conf.end_auth_comp_id 
_struct_conf.end_auth_asym_id 
_struct_conf.end_auth_seq_id 
_struct_conf.pdbx_PDB_helix_class 
_struct_conf.details 
_struct_conf.pdbx_PDB_helix_length 
HELX_P HELX_P1 1 ASP A 44  ? ALA A 63  ? ASP A 44  ALA A 63  1 ? 20 
HELX_P HELX_P2 2 GLY A 66  ? SER A 68  ? GLY A 66  SER A 68  5 ? 3  
HELX_P HELX_P3 3 ASP A 79  ? GLU A 81  ? ASP A 79  GLU A 81  5 ? 3  
HELX_P HELX_P4 4 ASP A 82  ? PHE A 94  ? ASP A 82  PHE A 94  1 ? 13 
HELX_P HELX_P5 5 LEU A 109 ? VAL A 113 ? LEU A 109 VAL A 113 5 ? 5  
# 
_struct_conf_type.id          HELX_P 
_struct_conf_type.criteria    ? 
_struct_conf_type.reference   ? 
# 
loop_
_struct_conn.id 
_struct_conn.conn_type_id 
_struct_conn.pdbx_leaving_atom_flag 
_struct_conn.pdbx_PDB_id 
_struct_conn.ptnr1_label_asym_id 
_struct_conn.ptnr1_label_comp_id 
_struct_conn.ptnr1_label_seq_id 
_struct_conn.ptnr1_label_atom_id 
_struct_conn.pdbx_ptnr1_label_alt_id 
_struct_conn.pdbx_ptnr1_PDB_ins_code 
_struct_conn.pdbx_ptnr1_standard_comp_id 
_struct_conn.ptnr1_symmetry 
_struct_conn.ptnr2_label_asym_id 
_struct_conn.ptnr2_label_comp_id 
_struct_conn.ptnr2_label_seq_id 
_struct_conn.ptnr2_label_atom_id 
_struct_conn.pdbx_ptnr2_label_alt_id 
_struct_conn.pdbx_ptnr2_PDB_ins_code 
_struct_conn.ptnr1_auth_asym_id 
_struct_conn.ptnr1_auth_comp_id 
_struct_conn.ptnr1_auth_seq_id 
_struct_conn.ptnr2_auth_asym_id 
_struct_conn.ptnr2_auth_comp_id 
_struct_conn.ptnr2_auth_seq_id 
_struct_conn.ptnr2_symmetry 
_struct_conn.pdbx_ptnr3_label_atom_id 
_struct_conn.pdbx_ptnr3_label_seq_id 
_struct_conn.pdbx_ptnr3_label_comp_id 
_struct_conn.pdbx_ptnr3_label_asym_id 
_struct_conn.pdbx_ptnr3_label_alt_id 
_struct_conn.pdbx_ptnr3_PDB_ins_code 
_struct_conn.details 
_struct_conn.pdbx_dist_value 
_struct_conn.pdbx_value_order 
_struct_conn.pdbx_role 
covale1 covale both ? A MSE 1  C ? ? ? 1_555 A GLU 2  N ? ? A MSE 1  A GLU 2  1_555 ? ? ? ? ? ? ? 1.327 ? ? 
covale2 covale both ? A VAL 52 C ? ? ? 1_555 A MSE 53 N ? ? A VAL 52 A MSE 53 1_555 ? ? ? ? ? ? ? 1.327 ? ? 
covale3 covale both ? A MSE 53 C ? ? ? 1_555 A GLU 54 N ? ? A MSE 53 A GLU 54 1_555 ? ? ? ? ? ? ? 1.334 ? ? 
covale4 covale both ? A ASP 79 C ? ? ? 1_555 A MSE 80 N ? ? A ASP 79 A MSE 80 1_555 ? ? ? ? ? ? ? 1.330 ? ? 
covale5 covale both ? A MSE 80 C ? ? ? 1_555 A GLU 81 N ? ? A MSE 80 A GLU 81 1_555 ? ? ? ? ? ? ? 1.325 ? ? 
# 
_struct_conn_type.id          covale 
_struct_conn_type.criteria    ? 
_struct_conn_type.reference   ? 
# 
loop_
_pdbx_modification_feature.ordinal 
_pdbx_modification_feature.label_comp_id 
_pdbx_modification_feature.label_asym_id 
_pdbx_modification_feature.label_seq_id 
_pdbx_modification_feature.label_alt_id 
_pdbx_modification_feature.modified_residue_label_comp_id 
_pdbx_modification_feature.modified_residue_label_asym_id 
_pdbx_modification_feature.modified_residue_label_seq_id 
_pdbx_modification_feature.modified_residue_label_alt_id 
_pdbx_modification_feature.auth_comp_id 
_pdbx_modification_feature.auth_asym_id 
_pdbx_modification_feature.auth_seq_id 
_pdbx_modification_feature.PDB_ins_code 
_pdbx_modification_feature.symmetry 
_pdbx_modification_feature.modified_residue_auth_comp_id 
_pdbx_modification_feature.modified_residue_auth_asym_id 
_pdbx_modification_feature.modified_residue_auth_seq_id 
_pdbx_modification_feature.modified_residue_PDB_ins_code 
_pdbx_modification_feature.modified_residue_symmetry 
_pdbx_modification_feature.comp_id_linking_atom 
_pdbx_modification_feature.modified_residue_id_linking_atom 
_pdbx_modification_feature.modified_residue_id 
_pdbx_modification_feature.ref_pcm_id 
_pdbx_modification_feature.ref_comp_id 
_pdbx_modification_feature.type 
_pdbx_modification_feature.category 
1 MSE A 1  ? . . . . MSE A 1  ? 1_555 . . . . . . . MET 1 MSE Selenomethionine 'Named protein modification' 
2 MSE A 53 ? . . . . MSE A 53 ? 1_555 . . . . . . . MET 1 MSE Selenomethionine 'Named protein modification' 
3 MSE A 80 ? . . . . MSE A 80 ? 1_555 . . . . . . . MET 1 MSE Selenomethionine 'Named protein modification' 
# 
_struct_mon_prot_cis.pdbx_id                1 
_struct_mon_prot_cis.label_comp_id          PRO 
_struct_mon_prot_cis.label_seq_id           96 
_struct_mon_prot_cis.label_asym_id          A 
_struct_mon_prot_cis.label_alt_id           . 
_struct_mon_prot_cis.pdbx_PDB_ins_code      ? 
_struct_mon_prot_cis.auth_comp_id           PRO 
_struct_mon_prot_cis.auth_seq_id            96 
_struct_mon_prot_cis.auth_asym_id           A 
_struct_mon_prot_cis.pdbx_label_comp_id_2   PRO 
_struct_mon_prot_cis.pdbx_label_seq_id_2    97 
_struct_mon_prot_cis.pdbx_label_asym_id_2   A 
_struct_mon_prot_cis.pdbx_PDB_ins_code_2    ? 
_struct_mon_prot_cis.pdbx_auth_comp_id_2    PRO 
_struct_mon_prot_cis.pdbx_auth_seq_id_2     97 
_struct_mon_prot_cis.pdbx_auth_asym_id_2    A 
_struct_mon_prot_cis.pdbx_PDB_model_num     1 
_struct_mon_prot_cis.pdbx_omega_angle       -0.04 
# 
_struct_sheet.id               A 
_struct_sheet.type             ? 
_struct_sheet.number_strands   6 
_struct_sheet.details          ? 
# 
loop_
_struct_sheet_order.sheet_id 
_struct_sheet_order.range_id_1 
_struct_sheet_order.range_id_2 
_struct_sheet_order.offset 
_struct_sheet_order.sense 
A 1 2 ? anti-parallel 
A 2 3 ? anti-parallel 
A 3 4 ? anti-parallel 
A 4 5 ? anti-parallel 
A 5 6 ? parallel      
# 
loop_
_struct_sheet_range.sheet_id 
_struct_sheet_range.id 
_struct_sheet_range.beg_label_comp_id 
_struct_sheet_range.beg_label_asym_id 
_struct_sheet_range.beg_label_seq_id 
_struct_sheet_range.pdbx_beg_PDB_ins_code 
_struct_sheet_range.end_label_comp_id 
_struct_sheet_range.end_label_asym_id 
_struct_sheet_range.end_label_seq_id 
_struct_sheet_range.pdbx_end_PDB_ins_code 
_struct_sheet_range.beg_auth_comp_id 
_struct_sheet_range.beg_auth_asym_id 
_struct_sheet_range.beg_auth_seq_id 
_struct_sheet_range.end_auth_comp_id 
_struct_sheet_range.end_auth_asym_id 
_struct_sheet_range.end_auth_seq_id 
A 1 GLU A 2   ? VAL A 4   ? GLU A 2   VAL A 4   
A 2 ALA A 19  ? ALA A 22  ? ALA A 19  ALA A 22  
A 3 PHE A 25  ? GLN A 31  ? PHE A 25  GLN A 31  
A 4 VAL A 115 ? LEU A 122 ? VAL A 115 LEU A 122 
A 5 VAL A 70  ? LEU A 77  ? VAL A 70  LEU A 77  
A 6 ALA A 100 ? ALA A 105 ? ALA A 100 ALA A 105 
# 
loop_
_pdbx_struct_sheet_hbond.sheet_id 
_pdbx_struct_sheet_hbond.range_id_1 
_pdbx_struct_sheet_hbond.range_id_2 
_pdbx_struct_sheet_hbond.range_1_label_atom_id 
_pdbx_struct_sheet_hbond.range_1_label_comp_id 
_pdbx_struct_sheet_hbond.range_1_label_asym_id 
_pdbx_struct_sheet_hbond.range_1_label_seq_id 
_pdbx_struct_sheet_hbond.range_1_PDB_ins_code 
_pdbx_struct_sheet_hbond.range_1_auth_atom_id 
_pdbx_struct_sheet_hbond.range_1_auth_comp_id 
_pdbx_struct_sheet_hbond.range_1_auth_asym_id 
_pdbx_struct_sheet_hbond.range_1_auth_seq_id 
_pdbx_struct_sheet_hbond.range_2_label_atom_id 
_pdbx_struct_sheet_hbond.range_2_label_comp_id 
_pdbx_struct_sheet_hbond.range_2_label_asym_id 
_pdbx_struct_sheet_hbond.range_2_label_seq_id 
_pdbx_struct_sheet_hbond.range_2_PDB_ins_code 
_pdbx_struct_sheet_hbond.range_2_auth_atom_id 
_pdbx_struct_sheet_hbond.range_2_auth_comp_id 
_pdbx_struct_sheet_hbond.range_2_auth_asym_id 
_pdbx_struct_sheet_hbond.range_2_auth_seq_id 
A 1 2 N VAL A 4   ? N VAL A 4   O ALA A 19  ? O ALA A 19  
A 2 3 N VAL A 20  ? N VAL A 20  O PHE A 27  ? O PHE A 27  
A 3 4 N GLN A 31  ? N GLN A 31  O VAL A 117 ? O VAL A 117 
A 4 5 O GLU A 116 ? O GLU A 116 N PHE A 76  ? N PHE A 76  
A 5 6 N CYS A 75  ? N CYS A 75  O ALA A 102 ? O ALA A 102 
# 
_pdbx_entry_details.entry_id                   2CW4 
_pdbx_entry_details.compound_details           ? 
_pdbx_entry_details.source_details             ? 
_pdbx_entry_details.nonpolymer_details         ? 
_pdbx_entry_details.sequence_details           ? 
_pdbx_entry_details.has_ligand_of_interest     ? 
_pdbx_entry_details.has_protein_modification   Y 
# 
loop_
_pdbx_validate_torsion.id 
_pdbx_validate_torsion.PDB_model_num 
_pdbx_validate_torsion.auth_comp_id 
_pdbx_validate_torsion.auth_asym_id 
_pdbx_validate_torsion.auth_seq_id 
_pdbx_validate_torsion.PDB_ins_code 
_pdbx_validate_torsion.label_alt_id 
_pdbx_validate_torsion.phi 
_pdbx_validate_torsion.psi 
1 1 PRO A 33 ? ? -63.10  50.39   
2 1 SER A 65 ? ? -116.21 -157.69 
# 
_pdbx_SG_project.id                    1 
_pdbx_SG_project.project_name          'NPPSFA, National Project on Protein Structural and Functional Analyses' 
_pdbx_SG_project.full_name_of_center   'RIKEN Structural Genomics/Proteomics Initiative' 
_pdbx_SG_project.initial_of_center     RSGI 
# 
loop_
_pdbx_struct_mod_residue.id 
_pdbx_struct_mod_residue.label_asym_id 
_pdbx_struct_mod_residue.label_comp_id 
_pdbx_struct_mod_residue.label_seq_id 
_pdbx_struct_mod_residue.auth_asym_id 
_pdbx_struct_mod_residue.auth_comp_id 
_pdbx_struct_mod_residue.auth_seq_id 
_pdbx_struct_mod_residue.PDB_ins_code 
_pdbx_struct_mod_residue.parent_comp_id 
_pdbx_struct_mod_residue.details 
1 A MSE 1  A MSE 1  ? MET SELENOMETHIONINE 
2 A MSE 53 A MSE 53 ? MET SELENOMETHIONINE 
3 A MSE 80 A MSE 80 ? MET SELENOMETHIONINE 
# 
loop_
_chem_comp_atom.comp_id 
_chem_comp_atom.atom_id 
_chem_comp_atom.type_symbol 
_chem_comp_atom.pdbx_aromatic_flag 
_chem_comp_atom.pdbx_stereo_config 
_chem_comp_atom.pdbx_ordinal 
ALA N    N  N N 1   
ALA CA   C  N S 2   
ALA C    C  N N 3   
ALA O    O  N N 4   
ALA CB   C  N N 5   
ALA OXT  O  N N 6   
ALA H    H  N N 7   
ALA H2   H  N N 8   
ALA HA   H  N N 9   
ALA HB1  H  N N 10  
ALA HB2  H  N N 11  
ALA HB3  H  N N 12  
ALA HXT  H  N N 13  
ARG N    N  N N 14  
ARG CA   C  N S 15  
ARG C    C  N N 16  
ARG O    O  N N 17  
ARG CB   C  N N 18  
ARG CG   C  N N 19  
ARG CD   C  N N 20  
ARG NE   N  N N 21  
ARG CZ   C  N N 22  
ARG NH1  N  N N 23  
ARG NH2  N  N N 24  
ARG OXT  O  N N 25  
ARG H    H  N N 26  
ARG H2   H  N N 27  
ARG HA   H  N N 28  
ARG HB2  H  N N 29  
ARG HB3  H  N N 30  
ARG HG2  H  N N 31  
ARG HG3  H  N N 32  
ARG HD2  H  N N 33  
ARG HD3  H  N N 34  
ARG HE   H  N N 35  
ARG HH11 H  N N 36  
ARG HH12 H  N N 37  
ARG HH21 H  N N 38  
ARG HH22 H  N N 39  
ARG HXT  H  N N 40  
ASN N    N  N N 41  
ASN CA   C  N S 42  
ASN C    C  N N 43  
ASN O    O  N N 44  
ASN CB   C  N N 45  
ASN CG   C  N N 46  
ASN OD1  O  N N 47  
ASN ND2  N  N N 48  
ASN OXT  O  N N 49  
ASN H    H  N N 50  
ASN H2   H  N N 51  
ASN HA   H  N N 52  
ASN HB2  H  N N 53  
ASN HB3  H  N N 54  
ASN HD21 H  N N 55  
ASN HD22 H  N N 56  
ASN HXT  H  N N 57  
ASP N    N  N N 58  
ASP CA   C  N S 59  
ASP C    C  N N 60  
ASP O    O  N N 61  
ASP CB   C  N N 62  
ASP CG   C  N N 63  
ASP OD1  O  N N 64  
ASP OD2  O  N N 65  
ASP OXT  O  N N 66  
ASP H    H  N N 67  
ASP H2   H  N N 68  
ASP HA   H  N N 69  
ASP HB2  H  N N 70  
ASP HB3  H  N N 71  
ASP HD2  H  N N 72  
ASP HXT  H  N N 73  
CYS N    N  N N 74  
CYS CA   C  N R 75  
CYS C    C  N N 76  
CYS O    O  N N 77  
CYS CB   C  N N 78  
CYS SG   S  N N 79  
CYS OXT  O  N N 80  
CYS H    H  N N 81  
CYS H2   H  N N 82  
CYS HA   H  N N 83  
CYS HB2  H  N N 84  
CYS HB3  H  N N 85  
CYS HG   H  N N 86  
CYS HXT  H  N N 87  
GLN N    N  N N 88  
GLN CA   C  N S 89  
GLN C    C  N N 90  
GLN O    O  N N 91  
GLN CB   C  N N 92  
GLN CG   C  N N 93  
GLN CD   C  N N 94  
GLN OE1  O  N N 95  
GLN NE2  N  N N 96  
GLN OXT  O  N N 97  
GLN H    H  N N 98  
GLN H2   H  N N 99  
GLN HA   H  N N 100 
GLN HB2  H  N N 101 
GLN HB3  H  N N 102 
GLN HG2  H  N N 103 
GLN HG3  H  N N 104 
GLN HE21 H  N N 105 
GLN HE22 H  N N 106 
GLN HXT  H  N N 107 
GLU N    N  N N 108 
GLU CA   C  N S 109 
GLU C    C  N N 110 
GLU O    O  N N 111 
GLU CB   C  N N 112 
GLU CG   C  N N 113 
GLU CD   C  N N 114 
GLU OE1  O  N N 115 
GLU OE2  O  N N 116 
GLU OXT  O  N N 117 
GLU H    H  N N 118 
GLU H2   H  N N 119 
GLU HA   H  N N 120 
GLU HB2  H  N N 121 
GLU HB3  H  N N 122 
GLU HG2  H  N N 123 
GLU HG3  H  N N 124 
GLU HE2  H  N N 125 
GLU HXT  H  N N 126 
GLY N    N  N N 127 
GLY CA   C  N N 128 
GLY C    C  N N 129 
GLY O    O  N N 130 
GLY OXT  O  N N 131 
GLY H    H  N N 132 
GLY H2   H  N N 133 
GLY HA2  H  N N 134 
GLY HA3  H  N N 135 
GLY HXT  H  N N 136 
HOH O    O  N N 137 
HOH H1   H  N N 138 
HOH H2   H  N N 139 
ILE N    N  N N 140 
ILE CA   C  N S 141 
ILE C    C  N N 142 
ILE O    O  N N 143 
ILE CB   C  N S 144 
ILE CG1  C  N N 145 
ILE CG2  C  N N 146 
ILE CD1  C  N N 147 
ILE OXT  O  N N 148 
ILE H    H  N N 149 
ILE H2   H  N N 150 
ILE HA   H  N N 151 
ILE HB   H  N N 152 
ILE HG12 H  N N 153 
ILE HG13 H  N N 154 
ILE HG21 H  N N 155 
ILE HG22 H  N N 156 
ILE HG23 H  N N 157 
ILE HD11 H  N N 158 
ILE HD12 H  N N 159 
ILE HD13 H  N N 160 
ILE HXT  H  N N 161 
LEU N    N  N N 162 
LEU CA   C  N S 163 
LEU C    C  N N 164 
LEU O    O  N N 165 
LEU CB   C  N N 166 
LEU CG   C  N N 167 
LEU CD1  C  N N 168 
LEU CD2  C  N N 169 
LEU OXT  O  N N 170 
LEU H    H  N N 171 
LEU H2   H  N N 172 
LEU HA   H  N N 173 
LEU HB2  H  N N 174 
LEU HB3  H  N N 175 
LEU HG   H  N N 176 
LEU HD11 H  N N 177 
LEU HD12 H  N N 178 
LEU HD13 H  N N 179 
LEU HD21 H  N N 180 
LEU HD22 H  N N 181 
LEU HD23 H  N N 182 
LEU HXT  H  N N 183 
LYS N    N  N N 184 
LYS CA   C  N S 185 
LYS C    C  N N 186 
LYS O    O  N N 187 
LYS CB   C  N N 188 
LYS CG   C  N N 189 
LYS CD   C  N N 190 
LYS CE   C  N N 191 
LYS NZ   N  N N 192 
LYS OXT  O  N N 193 
LYS H    H  N N 194 
LYS H2   H  N N 195 
LYS HA   H  N N 196 
LYS HB2  H  N N 197 
LYS HB3  H  N N 198 
LYS HG2  H  N N 199 
LYS HG3  H  N N 200 
LYS HD2  H  N N 201 
LYS HD3  H  N N 202 
LYS HE2  H  N N 203 
LYS HE3  H  N N 204 
LYS HZ1  H  N N 205 
LYS HZ2  H  N N 206 
LYS HZ3  H  N N 207 
LYS HXT  H  N N 208 
MET N    N  N N 209 
MET CA   C  N S 210 
MET C    C  N N 211 
MET O    O  N N 212 
MET CB   C  N N 213 
MET CG   C  N N 214 
MET SD   S  N N 215 
MET CE   C  N N 216 
MET OXT  O  N N 217 
MET H    H  N N 218 
MET H2   H  N N 219 
MET HA   H  N N 220 
MET HB2  H  N N 221 
MET HB3  H  N N 222 
MET HG2  H  N N 223 
MET HG3  H  N N 224 
MET HE1  H  N N 225 
MET HE2  H  N N 226 
MET HE3  H  N N 227 
MET HXT  H  N N 228 
MSE N    N  N N 229 
MSE CA   C  N S 230 
MSE C    C  N N 231 
MSE O    O  N N 232 
MSE OXT  O  N N 233 
MSE CB   C  N N 234 
MSE CG   C  N N 235 
MSE SE   SE N N 236 
MSE CE   C  N N 237 
MSE H    H  N N 238 
MSE H2   H  N N 239 
MSE HA   H  N N 240 
MSE HXT  H  N N 241 
MSE HB2  H  N N 242 
MSE HB3  H  N N 243 
MSE HG2  H  N N 244 
MSE HG3  H  N N 245 
MSE HE1  H  N N 246 
MSE HE2  H  N N 247 
MSE HE3  H  N N 248 
PHE N    N  N N 249 
PHE CA   C  N S 250 
PHE C    C  N N 251 
PHE O    O  N N 252 
PHE CB   C  N N 253 
PHE CG   C  Y N 254 
PHE CD1  C  Y N 255 
PHE CD2  C  Y N 256 
PHE CE1  C  Y N 257 
PHE CE2  C  Y N 258 
PHE CZ   C  Y N 259 
PHE OXT  O  N N 260 
PHE H    H  N N 261 
PHE H2   H  N N 262 
PHE HA   H  N N 263 
PHE HB2  H  N N 264 
PHE HB3  H  N N 265 
PHE HD1  H  N N 266 
PHE HD2  H  N N 267 
PHE HE1  H  N N 268 
PHE HE2  H  N N 269 
PHE HZ   H  N N 270 
PHE HXT  H  N N 271 
PRO N    N  N N 272 
PRO CA   C  N S 273 
PRO C    C  N N 274 
PRO O    O  N N 275 
PRO CB   C  N N 276 
PRO CG   C  N N 277 
PRO CD   C  N N 278 
PRO OXT  O  N N 279 
PRO H    H  N N 280 
PRO HA   H  N N 281 
PRO HB2  H  N N 282 
PRO HB3  H  N N 283 
PRO HG2  H  N N 284 
PRO HG3  H  N N 285 
PRO HD2  H  N N 286 
PRO HD3  H  N N 287 
PRO HXT  H  N N 288 
SER N    N  N N 289 
SER CA   C  N S 290 
SER C    C  N N 291 
SER O    O  N N 292 
SER CB   C  N N 293 
SER OG   O  N N 294 
SER OXT  O  N N 295 
SER H    H  N N 296 
SER H2   H  N N 297 
SER HA   H  N N 298 
SER HB2  H  N N 299 
SER HB3  H  N N 300 
SER HG   H  N N 301 
SER HXT  H  N N 302 
THR N    N  N N 303 
THR CA   C  N S 304 
THR C    C  N N 305 
THR O    O  N N 306 
THR CB   C  N R 307 
THR OG1  O  N N 308 
THR CG2  C  N N 309 
THR OXT  O  N N 310 
THR H    H  N N 311 
THR H2   H  N N 312 
THR HA   H  N N 313 
THR HB   H  N N 314 
THR HG1  H  N N 315 
THR HG21 H  N N 316 
THR HG22 H  N N 317 
THR HG23 H  N N 318 
THR HXT  H  N N 319 
TYR N    N  N N 320 
TYR CA   C  N S 321 
TYR C    C  N N 322 
TYR O    O  N N 323 
TYR CB   C  N N 324 
TYR CG   C  Y N 325 
TYR CD1  C  Y N 326 
TYR CD2  C  Y N 327 
TYR CE1  C  Y N 328 
TYR CE2  C  Y N 329 
TYR CZ   C  Y N 330 
TYR OH   O  N N 331 
TYR OXT  O  N N 332 
TYR H    H  N N 333 
TYR H2   H  N N 334 
TYR HA   H  N N 335 
TYR HB2  H  N N 336 
TYR HB3  H  N N 337 
TYR HD1  H  N N 338 
TYR HD2  H  N N 339 
TYR HE1  H  N N 340 
TYR HE2  H  N N 341 
TYR HH   H  N N 342 
TYR HXT  H  N N 343 
VAL N    N  N N 344 
VAL CA   C  N S 345 
VAL C    C  N N 346 
VAL O    O  N N 347 
VAL CB   C  N N 348 
VAL CG1  C  N N 349 
VAL CG2  C  N N 350 
VAL OXT  O  N N 351 
VAL H    H  N N 352 
VAL H2   H  N N 353 
VAL HA   H  N N 354 
VAL HB   H  N N 355 
VAL HG11 H  N N 356 
VAL HG12 H  N N 357 
VAL HG13 H  N N 358 
VAL HG21 H  N N 359 
VAL HG22 H  N N 360 
VAL HG23 H  N N 361 
VAL HXT  H  N N 362 
# 
loop_
_chem_comp_bond.comp_id 
_chem_comp_bond.atom_id_1 
_chem_comp_bond.atom_id_2 
_chem_comp_bond.value_order 
_chem_comp_bond.pdbx_aromatic_flag 
_chem_comp_bond.pdbx_stereo_config 
_chem_comp_bond.pdbx_ordinal 
ALA N   CA   sing N N 1   
ALA N   H    sing N N 2   
ALA N   H2   sing N N 3   
ALA CA  C    sing N N 4   
ALA CA  CB   sing N N 5   
ALA CA  HA   sing N N 6   
ALA C   O    doub N N 7   
ALA C   OXT  sing N N 8   
ALA CB  HB1  sing N N 9   
ALA CB  HB2  sing N N 10  
ALA CB  HB3  sing N N 11  
ALA OXT HXT  sing N N 12  
ARG N   CA   sing N N 13  
ARG N   H    sing N N 14  
ARG N   H2   sing N N 15  
ARG CA  C    sing N N 16  
ARG CA  CB   sing N N 17  
ARG CA  HA   sing N N 18  
ARG C   O    doub N N 19  
ARG C   OXT  sing N N 20  
ARG CB  CG   sing N N 21  
ARG CB  HB2  sing N N 22  
ARG CB  HB3  sing N N 23  
ARG CG  CD   sing N N 24  
ARG CG  HG2  sing N N 25  
ARG CG  HG3  sing N N 26  
ARG CD  NE   sing N N 27  
ARG CD  HD2  sing N N 28  
ARG CD  HD3  sing N N 29  
ARG NE  CZ   sing N N 30  
ARG NE  HE   sing N N 31  
ARG CZ  NH1  sing N N 32  
ARG CZ  NH2  doub N N 33  
ARG NH1 HH11 sing N N 34  
ARG NH1 HH12 sing N N 35  
ARG NH2 HH21 sing N N 36  
ARG NH2 HH22 sing N N 37  
ARG OXT HXT  sing N N 38  
ASN N   CA   sing N N 39  
ASN N   H    sing N N 40  
ASN N   H2   sing N N 41  
ASN CA  C    sing N N 42  
ASN CA  CB   sing N N 43  
ASN CA  HA   sing N N 44  
ASN C   O    doub N N 45  
ASN C   OXT  sing N N 46  
ASN CB  CG   sing N N 47  
ASN CB  HB2  sing N N 48  
ASN CB  HB3  sing N N 49  
ASN CG  OD1  doub N N 50  
ASN CG  ND2  sing N N 51  
ASN ND2 HD21 sing N N 52  
ASN ND2 HD22 sing N N 53  
ASN OXT HXT  sing N N 54  
ASP N   CA   sing N N 55  
ASP N   H    sing N N 56  
ASP N   H2   sing N N 57  
ASP CA  C    sing N N 58  
ASP CA  CB   sing N N 59  
ASP CA  HA   sing N N 60  
ASP C   O    doub N N 61  
ASP C   OXT  sing N N 62  
ASP CB  CG   sing N N 63  
ASP CB  HB2  sing N N 64  
ASP CB  HB3  sing N N 65  
ASP CG  OD1  doub N N 66  
ASP CG  OD2  sing N N 67  
ASP OD2 HD2  sing N N 68  
ASP OXT HXT  sing N N 69  
CYS N   CA   sing N N 70  
CYS N   H    sing N N 71  
CYS N   H2   sing N N 72  
CYS CA  C    sing N N 73  
CYS CA  CB   sing N N 74  
CYS CA  HA   sing N N 75  
CYS C   O    doub N N 76  
CYS C   OXT  sing N N 77  
CYS CB  SG   sing N N 78  
CYS CB  HB2  sing N N 79  
CYS CB  HB3  sing N N 80  
CYS SG  HG   sing N N 81  
CYS OXT HXT  sing N N 82  
GLN N   CA   sing N N 83  
GLN N   H    sing N N 84  
GLN N   H2   sing N N 85  
GLN CA  C    sing N N 86  
GLN CA  CB   sing N N 87  
GLN CA  HA   sing N N 88  
GLN C   O    doub N N 89  
GLN C   OXT  sing N N 90  
GLN CB  CG   sing N N 91  
GLN CB  HB2  sing N N 92  
GLN CB  HB3  sing N N 93  
GLN CG  CD   sing N N 94  
GLN CG  HG2  sing N N 95  
GLN CG  HG3  sing N N 96  
GLN CD  OE1  doub N N 97  
GLN CD  NE2  sing N N 98  
GLN NE2 HE21 sing N N 99  
GLN NE2 HE22 sing N N 100 
GLN OXT HXT  sing N N 101 
GLU N   CA   sing N N 102 
GLU N   H    sing N N 103 
GLU N   H2   sing N N 104 
GLU CA  C    sing N N 105 
GLU CA  CB   sing N N 106 
GLU CA  HA   sing N N 107 
GLU C   O    doub N N 108 
GLU C   OXT  sing N N 109 
GLU CB  CG   sing N N 110 
GLU CB  HB2  sing N N 111 
GLU CB  HB3  sing N N 112 
GLU CG  CD   sing N N 113 
GLU CG  HG2  sing N N 114 
GLU CG  HG3  sing N N 115 
GLU CD  OE1  doub N N 116 
GLU CD  OE2  sing N N 117 
GLU OE2 HE2  sing N N 118 
GLU OXT HXT  sing N N 119 
GLY N   CA   sing N N 120 
GLY N   H    sing N N 121 
GLY N   H2   sing N N 122 
GLY CA  C    sing N N 123 
GLY CA  HA2  sing N N 124 
GLY CA  HA3  sing N N 125 
GLY C   O    doub N N 126 
GLY C   OXT  sing N N 127 
GLY OXT HXT  sing N N 128 
HOH O   H1   sing N N 129 
HOH O   H2   sing N N 130 
ILE N   CA   sing N N 131 
ILE N   H    sing N N 132 
ILE N   H2   sing N N 133 
ILE CA  C    sing N N 134 
ILE CA  CB   sing N N 135 
ILE CA  HA   sing N N 136 
ILE C   O    doub N N 137 
ILE C   OXT  sing N N 138 
ILE CB  CG1  sing N N 139 
ILE CB  CG2  sing N N 140 
ILE CB  HB   sing N N 141 
ILE CG1 CD1  sing N N 142 
ILE CG1 HG12 sing N N 143 
ILE CG1 HG13 sing N N 144 
ILE CG2 HG21 sing N N 145 
ILE CG2 HG22 sing N N 146 
ILE CG2 HG23 sing N N 147 
ILE CD1 HD11 sing N N 148 
ILE CD1 HD12 sing N N 149 
ILE CD1 HD13 sing N N 150 
ILE OXT HXT  sing N N 151 
LEU N   CA   sing N N 152 
LEU N   H    sing N N 153 
LEU N   H2   sing N N 154 
LEU CA  C    sing N N 155 
LEU CA  CB   sing N N 156 
LEU CA  HA   sing N N 157 
LEU C   O    doub N N 158 
LEU C   OXT  sing N N 159 
LEU CB  CG   sing N N 160 
LEU CB  HB2  sing N N 161 
LEU CB  HB3  sing N N 162 
LEU CG  CD1  sing N N 163 
LEU CG  CD2  sing N N 164 
LEU CG  HG   sing N N 165 
LEU CD1 HD11 sing N N 166 
LEU CD1 HD12 sing N N 167 
LEU CD1 HD13 sing N N 168 
LEU CD2 HD21 sing N N 169 
LEU CD2 HD22 sing N N 170 
LEU CD2 HD23 sing N N 171 
LEU OXT HXT  sing N N 172 
LYS N   CA   sing N N 173 
LYS N   H    sing N N 174 
LYS N   H2   sing N N 175 
LYS CA  C    sing N N 176 
LYS CA  CB   sing N N 177 
LYS CA  HA   sing N N 178 
LYS C   O    doub N N 179 
LYS C   OXT  sing N N 180 
LYS CB  CG   sing N N 181 
LYS CB  HB2  sing N N 182 
LYS CB  HB3  sing N N 183 
LYS CG  CD   sing N N 184 
LYS CG  HG2  sing N N 185 
LYS CG  HG3  sing N N 186 
LYS CD  CE   sing N N 187 
LYS CD  HD2  sing N N 188 
LYS CD  HD3  sing N N 189 
LYS CE  NZ   sing N N 190 
LYS CE  HE2  sing N N 191 
LYS CE  HE3  sing N N 192 
LYS NZ  HZ1  sing N N 193 
LYS NZ  HZ2  sing N N 194 
LYS NZ  HZ3  sing N N 195 
LYS OXT HXT  sing N N 196 
MET N   CA   sing N N 197 
MET N   H    sing N N 198 
MET N   H2   sing N N 199 
MET CA  C    sing N N 200 
MET CA  CB   sing N N 201 
MET CA  HA   sing N N 202 
MET C   O    doub N N 203 
MET C   OXT  sing N N 204 
MET CB  CG   sing N N 205 
MET CB  HB2  sing N N 206 
MET CB  HB3  sing N N 207 
MET CG  SD   sing N N 208 
MET CG  HG2  sing N N 209 
MET CG  HG3  sing N N 210 
MET SD  CE   sing N N 211 
MET CE  HE1  sing N N 212 
MET CE  HE2  sing N N 213 
MET CE  HE3  sing N N 214 
MET OXT HXT  sing N N 215 
MSE N   CA   sing N N 216 
MSE N   H    sing N N 217 
MSE N   H2   sing N N 218 
MSE CA  C    sing N N 219 
MSE CA  CB   sing N N 220 
MSE CA  HA   sing N N 221 
MSE C   O    doub N N 222 
MSE C   OXT  sing N N 223 
MSE OXT HXT  sing N N 224 
MSE CB  CG   sing N N 225 
MSE CB  HB2  sing N N 226 
MSE CB  HB3  sing N N 227 
MSE CG  SE   sing N N 228 
MSE CG  HG2  sing N N 229 
MSE CG  HG3  sing N N 230 
MSE SE  CE   sing N N 231 
MSE CE  HE1  sing N N 232 
MSE CE  HE2  sing N N 233 
MSE CE  HE3  sing N N 234 
PHE N   CA   sing N N 235 
PHE N   H    sing N N 236 
PHE N   H2   sing N N 237 
PHE CA  C    sing N N 238 
PHE CA  CB   sing N N 239 
PHE CA  HA   sing N N 240 
PHE C   O    doub N N 241 
PHE C   OXT  sing N N 242 
PHE CB  CG   sing N N 243 
PHE CB  HB2  sing N N 244 
PHE CB  HB3  sing N N 245 
PHE CG  CD1  doub Y N 246 
PHE CG  CD2  sing Y N 247 
PHE CD1 CE1  sing Y N 248 
PHE CD1 HD1  sing N N 249 
PHE CD2 CE2  doub Y N 250 
PHE CD2 HD2  sing N N 251 
PHE CE1 CZ   doub Y N 252 
PHE CE1 HE1  sing N N 253 
PHE CE2 CZ   sing Y N 254 
PHE CE2 HE2  sing N N 255 
PHE CZ  HZ   sing N N 256 
PHE OXT HXT  sing N N 257 
PRO N   CA   sing N N 258 
PRO N   CD   sing N N 259 
PRO N   H    sing N N 260 
PRO CA  C    sing N N 261 
PRO CA  CB   sing N N 262 
PRO CA  HA   sing N N 263 
PRO C   O    doub N N 264 
PRO C   OXT  sing N N 265 
PRO CB  CG   sing N N 266 
PRO CB  HB2  sing N N 267 
PRO CB  HB3  sing N N 268 
PRO CG  CD   sing N N 269 
PRO CG  HG2  sing N N 270 
PRO CG  HG3  sing N N 271 
PRO CD  HD2  sing N N 272 
PRO CD  HD3  sing N N 273 
PRO OXT HXT  sing N N 274 
SER N   CA   sing N N 275 
SER N   H    sing N N 276 
SER N   H2   sing N N 277 
SER CA  C    sing N N 278 
SER CA  CB   sing N N 279 
SER CA  HA   sing N N 280 
SER C   O    doub N N 281 
SER C   OXT  sing N N 282 
SER CB  OG   sing N N 283 
SER CB  HB2  sing N N 284 
SER CB  HB3  sing N N 285 
SER OG  HG   sing N N 286 
SER OXT HXT  sing N N 287 
THR N   CA   sing N N 288 
THR N   H    sing N N 289 
THR N   H2   sing N N 290 
THR CA  C    sing N N 291 
THR CA  CB   sing N N 292 
THR CA  HA   sing N N 293 
THR C   O    doub N N 294 
THR C   OXT  sing N N 295 
THR CB  OG1  sing N N 296 
THR CB  CG2  sing N N 297 
THR CB  HB   sing N N 298 
THR OG1 HG1  sing N N 299 
THR CG2 HG21 sing N N 300 
THR CG2 HG22 sing N N 301 
THR CG2 HG23 sing N N 302 
THR OXT HXT  sing N N 303 
TYR N   CA   sing N N 304 
TYR N   H    sing N N 305 
TYR N   H2   sing N N 306 
TYR CA  C    sing N N 307 
TYR CA  CB   sing N N 308 
TYR CA  HA   sing N N 309 
TYR C   O    doub N N 310 
TYR C   OXT  sing N N 311 
TYR CB  CG   sing N N 312 
TYR CB  HB2  sing N N 313 
TYR CB  HB3  sing N N 314 
TYR CG  CD1  doub Y N 315 
TYR CG  CD2  sing Y N 316 
TYR CD1 CE1  sing Y N 317 
TYR CD1 HD1  sing N N 318 
TYR CD2 CE2  doub Y N 319 
TYR CD2 HD2  sing N N 320 
TYR CE1 CZ   doub Y N 321 
TYR CE1 HE1  sing N N 322 
TYR CE2 CZ   sing Y N 323 
TYR CE2 HE2  sing N N 324 
TYR CZ  OH   sing N N 325 
TYR OH  HH   sing N N 326 
TYR OXT HXT  sing N N 327 
VAL N   CA   sing N N 328 
VAL N   H    sing N N 329 
VAL N   H2   sing N N 330 
VAL CA  C    sing N N 331 
VAL CA  CB   sing N N 332 
VAL CA  HA   sing N N 333 
VAL C   O    doub N N 334 
VAL C   OXT  sing N N 335 
VAL CB  CG1  sing N N 336 
VAL CB  CG2  sing N N 337 
VAL CB  HB   sing N N 338 
VAL CG1 HG11 sing N N 339 
VAL CG1 HG12 sing N N 340 
VAL CG1 HG13 sing N N 341 
VAL CG2 HG21 sing N N 342 
VAL CG2 HG22 sing N N 343 
VAL CG2 HG23 sing N N 344 
VAL OXT HXT  sing N N 345 
# 
_atom_sites.entry_id                    2CW4 
_atom_sites.fract_transf_matrix[1][1]   0.00291464 
_atom_sites.fract_transf_matrix[1][2]   0.01859662 
_atom_sites.fract_transf_matrix[1][3]   0.00466630 
_atom_sites.fract_transf_matrix[2][1]   0.00702832 
_atom_sites.fract_transf_matrix[2][2]   0.00462676 
_atom_sites.fract_transf_matrix[2][3]   0.01747350 
_atom_sites.fract_transf_matrix[3][1]   0.01112206 
_atom_sites.fract_transf_matrix[3][2]   -0.00066480 
_atom_sites.fract_transf_matrix[3][3]   -0.00429757 
_atom_sites.fract_transf_vector[1]      0.197884 
_atom_sites.fract_transf_vector[2]      0.778973 
_atom_sites.fract_transf_vector[3]      -0.002155 
# 
loop_
_atom_type.symbol 
C  
N  
O  
S  
SE 
# 
loop_
_atom_site.group_PDB 
_atom_site.id 
_atom_site.type_symbol 
_atom_site.label_atom_id 
_atom_site.label_alt_id 
_atom_site.label_comp_id 
_atom_site.label_asym_id 
_atom_site.label_entity_id 
_atom_site.label_seq_id 
_atom_site.pdbx_PDB_ins_code 
_atom_site.Cartn_x 
_atom_site.Cartn_y 
_atom_site.Cartn_z 
_atom_site.occupancy 
_atom_site.B_iso_or_equiv 
_atom_site.pdbx_formal_charge 
_atom_site.auth_seq_id 
_atom_site.auth_comp_id 
_atom_site.auth_asym_id 
_atom_site.auth_atom_id 
_atom_site.pdbx_PDB_model_num 
HETATM 1   N  N   . MSE A 1 1   ? 10.867  -2.610  -16.682 1.00 46.38 ? 1   MSE A N   1 
HETATM 2   C  CA  . MSE A 1 1   ? 9.747   -3.209  -17.466 1.00 44.81 ? 1   MSE A CA  1 
HETATM 3   C  C   . MSE A 1 1   ? 9.285   -4.509  -16.804 1.00 42.08 ? 1   MSE A C   1 
HETATM 4   O  O   . MSE A 1 1   ? 8.431   -5.229  -17.326 1.00 40.75 ? 1   MSE A O   1 
HETATM 5   C  CB  . MSE A 1 1   ? 10.209  -3.483  -18.901 1.00 46.64 ? 1   MSE A CB  1 
HETATM 6   C  CG  . MSE A 1 1   ? 9.324   -2.845  -19.955 1.00 49.81 ? 1   MSE A CG  1 
HETATM 7   SE SE  . MSE A 1 1   ? 7.465   -3.301  -19.687 1.00 54.18 ? 1   MSE A SE  1 
HETATM 8   C  CE  . MSE A 1 1   ? 6.828   -1.676  -18.841 1.00 51.96 ? 1   MSE A CE  1 
ATOM   9   N  N   . GLU A 1 2   ? 9.854   -4.784  -15.637 1.00 39.55 ? 2   GLU A N   1 
ATOM   10  C  CA  . GLU A 1 2   ? 9.558   -5.988  -14.871 1.00 36.43 ? 2   GLU A CA  1 
ATOM   11  C  C   . GLU A 1 2   ? 8.365   -5.857  -13.914 1.00 33.15 ? 2   GLU A C   1 
ATOM   12  O  O   . GLU A 1 2   ? 8.226   -4.857  -13.200 1.00 29.02 ? 2   GLU A O   1 
ATOM   13  C  CB  . GLU A 1 2   ? 10.813  -6.384  -14.090 1.00 38.36 ? 2   GLU A CB  1 
ATOM   14  C  CG  . GLU A 1 2   ? 10.604  -7.430  -13.014 1.00 41.55 ? 2   GLU A CG  1 
ATOM   15  C  CD  . GLU A 1 2   ? 11.777  -7.497  -12.051 1.00 43.05 ? 2   GLU A CD  1 
ATOM   16  O  OE1 . GLU A 1 2   ? 12.899  -7.828  -12.496 1.00 43.41 ? 2   GLU A OE1 1 
ATOM   17  O  OE2 . GLU A 1 2   ? 11.575  -7.213  -10.851 1.00 43.74 ? 2   GLU A OE2 1 
ATOM   18  N  N   . ALA A 1 3   ? 7.506   -6.874  -13.907 1.00 30.03 ? 3   ALA A N   1 
ATOM   19  C  CA  . ALA A 1 3   ? 6.347   -6.893  -13.020 1.00 27.09 ? 3   ALA A CA  1 
ATOM   20  C  C   . ALA A 1 3   ? 6.760   -7.622  -11.747 1.00 24.85 ? 3   ALA A C   1 
ATOM   21  O  O   . ALA A 1 3   ? 7.354   -8.696  -11.800 1.00 25.28 ? 3   ALA A O   1 
ATOM   22  C  CB  . ALA A 1 3   ? 5.171   -7.614  -13.678 1.00 26.76 ? 3   ALA A CB  1 
ATOM   23  N  N   . VAL A 1 4   ? 6.456   -7.030  -10.604 1.00 21.56 ? 4   VAL A N   1 
ATOM   24  C  CA  . VAL A 1 4   ? 6.810   -7.637  -9.334  1.00 20.10 ? 4   VAL A CA  1 
ATOM   25  C  C   . VAL A 1 4   ? 5.658   -8.531  -8.866  1.00 19.66 ? 4   VAL A C   1 
ATOM   26  O  O   . VAL A 1 4   ? 4.482   -8.164  -8.953  1.00 17.36 ? 4   VAL A O   1 
ATOM   27  C  CB  . VAL A 1 4   ? 7.122   -6.547  -8.273  1.00 18.68 ? 4   VAL A CB  1 
ATOM   28  C  CG1 . VAL A 1 4   ? 7.588   -7.182  -6.978  1.00 19.38 ? 4   VAL A CG1 1 
ATOM   29  C  CG2 . VAL A 1 4   ? 8.175   -5.593  -8.810  1.00 16.27 ? 4   VAL A CG2 1 
ATOM   30  N  N   . LYS A 1 5   ? 6.013   -9.721  -8.394  1.00 19.62 ? 5   LYS A N   1 
ATOM   31  C  CA  . LYS A 1 5   ? 5.040   -10.689 -7.918  1.00 19.47 ? 5   LYS A CA  1 
ATOM   32  C  C   . LYS A 1 5   ? 5.599   -11.402 -6.694  1.00 18.42 ? 5   LYS A C   1 
ATOM   33  O  O   . LYS A 1 5   ? 6.704   -11.948 -6.728  1.00 17.36 ? 5   LYS A O   1 
ATOM   34  C  CB  . LYS A 1 5   ? 4.732   -11.708 -9.018  1.00 20.53 ? 5   LYS A CB  1 
ATOM   35  C  CG  . LYS A 1 5   ? 3.634   -12.694 -8.661  1.00 22.55 ? 5   LYS A CG  1 
ATOM   36  C  CD  . LYS A 1 5   ? 3.280   -13.569 -9.847  1.00 25.48 ? 5   LYS A CD  1 
ATOM   37  C  CE  . LYS A 1 5   ? 2.118   -14.492 -9.520  1.00 29.08 ? 5   LYS A CE  1 
ATOM   38  N  NZ  . LYS A 1 5   ? 1.873   -15.479 -10.613 1.00 30.51 ? 5   LYS A NZ  1 
ATOM   39  N  N   . THR A 1 6   ? 4.832   -11.376 -5.614  1.00 17.15 ? 6   THR A N   1 
ATOM   40  C  CA  . THR A 1 6   ? 5.215   -12.013 -4.366  1.00 16.68 ? 6   THR A CA  1 
ATOM   41  C  C   . THR A 1 6   ? 3.966   -12.624 -3.762  1.00 17.33 ? 6   THR A C   1 
ATOM   42  O  O   . THR A 1 6   ? 2.865   -12.108 -3.947  1.00 14.31 ? 6   THR A O   1 
ATOM   43  C  CB  . THR A 1 6   ? 5.793   -10.992 -3.364  1.00 17.37 ? 6   THR A CB  1 
ATOM   44  O  OG1 . THR A 1 6   ? 5.918   -11.605 -2.075  1.00 16.66 ? 6   THR A OG1 1 
ATOM   45  C  CG2 . THR A 1 6   ? 4.889   -9.782  -3.255  1.00 15.74 ? 6   THR A CG2 1 
ATOM   46  N  N   . ASP A 1 7   ? 4.141   -13.727 -3.044  1.00 18.28 ? 7   ASP A N   1 
ATOM   47  C  CA  . ASP A 1 7   ? 3.014   -14.395 -2.414  1.00 18.80 ? 7   ASP A CA  1 
ATOM   48  C  C   . ASP A 1 7   ? 2.876   -13.933 -0.969  1.00 17.86 ? 7   ASP A C   1 
ATOM   49  O  O   . ASP A 1 7   ? 2.118   -14.509 -0.193  1.00 16.17 ? 7   ASP A O   1 
ATOM   50  C  CB  . ASP A 1 7   ? 3.199   -15.915 -2.477  1.00 19.95 ? 7   ASP A CB  1 
ATOM   51  C  CG  . ASP A 1 7   ? 4.464   -16.391 -1.774  1.00 21.41 ? 7   ASP A CG  1 
ATOM   52  O  OD1 . ASP A 1 7   ? 4.750   -17.607 -1.846  1.00 22.26 ? 7   ASP A OD1 1 
ATOM   53  O  OD2 . ASP A 1 7   ? 5.169   -15.568 -1.148  1.00 21.26 ? 7   ASP A OD2 1 
ATOM   54  N  N   . ARG A 1 8   ? 3.620   -12.886 -0.621  1.00 17.98 ? 8   ARG A N   1 
ATOM   55  C  CA  . ARG A 1 8   ? 3.587   -12.327 0.725   1.00 17.38 ? 8   ARG A CA  1 
ATOM   56  C  C   . ARG A 1 8   ? 2.625   -11.156 0.771   1.00 16.97 ? 8   ARG A C   1 
ATOM   57  O  O   . ARG A 1 8   ? 2.532   -10.445 1.767   1.00 16.89 ? 8   ARG A O   1 
ATOM   58  C  CB  . ARG A 1 8   ? 4.993   -11.908 1.157   1.00 18.36 ? 8   ARG A CB  1 
ATOM   59  C  CG  . ARG A 1 8   ? 5.962   -13.094 1.188   1.00 20.26 ? 8   ARG A CG  1 
ATOM   60  C  CD  . ARG A 1 8   ? 7.308   -12.733 1.784   1.00 22.40 ? 8   ARG A CD  1 
ATOM   61  N  NE  . ARG A 1 8   ? 7.188   -12.347 3.186   1.00 25.38 ? 8   ARG A NE  1 
ATOM   62  C  CZ  . ARG A 1 8   ? 7.551   -11.162 3.668   1.00 26.99 ? 8   ARG A CZ  1 
ATOM   63  N  NH1 . ARG A 1 8   ? 8.066   -10.240 2.858   1.00 26.14 ? 8   ARG A NH1 1 
ATOM   64  N  NH2 . ARG A 1 8   ? 7.392   -10.897 4.959   1.00 26.29 ? 8   ARG A NH2 1 
ATOM   65  N  N   . ALA A 1 9   ? 1.910   -10.976 -0.335  1.00 17.95 ? 9   ALA A N   1 
ATOM   66  C  CA  . ALA A 1 9   ? 0.897   -9.939  -0.476  1.00 17.52 ? 9   ALA A CA  1 
ATOM   67  C  C   . ALA A 1 9   ? -0.189  -10.584 -1.338  1.00 17.56 ? 9   ALA A C   1 
ATOM   68  O  O   . ALA A 1 9   ? 0.105   -11.467 -2.151  1.00 16.47 ? 9   ALA A O   1 
ATOM   69  C  CB  . ALA A 1 9   ? 1.478   -8.714  -1.175  1.00 18.30 ? 9   ALA A CB  1 
ATOM   70  N  N   . PRO A 1 10  ? -1.456  -10.167 -1.170  1.00 17.70 ? 10  PRO A N   1 
ATOM   71  C  CA  . PRO A 1 10  ? -2.503  -10.781 -1.992  1.00 18.03 ? 10  PRO A CA  1 
ATOM   72  C  C   . PRO A 1 10  ? -2.122  -10.759 -3.464  1.00 19.47 ? 10  PRO A C   1 
ATOM   73  O  O   . PRO A 1 10  ? -1.602  -9.760  -3.972  1.00 18.70 ? 10  PRO A O   1 
ATOM   74  C  CB  . PRO A 1 10  ? -3.742  -9.938  -1.674  1.00 17.17 ? 10  PRO A CB  1 
ATOM   75  C  CG  . PRO A 1 10  ? -3.173  -8.609  -1.279  1.00 18.39 ? 10  PRO A CG  1 
ATOM   76  C  CD  . PRO A 1 10  ? -1.970  -8.993  -0.446  1.00 18.08 ? 10  PRO A CD  1 
ATOM   77  N  N   . ALA A 1 11  ? -2.362  -11.876 -4.142  1.00 20.93 ? 11  ALA A N   1 
ATOM   78  C  CA  . ALA A 1 11  ? -2.029  -12.008 -5.555  1.00 23.45 ? 11  ALA A CA  1 
ATOM   79  C  C   . ALA A 1 11  ? -2.848  -11.055 -6.410  1.00 25.39 ? 11  ALA A C   1 
ATOM   80  O  O   . ALA A 1 11  ? -3.956  -10.674 -6.033  1.00 24.42 ? 11  ALA A O   1 
ATOM   81  C  CB  . ALA A 1 11  ? -2.268  -13.444 -6.013  1.00 23.68 ? 11  ALA A CB  1 
ATOM   82  N  N   . ALA A 1 12  ? -2.288  -10.665 -7.553  1.00 27.51 ? 12  ALA A N   1 
ATOM   83  C  CA  . ALA A 1 12  ? -2.973  -9.776  -8.485  1.00 29.31 ? 12  ALA A CA  1 
ATOM   84  C  C   . ALA A 1 12  ? -3.906  -10.658 -9.312  1.00 31.08 ? 12  ALA A C   1 
ATOM   85  O  O   . ALA A 1 12  ? -3.447  -11.435 -10.155 1.00 32.80 ? 12  ALA A O   1 
ATOM   86  C  CB  . ALA A 1 12  ? -1.962  -9.081  -9.393  1.00 27.86 ? 12  ALA A CB  1 
ATOM   87  N  N   . ILE A 1 13  ? -5.208  -10.543 -9.067  1.00 30.97 ? 13  ILE A N   1 
ATOM   88  C  CA  . ILE A 1 13  ? -6.185  -11.355 -9.783  1.00 32.33 ? 13  ILE A CA  1 
ATOM   89  C  C   . ILE A 1 13  ? -6.647  -10.760 -11.113 1.00 32.55 ? 13  ILE A C   1 
ATOM   90  O  O   . ILE A 1 13  ? -7.003  -11.500 -12.039 1.00 34.49 ? 13  ILE A O   1 
ATOM   91  C  CB  . ILE A 1 13  ? -7.416  -11.617 -8.898  1.00 33.17 ? 13  ILE A CB  1 
ATOM   92  C  CG1 . ILE A 1 13  ? -6.997  -12.415 -7.653  1.00 33.41 ? 13  ILE A CG1 1 
ATOM   93  C  CG2 . ILE A 1 13  ? -8.479  -12.380 -9.687  1.00 33.17 ? 13  ILE A CG2 1 
ATOM   94  C  CD1 . ILE A 1 13  ? -8.118  -12.681 -6.671  1.00 35.23 ? 13  ILE A CD1 1 
ATOM   95  N  N   . GLY A 1 14  ? -6.623  -9.435  -11.216 1.00 30.72 ? 14  GLY A N   1 
ATOM   96  C  CA  . GLY A 1 14  ? -7.061  -8.795  -12.445 1.00 29.40 ? 14  GLY A CA  1 
ATOM   97  C  C   . GLY A 1 14  ? -5.966  -8.354  -13.405 1.00 27.85 ? 14  GLY A C   1 
ATOM   98  O  O   . GLY A 1 14  ? -4.842  -8.869  -13.359 1.00 27.54 ? 14  GLY A O   1 
ATOM   99  N  N   . PRO A 1 15  ? -6.277  -7.397  -14.303 1.00 25.43 ? 15  PRO A N   1 
ATOM   100 C  CA  . PRO A 1 15  ? -5.349  -6.852  -15.299 1.00 23.40 ? 15  PRO A CA  1 
ATOM   101 C  C   . PRO A 1 15  ? -4.348  -5.849  -14.712 1.00 22.85 ? 15  PRO A C   1 
ATOM   102 O  O   . PRO A 1 15  ? -4.180  -4.744  -15.236 1.00 20.97 ? 15  PRO A O   1 
ATOM   103 C  CB  . PRO A 1 15  ? -6.288  -6.203  -16.309 1.00 22.26 ? 15  PRO A CB  1 
ATOM   104 C  CG  . PRO A 1 15  ? -7.368  -5.678  -15.430 1.00 21.17 ? 15  PRO A CG  1 
ATOM   105 C  CD  . PRO A 1 15  ? -7.630  -6.849  -14.513 1.00 24.07 ? 15  PRO A CD  1 
ATOM   106 N  N   . TYR A 1 16  ? -3.689  -6.241  -13.625 1.00 20.13 ? 16  TYR A N   1 
ATOM   107 C  CA  . TYR A 1 16  ? -2.702  -5.385  -12.969 1.00 18.69 ? 16  TYR A CA  1 
ATOM   108 C  C   . TYR A 1 16  ? -1.651  -6.257  -12.281 1.00 17.06 ? 16  TYR A C   1 
ATOM   109 O  O   . TYR A 1 16  ? -1.879  -7.443  -12.028 1.00 14.71 ? 16  TYR A O   1 
ATOM   110 C  CB  . TYR A 1 16  ? -3.389  -4.486  -11.931 1.00 18.24 ? 16  TYR A CB  1 
ATOM   111 C  CG  . TYR A 1 16  ? -3.968  -5.250  -10.762 1.00 20.21 ? 16  TYR A CG  1 
ATOM   112 C  CD1 . TYR A 1 16  ? -3.209  -5.492  -9.617  1.00 22.56 ? 16  TYR A CD1 1 
ATOM   113 C  CD2 . TYR A 1 16  ? -5.253  -5.793  -10.828 1.00 23.53 ? 16  TYR A CD2 1 
ATOM   114 C  CE1 . TYR A 1 16  ? -3.713  -6.265  -8.564  1.00 23.96 ? 16  TYR A CE1 1 
ATOM   115 C  CE2 . TYR A 1 16  ? -5.767  -6.570  -9.783  1.00 24.87 ? 16  TYR A CE2 1 
ATOM   116 C  CZ  . TYR A 1 16  ? -4.989  -6.802  -8.656  1.00 25.49 ? 16  TYR A CZ  1 
ATOM   117 O  OH  . TYR A 1 16  ? -5.478  -7.587  -7.635  1.00 26.25 ? 16  TYR A OH  1 
ATOM   118 N  N   . ALA A 1 17  ? -0.495  -5.666  -11.996 1.00 15.63 ? 17  ALA A N   1 
ATOM   119 C  CA  . ALA A 1 17  ? 0.570   -6.380  -11.309 1.00 14.73 ? 17  ALA A CA  1 
ATOM   120 C  C   . ALA A 1 17  ? 0.746   -5.669  -9.981  1.00 13.56 ? 17  ALA A C   1 
ATOM   121 O  O   . ALA A 1 17  ? 0.546   -4.461  -9.909  1.00 14.87 ? 17  ALA A O   1 
ATOM   122 C  CB  . ALA A 1 17  ? 1.862   -6.329  -12.126 1.00 15.33 ? 17  ALA A CB  1 
ATOM   123 N  N   . GLN A 1 18  ? 1.092   -6.415  -8.932  1.00 13.67 ? 18  GLN A N   1 
ATOM   124 C  CA  . GLN A 1 18  ? 1.297   -5.838  -7.602  1.00 11.77 ? 18  GLN A CA  1 
ATOM   125 C  C   . GLN A 1 18  ? 2.216   -4.622  -7.701  1.00 10.48 ? 18  GLN A C   1 
ATOM   126 O  O   . GLN A 1 18  ? 1.980   -3.596  -7.062  1.00 10.43 ? 18  GLN A O   1 
ATOM   127 C  CB  . GLN A 1 18  ? 1.904   -6.880  -6.662  1.00 13.35 ? 18  GLN A CB  1 
ATOM   128 C  CG  . GLN A 1 18  ? 1.040   -8.123  -6.489  1.00 13.31 ? 18  GLN A CG  1 
ATOM   129 C  CD  . GLN A 1 18  ? 1.796   -9.254  -5.827  1.00 14.72 ? 18  GLN A CD  1 
ATOM   130 O  OE1 . GLN A 1 18  ? 2.879   -9.612  -6.268  1.00 15.47 ? 18  GLN A OE1 1 
ATOM   131 N  NE2 . GLN A 1 18  ? 1.227   -9.824  -4.767  1.00 11.44 ? 18  GLN A NE2 1 
ATOM   132 N  N   . ALA A 1 19  ? 3.269   -4.747  -8.500  1.00 9.10  ? 19  ALA A N   1 
ATOM   133 C  CA  . ALA A 1 19  ? 4.191   -3.641  -8.715  1.00 9.22  ? 19  ALA A CA  1 
ATOM   134 C  C   . ALA A 1 19  ? 4.897   -3.772  -10.060 1.00 10.92 ? 19  ALA A C   1 
ATOM   135 O  O   . ALA A 1 19  ? 4.957   -4.854  -10.650 1.00 10.49 ? 19  ALA A O   1 
ATOM   136 C  CB  . ALA A 1 19  ? 5.208   -3.567  -7.595  1.00 7.97  ? 19  ALA A CB  1 
ATOM   137 N  N   . VAL A 1 20  ? 5.417   -2.646  -10.539 1.00 12.45 ? 20  VAL A N   1 
ATOM   138 C  CA  . VAL A 1 20  ? 6.135   -2.583  -11.806 1.00 12.20 ? 20  VAL A CA  1 
ATOM   139 C  C   . VAL A 1 20  ? 7.396   -1.753  -11.616 1.00 12.26 ? 20  VAL A C   1 
ATOM   140 O  O   . VAL A 1 20  ? 7.338   -0.656  -11.074 1.00 12.35 ? 20  VAL A O   1 
ATOM   141 C  CB  . VAL A 1 20  ? 5.269   -1.918  -12.916 1.00 12.73 ? 20  VAL A CB  1 
ATOM   142 C  CG1 . VAL A 1 20  ? 6.109   -1.693  -14.176 1.00 11.87 ? 20  VAL A CG1 1 
ATOM   143 C  CG2 . VAL A 1 20  ? 4.059   -2.791  -13.226 1.00 12.13 ? 20  VAL A CG2 1 
ATOM   144 N  N   . LYS A 1 21  ? 8.533   -2.283  -12.054 1.00 13.70 ? 21  LYS A N   1 
ATOM   145 C  CA  . LYS A 1 21  ? 9.803   -1.559  -11.946 1.00 16.22 ? 21  LYS A CA  1 
ATOM   146 C  C   . LYS A 1 21  ? 10.166  -0.982  -13.316 1.00 15.20 ? 21  LYS A C   1 
ATOM   147 O  O   . LYS A 1 21  ? 10.310  -1.722  -14.289 1.00 14.59 ? 21  LYS A O   1 
ATOM   148 C  CB  . LYS A 1 21  ? 10.923  -2.485  -11.459 1.00 17.44 ? 21  LYS A CB  1 
ATOM   149 C  CG  . LYS A 1 21  ? 10.591  -3.248  -10.182 1.00 21.93 ? 21  LYS A CG  1 
ATOM   150 C  CD  . LYS A 1 21  ? 11.845  -3.564  -9.368  1.00 26.02 ? 21  LYS A CD  1 
ATOM   151 C  CE  . LYS A 1 21  ? 12.909  -4.280  -10.197 1.00 28.03 ? 21  LYS A CE  1 
ATOM   152 N  NZ  . LYS A 1 21  ? 14.167  -4.505  -9.426  1.00 26.95 ? 21  LYS A NZ  1 
ATOM   153 N  N   . ALA A 1 22  ? 10.292  0.340   -13.389 1.00 15.90 ? 22  ALA A N   1 
ATOM   154 C  CA  . ALA A 1 22  ? 10.623  1.000   -14.651 1.00 15.84 ? 22  ALA A CA  1 
ATOM   155 C  C   . ALA A 1 22  ? 11.318  2.351   -14.461 1.00 16.02 ? 22  ALA A C   1 
ATOM   156 O  O   . ALA A 1 22  ? 10.964  3.131   -13.575 1.00 14.46 ? 22  ALA A O   1 
ATOM   157 C  CB  . ALA A 1 22  ? 9.359   1.181   -15.481 1.00 15.19 ? 22  ALA A CB  1 
ATOM   158 N  N   . GLY A 1 23  ? 12.316  2.613   -15.302 1.00 15.82 ? 23  GLY A N   1 
ATOM   159 C  CA  . GLY A 1 23  ? 13.045  3.869   -15.249 1.00 17.42 ? 23  GLY A CA  1 
ATOM   160 C  C   . GLY A 1 23  ? 13.532  4.337   -13.890 1.00 18.69 ? 23  GLY A C   1 
ATOM   161 O  O   . GLY A 1 23  ? 13.372  5.513   -13.540 1.00 18.26 ? 23  GLY A O   1 
ATOM   162 N  N   . GLY A 1 24  ? 14.126  3.425   -13.127 1.00 17.99 ? 24  GLY A N   1 
ATOM   163 C  CA  . GLY A 1 24  ? 14.643  3.773   -11.817 1.00 18.71 ? 24  GLY A CA  1 
ATOM   164 C  C   . GLY A 1 24  ? 13.628  3.766   -10.687 1.00 17.06 ? 24  GLY A C   1 
ATOM   165 O  O   . GLY A 1 24  ? 14.005  3.901   -9.522  1.00 16.73 ? 24  GLY A O   1 
ATOM   166 N  N   . PHE A 1 25  ? 12.347  3.612   -11.018 1.00 15.99 ? 25  PHE A N   1 
ATOM   167 C  CA  . PHE A 1 25  ? 11.307  3.589   -9.990  1.00 16.14 ? 25  PHE A CA  1 
ATOM   168 C  C   . PHE A 1 25  ? 10.566  2.266   -9.915  1.00 14.21 ? 25  PHE A C   1 
ATOM   169 O  O   . PHE A 1 25  ? 10.696  1.406   -10.787 1.00 13.49 ? 25  PHE A O   1 
ATOM   170 C  CB  . PHE A 1 25  ? 10.268  4.704   -10.216 1.00 15.43 ? 25  PHE A CB  1 
ATOM   171 C  CG  . PHE A 1 25  ? 10.832  6.091   -10.119 1.00 15.51 ? 25  PHE A CG  1 
ATOM   172 C  CD1 . PHE A 1 25  ? 11.264  6.761   -11.260 1.00 14.79 ? 25  PHE A CD1 1 
ATOM   173 C  CD2 . PHE A 1 25  ? 10.970  6.715   -8.882  1.00 14.19 ? 25  PHE A CD2 1 
ATOM   174 C  CE1 . PHE A 1 25  ? 11.828  8.029   -11.170 1.00 14.53 ? 25  PHE A CE1 1 
ATOM   175 C  CE2 . PHE A 1 25  ? 11.537  7.986   -8.782  1.00 12.60 ? 25  PHE A CE2 1 
ATOM   176 C  CZ  . PHE A 1 25  ? 11.966  8.643   -9.927  1.00 13.61 ? 25  PHE A CZ  1 
ATOM   177 N  N   . VAL A 1 26  ? 9.798   2.121   -8.842  1.00 12.27 ? 26  VAL A N   1 
ATOM   178 C  CA  . VAL A 1 26  ? 8.968   0.951   -8.614  1.00 11.82 ? 26  VAL A CA  1 
ATOM   179 C  C   . VAL A 1 26  ? 7.571   1.507   -8.363  1.00 9.47  ? 26  VAL A C   1 
ATOM   180 O  O   . VAL A 1 26  ? 7.363   2.268   -7.420  1.00 7.86  ? 26  VAL A O   1 
ATOM   181 C  CB  . VAL A 1 26  ? 9.398   0.150   -7.365  1.00 11.92 ? 26  VAL A CB  1 
ATOM   182 C  CG1 . VAL A 1 26  ? 8.539   -1.123  -7.251  1.00 13.50 ? 26  VAL A CG1 1 
ATOM   183 C  CG2 . VAL A 1 26  ? 10.875  -0.190  -7.439  1.00 12.57 ? 26  VAL A CG2 1 
ATOM   184 N  N   . PHE A 1 27  ? 6.626   1.138   -9.216  1.00 8.58  ? 27  PHE A N   1 
ATOM   185 C  CA  . PHE A 1 27  ? 5.253   1.604   -9.081  1.00 9.88  ? 27  PHE A CA  1 
ATOM   186 C  C   . PHE A 1 27  ? 4.415   0.518   -8.427  1.00 10.83 ? 27  PHE A C   1 
ATOM   187 O  O   . PHE A 1 27  ? 4.198   -0.541  -9.007  1.00 11.11 ? 27  PHE A O   1 
ATOM   188 C  CB  . PHE A 1 27  ? 4.706   1.963   -10.459 1.00 8.50  ? 27  PHE A CB  1 
ATOM   189 C  CG  . PHE A 1 27  ? 5.482   3.053   -11.141 1.00 8.68  ? 27  PHE A CG  1 
ATOM   190 C  CD1 . PHE A 1 27  ? 5.151   4.387   -10.945 1.00 7.29  ? 27  PHE A CD1 1 
ATOM   191 C  CD2 . PHE A 1 27  ? 6.575   2.743   -11.947 1.00 8.34  ? 27  PHE A CD2 1 
ATOM   192 C  CE1 . PHE A 1 27  ? 5.896   5.400   -11.543 1.00 11.02 ? 27  PHE A CE1 1 
ATOM   193 C  CE2 . PHE A 1 27  ? 7.326   3.743   -12.547 1.00 9.11  ? 27  PHE A CE2 1 
ATOM   194 C  CZ  . PHE A 1 27  ? 6.987   5.077   -12.344 1.00 9.02  ? 27  PHE A CZ  1 
ATOM   195 N  N   . VAL A 1 28  ? 3.952   0.787   -7.209  1.00 11.39 ? 28  VAL A N   1 
ATOM   196 C  CA  . VAL A 1 28  ? 3.159   -0.187  -6.465  1.00 11.64 ? 28  VAL A CA  1 
ATOM   197 C  C   . VAL A 1 28  ? 1.667   0.084   -6.544  1.00 11.47 ? 28  VAL A C   1 
ATOM   198 O  O   . VAL A 1 28  ? 1.217   1.209   -6.319  1.00 12.06 ? 28  VAL A O   1 
ATOM   199 C  CB  . VAL A 1 28  ? 3.571   -0.225  -4.969  1.00 11.72 ? 28  VAL A CB  1 
ATOM   200 C  CG1 . VAL A 1 28  ? 2.744   -1.274  -4.227  1.00 10.16 ? 28  VAL A CG1 1 
ATOM   201 C  CG2 . VAL A 1 28  ? 5.065   -0.533  -4.844  1.00 13.29 ? 28  VAL A CG2 1 
ATOM   202 N  N   . SER A 1 29  ? 0.906   -0.963  -6.850  1.00 9.94  ? 29  SER A N   1 
ATOM   203 C  CA  . SER A 1 29  ? -0.545  -0.868  -6.958  1.00 9.45  ? 29  SER A CA  1 
ATOM   204 C  C   . SER A 1 29  ? -1.182  -0.544  -5.610  1.00 9.37  ? 29  SER A C   1 
ATOM   205 O  O   . SER A 1 29  ? -0.596  -0.805  -4.553  1.00 8.79  ? 29  SER A O   1 
ATOM   206 C  CB  . SER A 1 29  ? -1.125  -2.186  -7.489  1.00 7.78  ? 29  SER A CB  1 
ATOM   207 O  OG  . SER A 1 29  ? -0.760  -2.402  -8.842  1.00 9.27  ? 29  SER A OG  1 
ATOM   208 N  N   . GLY A 1 30  ? -2.377  0.040   -5.659  1.00 9.42  ? 30  GLY A N   1 
ATOM   209 C  CA  . GLY A 1 30  ? -3.093  0.374   -4.443  1.00 10.79 ? 30  GLY A CA  1 
ATOM   210 C  C   . GLY A 1 30  ? -3.364  -0.896  -3.655  1.00 11.29 ? 30  GLY A C   1 
ATOM   211 O  O   . GLY A 1 30  ? -4.077  -1.789  -4.119  1.00 11.23 ? 30  GLY A O   1 
ATOM   212 N  N   . GLN A 1 31  ? -2.783  -0.986  -2.460  1.00 12.06 ? 31  GLN A N   1 
ATOM   213 C  CA  . GLN A 1 31  ? -2.956  -2.164  -1.624  1.00 11.26 ? 31  GLN A CA  1 
ATOM   214 C  C   . GLN A 1 31  ? -4.131  -1.985  -0.684  1.00 10.91 ? 31  GLN A C   1 
ATOM   215 O  O   . GLN A 1 31  ? -4.334  -0.910  -0.130  1.00 10.01 ? 31  GLN A O   1 
ATOM   216 C  CB  . GLN A 1 31  ? -1.680  -2.438  -0.815  1.00 13.01 ? 31  GLN A CB  1 
ATOM   217 C  CG  . GLN A 1 31  ? -0.429  -2.619  -1.668  1.00 12.85 ? 31  GLN A CG  1 
ATOM   218 C  CD  . GLN A 1 31  ? -0.509  -3.809  -2.611  1.00 15.56 ? 31  GLN A CD  1 
ATOM   219 O  OE1 . GLN A 1 31  ? -0.108  -3.723  -3.778  1.00 15.55 ? 31  GLN A OE1 1 
ATOM   220 N  NE2 . GLN A 1 31  ? -1.014  -4.928  -2.110  1.00 15.16 ? 31  GLN A NE2 1 
ATOM   221 N  N   . ILE A 1 32  ? -4.915  -3.048  -0.529  1.00 12.42 ? 32  ILE A N   1 
ATOM   222 C  CA  . ILE A 1 32  ? -6.073  -3.043  0.365   1.00 12.80 ? 32  ILE A CA  1 
ATOM   223 C  C   . ILE A 1 32  ? -5.861  -4.087  1.469   1.00 12.18 ? 32  ILE A C   1 
ATOM   224 O  O   . ILE A 1 32  ? -4.933  -4.895  1.403   1.00 11.12 ? 32  ILE A O   1 
ATOM   225 C  CB  . ILE A 1 32  ? -7.381  -3.336  -0.402  1.00 13.40 ? 32  ILE A CB  1 
ATOM   226 C  CG1 . ILE A 1 32  ? -7.209  -4.588  -1.261  1.00 12.60 ? 32  ILE A CG1 1 
ATOM   227 C  CG2 . ILE A 1 32  ? -7.764  -2.122  -1.255  1.00 11.58 ? 32  ILE A CG2 1 
ATOM   228 C  CD1 . ILE A 1 32  ? -8.463  -5.003  -1.991  1.00 15.44 ? 32  ILE A CD1 1 
ATOM   229 N  N   . PRO A 1 33  ? -6.705  -4.061  2.509   1.00 12.48 ? 33  PRO A N   1 
ATOM   230 C  CA  . PRO A 1 33  ? -6.664  -4.968  3.664   1.00 14.54 ? 33  PRO A CA  1 
ATOM   231 C  C   . PRO A 1 33  ? -6.894  -6.455  3.394   1.00 14.97 ? 33  PRO A C   1 
ATOM   232 O  O   . PRO A 1 33  ? -7.718  -7.086  4.056   1.00 15.86 ? 33  PRO A O   1 
ATOM   233 C  CB  . PRO A 1 33  ? -7.732  -4.390  4.589   1.00 14.18 ? 33  PRO A CB  1 
ATOM   234 C  CG  . PRO A 1 33  ? -7.688  -2.945  4.275   1.00 15.77 ? 33  PRO A CG  1 
ATOM   235 C  CD  . PRO A 1 33  ? -7.611  -2.936  2.780   1.00 13.00 ? 33  PRO A CD  1 
ATOM   236 N  N   . LEU A 1 34  ? -6.171  -7.012  2.428   1.00 16.01 ? 34  LEU A N   1 
ATOM   237 C  CA  . LEU A 1 34  ? -6.294  -8.431  2.121   1.00 16.54 ? 34  LEU A CA  1 
ATOM   238 C  C   . LEU A 1 34  ? -5.062  -9.145  2.642   1.00 17.00 ? 34  LEU A C   1 
ATOM   239 O  O   . LEU A 1 34  ? -3.959  -8.601  2.595   1.00 16.83 ? 34  LEU A O   1 
ATOM   240 C  CB  . LEU A 1 34  ? -6.389  -8.672  0.611   1.00 16.82 ? 34  LEU A CB  1 
ATOM   241 C  CG  . LEU A 1 34  ? -7.663  -8.315  -0.145  1.00 17.93 ? 34  LEU A CG  1 
ATOM   242 C  CD1 . LEU A 1 34  ? -7.441  -8.582  -1.619  1.00 18.15 ? 34  LEU A CD1 1 
ATOM   243 C  CD2 . LEU A 1 34  ? -8.835  -9.135  0.372   1.00 19.97 ? 34  LEU A CD2 1 
ATOM   244 N  N   . ALA A 1 35  ? -5.259  -10.356 3.151   1.00 18.07 ? 35  ALA A N   1 
ATOM   245 C  CA  . ALA A 1 35  ? -4.156  -11.166 3.644   1.00 18.27 ? 35  ALA A CA  1 
ATOM   246 C  C   . ALA A 1 35  ? -3.553  -11.820 2.400   1.00 18.24 ? 35  ALA A C   1 
ATOM   247 O  O   . ALA A 1 35  ? -4.168  -11.816 1.336   1.00 16.98 ? 35  ALA A O   1 
ATOM   248 C  CB  . ALA A 1 35  ? -4.677  -12.232 4.612   1.00 18.60 ? 35  ALA A CB  1 
ATOM   249 N  N   . PRO A 1 36  ? -2.338  -12.373 2.510   1.00 19.02 ? 36  PRO A N   1 
ATOM   250 C  CA  . PRO A 1 36  ? -1.712  -13.015 1.349   1.00 20.94 ? 36  PRO A CA  1 
ATOM   251 C  C   . PRO A 1 36  ? -2.609  -14.044 0.657   1.00 22.36 ? 36  PRO A C   1 
ATOM   252 O  O   . PRO A 1 36  ? -2.488  -14.273 -0.551  1.00 22.40 ? 36  PRO A O   1 
ATOM   253 C  CB  . PRO A 1 36  ? -0.457  -13.642 1.946   1.00 19.83 ? 36  PRO A CB  1 
ATOM   254 C  CG  . PRO A 1 36  ? -0.055  -12.623 2.961   1.00 19.64 ? 36  PRO A CG  1 
ATOM   255 C  CD  . PRO A 1 36  ? -1.382  -12.270 3.629   1.00 20.05 ? 36  PRO A CD  1 
ATOM   256 N  N   . ASP A 1 37  ? -3.515  -14.653 1.417   1.00 22.64 ? 37  ASP A N   1 
ATOM   257 C  CA  . ASP A 1 37  ? -4.407  -15.658 0.851   1.00 24.74 ? 37  ASP A CA  1 
ATOM   258 C  C   . ASP A 1 37  ? -5.669  -15.054 0.217   1.00 24.32 ? 37  ASP A C   1 
ATOM   259 O  O   . ASP A 1 37  ? -6.597  -15.776 -0.148  1.00 23.05 ? 37  ASP A O   1 
ATOM   260 C  CB  . ASP A 1 37  ? -4.786  -16.697 1.921   1.00 26.67 ? 37  ASP A CB  1 
ATOM   261 C  CG  . ASP A 1 37  ? -5.888  -16.217 2.845   1.00 29.34 ? 37  ASP A CG  1 
ATOM   262 O  OD1 . ASP A 1 37  ? -5.661  -15.262 3.616   1.00 31.08 ? 37  ASP A OD1 1 
ATOM   263 O  OD2 . ASP A 1 37  ? -6.992  -16.800 2.794   1.00 32.83 ? 37  ASP A OD2 1 
ATOM   264 N  N   . GLY A 1 38  ? -5.694  -13.730 0.088   1.00 24.95 ? 38  GLY A N   1 
ATOM   265 C  CA  . GLY A 1 38  ? -6.830  -13.061 -0.525  1.00 26.05 ? 38  GLY A CA  1 
ATOM   266 C  C   . GLY A 1 38  ? -8.015  -12.816 0.389   1.00 27.96 ? 38  GLY A C   1 
ATOM   267 O  O   . GLY A 1 38  ? -9.028  -12.256 -0.042  1.00 29.88 ? 38  GLY A O   1 
ATOM   268 N  N   . SER A 1 39  ? -7.904  -13.234 1.648   1.00 27.30 ? 39  SER A N   1 
ATOM   269 C  CA  . SER A 1 39  ? -8.990  -13.048 2.608   1.00 26.48 ? 39  SER A CA  1 
ATOM   270 C  C   . SER A 1 39  ? -8.962  -11.616 3.116   1.00 26.24 ? 39  SER A C   1 
ATOM   271 O  O   . SER A 1 39  ? -7.897  -11.060 3.379   1.00 26.13 ? 39  SER A O   1 
ATOM   272 C  CB  . SER A 1 39  ? -8.831  -14.004 3.791   1.00 24.59 ? 39  SER A CB  1 
ATOM   273 O  OG  . SER A 1 39  ? -7.683  -13.670 4.550   1.00 25.32 ? 39  SER A OG  1 
ATOM   274 N  N   . LEU A 1 40  ? -10.134 -11.015 3.255   1.00 26.41 ? 40  LEU A N   1 
ATOM   275 C  CA  . LEU A 1 40  ? -10.202 -9.646  3.734   1.00 27.43 ? 40  LEU A CA  1 
ATOM   276 C  C   . LEU A 1 40  ? -9.994  -9.593  5.251   1.00 26.39 ? 40  LEU A C   1 
ATOM   277 O  O   . LEU A 1 40  ? -10.532 -10.416 5.991   1.00 25.60 ? 40  LEU A O   1 
ATOM   278 C  CB  . LEU A 1 40  ? -11.551 -9.029  3.341   1.00 29.89 ? 40  LEU A CB  1 
ATOM   279 C  CG  . LEU A 1 40  ? -11.768 -7.534  3.595   1.00 30.92 ? 40  LEU A CG  1 
ATOM   280 C  CD1 . LEU A 1 40  ? -12.010 -7.277  5.074   1.00 31.39 ? 40  LEU A CD1 1 
ATOM   281 C  CD2 . LEU A 1 40  ? -10.563 -6.756  3.078   1.00 30.40 ? 40  LEU A CD2 1 
ATOM   282 N  N   . VAL A 1 41  ? -9.191  -8.631  5.699   1.00 25.20 ? 41  VAL A N   1 
ATOM   283 C  CA  . VAL A 1 41  ? -8.905  -8.452  7.120   1.00 24.91 ? 41  VAL A CA  1 
ATOM   284 C  C   . VAL A 1 41  ? -9.880  -7.437  7.715   1.00 25.69 ? 41  VAL A C   1 
ATOM   285 O  O   . VAL A 1 41  ? -9.845  -6.253  7.375   1.00 25.71 ? 41  VAL A O   1 
ATOM   286 C  CB  . VAL A 1 41  ? -7.451  -7.950  7.349   1.00 23.73 ? 41  VAL A CB  1 
ATOM   287 C  CG1 . VAL A 1 41  ? -7.241  -7.568  8.816   1.00 21.49 ? 41  VAL A CG1 1 
ATOM   288 C  CG2 . VAL A 1 41  ? -6.460  -9.035  6.940   1.00 23.92 ? 41  VAL A CG2 1 
ATOM   289 N  N   . GLU A 1 42  ? -10.743 -7.914  8.606   1.00 25.23 ? 42  GLU A N   1 
ATOM   290 C  CA  . GLU A 1 42  ? -11.740 -7.074  9.256   1.00 26.16 ? 42  GLU A CA  1 
ATOM   291 C  C   . GLU A 1 42  ? -11.177 -6.274  10.426  1.00 25.28 ? 42  GLU A C   1 
ATOM   292 O  O   . GLU A 1 42  ? -10.166 -6.642  11.020  1.00 25.58 ? 42  GLU A O   1 
ATOM   293 C  CB  . GLU A 1 42  ? -12.888 -7.944  9.761   1.00 28.97 ? 42  GLU A CB  1 
ATOM   294 C  CG  . GLU A 1 42  ? -13.637 -8.676  8.672   1.00 32.76 ? 42  GLU A CG  1 
ATOM   295 C  CD  . GLU A 1 42  ? -14.563 -9.734  9.230   1.00 34.16 ? 42  GLU A CD  1 
ATOM   296 O  OE1 . GLU A 1 42  ? -15.478 -9.377  10.005  1.00 36.08 ? 42  GLU A OE1 1 
ATOM   297 O  OE2 . GLU A 1 42  ? -14.365 -10.921 8.901   1.00 36.08 ? 42  GLU A OE2 1 
ATOM   298 N  N   . GLY A 1 43  ? -11.855 -5.183  10.762  1.00 24.67 ? 43  GLY A N   1 
ATOM   299 C  CA  . GLY A 1 43  ? -11.418 -4.346  11.863  1.00 22.46 ? 43  GLY A CA  1 
ATOM   300 C  C   . GLY A 1 43  ? -11.531 -2.867  11.550  1.00 21.20 ? 43  GLY A C   1 
ATOM   301 O  O   . GLY A 1 43  ? -11.967 -2.484  10.464  1.00 22.36 ? 43  GLY A O   1 
ATOM   302 N  N   . ASP A 1 44  ? -11.145 -2.030  12.504  1.00 19.51 ? 44  ASP A N   1 
ATOM   303 C  CA  . ASP A 1 44  ? -11.202 -0.587  12.305  1.00 19.07 ? 44  ASP A CA  1 
ATOM   304 C  C   . ASP A 1 44  ? -10.090 -0.143  11.359  1.00 17.16 ? 44  ASP A C   1 
ATOM   305 O  O   . ASP A 1 44  ? -9.394  -0.975  10.768  1.00 15.69 ? 44  ASP A O   1 
ATOM   306 C  CB  . ASP A 1 44  ? -11.064 0.148   13.644  1.00 19.57 ? 44  ASP A CB  1 
ATOM   307 C  CG  . ASP A 1 44  ? -9.861  -0.311  14.440  1.00 21.04 ? 44  ASP A CG  1 
ATOM   308 O  OD1 . ASP A 1 44  ? -8.867  -0.754  13.826  1.00 20.11 ? 44  ASP A OD1 1 
ATOM   309 O  OD2 . ASP A 1 44  ? -9.906  -0.221  15.684  1.00 22.37 ? 44  ASP A OD2 1 
ATOM   310 N  N   . ILE A 1 45  ? -9.912  1.167   11.230  1.00 14.87 ? 45  ILE A N   1 
ATOM   311 C  CA  . ILE A 1 45  ? -8.887  1.696   10.337  1.00 15.43 ? 45  ILE A CA  1 
ATOM   312 C  C   . ILE A 1 45  ? -7.472  1.255   10.724  1.00 14.53 ? 45  ILE A C   1 
ATOM   313 O  O   . ILE A 1 45  ? -6.633  1.024   9.854   1.00 14.87 ? 45  ILE A O   1 
ATOM   314 C  CB  . ILE A 1 45  ? -8.966  3.244   10.261  1.00 13.07 ? 45  ILE A CB  1 
ATOM   315 C  CG1 . ILE A 1 45  ? -8.001  3.765   9.191   1.00 12.62 ? 45  ILE A CG1 1 
ATOM   316 C  CG2 . ILE A 1 45  ? -8.673  3.848   11.615  1.00 14.14 ? 45  ILE A CG2 1 
ATOM   317 C  CD1 . ILE A 1 45  ? -8.290  3.237   7.794   1.00 13.17 ? 45  ILE A CD1 1 
ATOM   318 N  N   . ARG A 1 46  ? -7.206  1.117   12.018  1.00 15.41 ? 46  ARG A N   1 
ATOM   319 C  CA  . ARG A 1 46  ? -5.879  0.691   12.463  1.00 17.41 ? 46  ARG A CA  1 
ATOM   320 C  C   . ARG A 1 46  ? -5.543  -0.721  11.974  1.00 16.68 ? 46  ARG A C   1 
ATOM   321 O  O   . ARG A 1 46  ? -4.460  -0.965  11.426  1.00 14.02 ? 46  ARG A O   1 
ATOM   322 C  CB  . ARG A 1 46  ? -5.790  0.734   13.991  1.00 20.23 ? 46  ARG A CB  1 
ATOM   323 C  CG  . ARG A 1 46  ? -5.964  2.121   14.587  1.00 26.71 ? 46  ARG A CG  1 
ATOM   324 C  CD  . ARG A 1 46  ? -5.759  2.082   16.089  1.00 31.91 ? 46  ARG A CD  1 
ATOM   325 N  NE  . ARG A 1 46  ? -5.963  3.389   16.707  1.00 39.88 ? 46  ARG A NE  1 
ATOM   326 C  CZ  . ARG A 1 46  ? -5.812  3.635   18.008  1.00 43.24 ? 46  ARG A CZ  1 
ATOM   327 N  NH1 . ARG A 1 46  ? -5.451  2.660   18.836  1.00 43.63 ? 46  ARG A NH1 1 
ATOM   328 N  NH2 . ARG A 1 46  ? -6.028  4.855   18.487  1.00 43.30 ? 46  ARG A NH2 1 
ATOM   329 N  N   . VAL A 1 47  ? -6.482  -1.644  12.176  1.00 16.29 ? 47  VAL A N   1 
ATOM   330 C  CA  . VAL A 1 47  ? -6.310  -3.036  11.770  1.00 16.98 ? 47  VAL A CA  1 
ATOM   331 C  C   . VAL A 1 47  ? -6.145  -3.161  10.257  1.00 16.37 ? 47  VAL A C   1 
ATOM   332 O  O   . VAL A 1 47  ? -5.275  -3.897  9.770   1.00 15.91 ? 47  VAL A O   1 
ATOM   333 C  CB  . VAL A 1 47  ? -7.520  -3.908  12.193  1.00 17.94 ? 47  VAL A CB  1 
ATOM   334 C  CG1 . VAL A 1 47  ? -7.186  -5.377  12.012  1.00 15.95 ? 47  VAL A CG1 1 
ATOM   335 C  CG2 . VAL A 1 47  ? -7.904  -3.616  13.636  1.00 15.99 ? 47  VAL A CG2 1 
ATOM   336 N  N   . GLN A 1 48  ? -6.982  -2.450  9.510   1.00 14.13 ? 48  GLN A N   1 
ATOM   337 C  CA  . GLN A 1 48  ? -6.894  -2.517  8.060   1.00 14.68 ? 48  GLN A CA  1 
ATOM   338 C  C   . GLN A 1 48  ? -5.651  -1.833  7.500   1.00 14.17 ? 48  GLN A C   1 
ATOM   339 O  O   . GLN A 1 48  ? -5.043  -2.337  6.548   1.00 11.43 ? 48  GLN A O   1 
ATOM   340 C  CB  . GLN A 1 48  ? -8.149  -1.928  7.419   1.00 16.25 ? 48  GLN A CB  1 
ATOM   341 C  CG  . GLN A 1 48  ? -9.392  -2.800  7.594   1.00 17.13 ? 48  GLN A CG  1 
ATOM   342 C  CD  . GLN A 1 48  ? -10.317 -2.724  6.399   1.00 17.90 ? 48  GLN A CD  1 
ATOM   343 O  OE1 . GLN A 1 48  ? -10.658 -1.642  5.931   1.00 16.68 ? 48  GLN A OE1 1 
ATOM   344 N  NE2 . GLN A 1 48  ? -10.727 -3.881  5.893   1.00 22.74 ? 48  GLN A NE2 1 
ATOM   345 N  N   . THR A 1 49  ? -5.266  -0.698  8.085   1.00 11.85 ? 49  THR A N   1 
ATOM   346 C  CA  . THR A 1 49  ? -4.078  0.018   7.612   1.00 13.66 ? 49  THR A CA  1 
ATOM   347 C  C   . THR A 1 49  ? -2.843  -0.868  7.807   1.00 14.03 ? 49  THR A C   1 
ATOM   348 O  O   . THR A 1 49  ? -1.944  -0.910  6.967   1.00 12.34 ? 49  THR A O   1 
ATOM   349 C  CB  . THR A 1 49  ? -3.871  1.353   8.370   1.00 11.42 ? 49  THR A CB  1 
ATOM   350 O  OG1 . THR A 1 49  ? -4.963  2.235   8.093   1.00 12.66 ? 49  THR A OG1 1 
ATOM   351 C  CG2 . THR A 1 49  ? -2.577  2.024   7.926   1.00 10.70 ? 49  THR A CG2 1 
ATOM   352 N  N   . GLU A 1 50  ? -2.815  -1.579  8.927   1.00 14.77 ? 50  GLU A N   1 
ATOM   353 C  CA  . GLU A 1 50  ? -1.716  -2.476  9.237   1.00 15.65 ? 50  GLU A CA  1 
ATOM   354 C  C   . GLU A 1 50  ? -1.527  -3.482  8.089   1.00 13.99 ? 50  GLU A C   1 
ATOM   355 O  O   . GLU A 1 50  ? -0.420  -3.663  7.590   1.00 15.00 ? 50  GLU A O   1 
ATOM   356 C  CB  . GLU A 1 50  ? -2.020  -3.199  10.551  1.00 18.68 ? 50  GLU A CB  1 
ATOM   357 C  CG  . GLU A 1 50  ? -0.804  -3.650  11.340  1.00 25.83 ? 50  GLU A CG  1 
ATOM   358 C  CD  . GLU A 1 50  ? -0.063  -4.808  10.696  1.00 29.18 ? 50  GLU A CD  1 
ATOM   359 O  OE1 . GLU A 1 50  ? -0.702  -5.846  10.401  1.00 32.57 ? 50  GLU A OE1 1 
ATOM   360 O  OE2 . GLU A 1 50  ? 1.164   -4.684  10.499  1.00 30.33 ? 50  GLU A OE2 1 
ATOM   361 N  N   . ARG A 1 51  ? -2.612  -4.125  7.663   1.00 13.31 ? 51  ARG A N   1 
ATOM   362 C  CA  . ARG A 1 51  ? -2.541  -5.104  6.583   1.00 11.50 ? 51  ARG A CA  1 
ATOM   363 C  C   . ARG A 1 51  ? -2.029  -4.465  5.294   1.00 11.64 ? 51  ARG A C   1 
ATOM   364 O  O   . ARG A 1 51  ? -1.176  -5.023  4.609   1.00 9.83  ? 51  ARG A O   1 
ATOM   365 C  CB  . ARG A 1 51  ? -3.915  -5.715  6.325   1.00 11.71 ? 51  ARG A CB  1 
ATOM   366 C  CG  . ARG A 1 51  ? -3.895  -6.902  5.376   1.00 11.65 ? 51  ARG A CG  1 
ATOM   367 C  CD  . ARG A 1 51  ? -2.973  -7.998  5.916   1.00 13.00 ? 51  ARG A CD  1 
ATOM   368 N  NE  . ARG A 1 51  ? -1.746  -8.130  5.133   1.00 16.57 ? 51  ARG A NE  1 
ATOM   369 C  CZ  . ARG A 1 51  ? -0.709  -8.883  5.486   1.00 16.58 ? 51  ARG A CZ  1 
ATOM   370 N  NH1 . ARG A 1 51  ? -0.747  -9.572  6.617   1.00 19.15 ? 51  ARG A NH1 1 
ATOM   371 N  NH2 . ARG A 1 51  ? 0.360   -8.962  4.702   1.00 16.77 ? 51  ARG A NH2 1 
ATOM   372 N  N   . VAL A 1 52  ? -2.564  -3.295  4.963   1.00 11.86 ? 52  VAL A N   1 
ATOM   373 C  CA  . VAL A 1 52  ? -2.144  -2.586  3.761   1.00 11.83 ? 52  VAL A CA  1 
ATOM   374 C  C   . VAL A 1 52  ? -0.650  -2.257  3.805   1.00 12.10 ? 52  VAL A C   1 
ATOM   375 O  O   . VAL A 1 52  ? 0.064   -2.438  2.822   1.00 12.18 ? 52  VAL A O   1 
ATOM   376 C  CB  . VAL A 1 52  ? -2.963  -1.293  3.580   1.00 10.30 ? 52  VAL A CB  1 
ATOM   377 C  CG1 . VAL A 1 52  ? -2.345  -0.421  2.482   1.00 9.96  ? 52  VAL A CG1 1 
ATOM   378 C  CG2 . VAL A 1 52  ? -4.402  -1.655  3.226   1.00 8.66  ? 52  VAL A CG2 1 
HETATM 379 N  N   . MSE A 1 53  ? -0.183  -1.780  4.952   1.00 12.51 ? 53  MSE A N   1 
HETATM 380 C  CA  . MSE A 1 53  ? 1.223   -1.446  5.116   1.00 13.34 ? 53  MSE A CA  1 
HETATM 381 C  C   . MSE A 1 53  ? 2.083   -2.707  4.994   1.00 13.83 ? 53  MSE A C   1 
HETATM 382 O  O   . MSE A 1 53  ? 3.187   -2.660  4.443   1.00 12.41 ? 53  MSE A O   1 
HETATM 383 C  CB  . MSE A 1 53  ? 1.437   -0.768  6.469   1.00 14.99 ? 53  MSE A CB  1 
HETATM 384 C  CG  . MSE A 1 53  ? 0.664   0.543   6.614   1.00 18.51 ? 53  MSE A CG  1 
HETATM 385 SE SE  . MSE A 1 53  ? 1.005   1.794   5.152   1.00 24.70 ? 53  MSE A SE  1 
HETATM 386 C  CE  . MSE A 1 53  ? 2.784   2.268   5.646   1.00 21.00 ? 53  MSE A CE  1 
ATOM   387 N  N   . GLU A 1 54  ? 1.576   -3.829  5.506   1.00 12.18 ? 54  GLU A N   1 
ATOM   388 C  CA  . GLU A 1 54  ? 2.291   -5.100  5.416   1.00 12.27 ? 54  GLU A CA  1 
ATOM   389 C  C   . GLU A 1 54  ? 2.337   -5.571  3.965   1.00 11.00 ? 54  GLU A C   1 
ATOM   390 O  O   . GLU A 1 54  ? 3.335   -6.138  3.516   1.00 11.33 ? 54  GLU A O   1 
ATOM   391 C  CB  . GLU A 1 54  ? 1.610   -6.165  6.277   1.00 13.73 ? 54  GLU A CB  1 
ATOM   392 C  CG  . GLU A 1 54  ? 1.833   -5.991  7.770   1.00 16.88 ? 54  GLU A CG  1 
ATOM   393 C  CD  . GLU A 1 54  ? 3.306   -5.935  8.125   1.00 18.27 ? 54  GLU A CD  1 
ATOM   394 O  OE1 . GLU A 1 54  ? 4.057   -6.840  7.694   1.00 18.98 ? 54  GLU A OE1 1 
ATOM   395 O  OE2 . GLU A 1 54  ? 3.713   -4.991  8.835   1.00 20.11 ? 54  GLU A OE2 1 
ATOM   396 N  N   . ASN A 1 55  ? 1.255   -5.344  3.230   1.00 9.49  ? 55  ASN A N   1 
ATOM   397 C  CA  . ASN A 1 55  ? 1.223   -5.736  1.824   1.00 10.05 ? 55  ASN A CA  1 
ATOM   398 C  C   . ASN A 1 55  ? 2.194   -4.865  1.027   1.00 10.07 ? 55  ASN A C   1 
ATOM   399 O  O   . ASN A 1 55  ? 2.845   -5.335  0.093   1.00 8.95  ? 55  ASN A O   1 
ATOM   400 C  CB  . ASN A 1 55  ? -0.192  -5.595  1.245   1.00 10.61 ? 55  ASN A CB  1 
ATOM   401 C  CG  . ASN A 1 55  ? -1.154  -6.621  1.800   1.00 9.39  ? 55  ASN A CG  1 
ATOM   402 O  OD1 . ASN A 1 55  ? -0.747  -7.707  2.217   1.00 8.82  ? 55  ASN A OD1 1 
ATOM   403 N  ND2 . ASN A 1 55  ? -2.440  -6.292  1.791   1.00 8.67  ? 55  ASN A ND2 1 
ATOM   404 N  N   . LEU A 1 56  ? 2.285   -3.591  1.403   1.00 11.18 ? 56  LEU A N   1 
ATOM   405 C  CA  . LEU A 1 56  ? 3.185   -2.657  0.728   1.00 13.52 ? 56  LEU A CA  1 
ATOM   406 C  C   . LEU A 1 56  ? 4.642   -3.061  0.947   1.00 13.65 ? 56  LEU A C   1 
ATOM   407 O  O   . LEU A 1 56  ? 5.443   -3.036  0.011   1.00 13.70 ? 56  LEU A O   1 
ATOM   408 C  CB  . LEU A 1 56  ? 2.940   -1.221  1.224   1.00 14.85 ? 56  LEU A CB  1 
ATOM   409 C  CG  . LEU A 1 56  ? 1.682   -0.545  0.652   1.00 15.47 ? 56  LEU A CG  1 
ATOM   410 C  CD1 . LEU A 1 56  ? 1.389   0.746   1.401   1.00 14.33 ? 56  LEU A CD1 1 
ATOM   411 C  CD2 . LEU A 1 56  ? 1.877   -0.278  -0.843  1.00 12.17 ? 56  LEU A CD2 1 
ATOM   412 N  N   . LYS A 1 57  ? 4.976   -3.439  2.178   1.00 13.94 ? 57  LYS A N   1 
ATOM   413 C  CA  . LYS A 1 57  ? 6.331   -3.875  2.508   1.00 15.42 ? 57  LYS A CA  1 
ATOM   414 C  C   . LYS A 1 57  ? 6.695   -5.100  1.680   1.00 14.68 ? 57  LYS A C   1 
ATOM   415 O  O   . LYS A 1 57  ? 7.785   -5.174  1.116   1.00 13.22 ? 57  LYS A O   1 
ATOM   416 C  CB  . LYS A 1 57  ? 6.441   -4.257  3.985   1.00 17.11 ? 57  LYS A CB  1 
ATOM   417 C  CG  . LYS A 1 57  ? 6.377   -3.113  4.954   1.00 20.58 ? 57  LYS A CG  1 
ATOM   418 C  CD  . LYS A 1 57  ? 6.411   -3.631  6.384   1.00 23.23 ? 57  LYS A CD  1 
ATOM   419 C  CE  . LYS A 1 57  ? 7.647   -4.478  6.642   1.00 24.52 ? 57  LYS A CE  1 
ATOM   420 N  NZ  . LYS A 1 57  ? 7.676   -5.006  8.034   1.00 25.12 ? 57  LYS A NZ  1 
ATOM   421 N  N   . ALA A 1 58  ? 5.773   -6.066  1.637   1.00 13.82 ? 58  ALA A N   1 
ATOM   422 C  CA  . ALA A 1 58  ? 5.959   -7.310  0.894   1.00 12.14 ? 58  ALA A CA  1 
ATOM   423 C  C   . ALA A 1 58  ? 6.253   -7.046  -0.573  1.00 11.25 ? 58  ALA A C   1 
ATOM   424 O  O   . ALA A 1 58  ? 7.212   -7.584  -1.129  1.00 10.19 ? 58  ALA A O   1 
ATOM   425 C  CB  . ALA A 1 58  ? 4.715   -8.185  1.023   1.00 13.38 ? 58  ALA A CB  1 
ATOM   426 N  N   . VAL A 1 59  ? 5.421   -6.223  -1.202  1.00 9.44  ? 59  VAL A N   1 
ATOM   427 C  CA  . VAL A 1 59  ? 5.616   -5.895  -2.610  1.00 10.61 ? 59  VAL A CA  1 
ATOM   428 C  C   . VAL A 1 59  ? 6.943   -5.161  -2.825  1.00 10.93 ? 59  VAL A C   1 
ATOM   429 O  O   . VAL A 1 59  ? 7.737   -5.550  -3.686  1.00 11.49 ? 59  VAL A O   1 
ATOM   430 C  CB  . VAL A 1 59  ? 4.455   -5.030  -3.159  1.00 8.65  ? 59  VAL A CB  1 
ATOM   431 C  CG1 . VAL A 1 59  ? 4.752   -4.609  -4.596  1.00 9.46  ? 59  VAL A CG1 1 
ATOM   432 C  CG2 . VAL A 1 59  ? 3.158   -5.822  -3.111  1.00 9.57  ? 59  VAL A CG2 1 
ATOM   433 N  N   . LEU A 1 60  ? 7.184   -4.113  -2.034  1.00 9.66  ? 60  LEU A N   1 
ATOM   434 C  CA  . LEU A 1 60  ? 8.414   -3.323  -2.141  1.00 9.38  ? 60  LEU A CA  1 
ATOM   435 C  C   . LEU A 1 60  ? 9.649   -4.187  -1.944  1.00 8.46  ? 60  LEU A C   1 
ATOM   436 O  O   . LEU A 1 60  ? 10.633  -4.037  -2.661  1.00 8.62  ? 60  LEU A O   1 
ATOM   437 C  CB  . LEU A 1 60  ? 8.415   -2.193  -1.104  1.00 8.39  ? 60  LEU A CB  1 
ATOM   438 C  CG  . LEU A 1 60  ? 7.414   -1.056  -1.321  1.00 7.86  ? 60  LEU A CG  1 
ATOM   439 C  CD1 . LEU A 1 60  ? 7.295   -0.218  -0.056  1.00 9.28  ? 60  LEU A CD1 1 
ATOM   440 C  CD2 . LEU A 1 60  ? 7.859   -0.199  -2.496  1.00 10.53 ? 60  LEU A CD2 1 
ATOM   441 N  N   . GLU A 1 61  ? 9.595   -5.091  -0.973  1.00 8.87  ? 61  GLU A N   1 
ATOM   442 C  CA  . GLU A 1 61  ? 10.716  -5.979  -0.697  1.00 11.29 ? 61  GLU A CA  1 
ATOM   443 C  C   . GLU A 1 61  ? 10.966  -6.913  -1.870  1.00 11.14 ? 61  GLU A C   1 
ATOM   444 O  O   . GLU A 1 61  ? 12.112  -7.150  -2.245  1.00 12.05 ? 61  GLU A O   1 
ATOM   445 C  CB  . GLU A 1 61  ? 10.444  -6.772  0.576   1.00 12.63 ? 61  GLU A CB  1 
ATOM   446 C  CG  . GLU A 1 61  ? 10.549  -5.918  1.828   1.00 15.94 ? 61  GLU A CG  1 
ATOM   447 C  CD  . GLU A 1 61  ? 9.962   -6.594  3.046   1.00 18.15 ? 61  GLU A CD  1 
ATOM   448 O  OE1 . GLU A 1 61  ? 10.068  -6.018  4.150   1.00 17.76 ? 61  GLU A OE1 1 
ATOM   449 O  OE2 . GLU A 1 61  ? 9.390   -7.694  2.892   1.00 19.99 ? 61  GLU A OE2 1 
ATOM   450 N  N   . ALA A 1 62  ? 9.888   -7.430  -2.457  1.00 11.47 ? 62  ALA A N   1 
ATOM   451 C  CA  . ALA A 1 62  ? 9.992   -8.325  -3.608  1.00 12.43 ? 62  ALA A CA  1 
ATOM   452 C  C   . ALA A 1 62  ? 10.649  -7.609  -4.797  1.00 13.49 ? 62  ALA A C   1 
ATOM   453 O  O   . ALA A 1 62  ? 11.295  -8.237  -5.638  1.00 12.43 ? 62  ALA A O   1 
ATOM   454 C  CB  . ALA A 1 62  ? 8.609   -8.820  -4.001  1.00 11.92 ? 62  ALA A CB  1 
ATOM   455 N  N   . ALA A 1 63  ? 10.482  -6.290  -4.850  1.00 12.14 ? 63  ALA A N   1 
ATOM   456 C  CA  . ALA A 1 63  ? 11.044  -5.483  -5.928  1.00 13.87 ? 63  ALA A CA  1 
ATOM   457 C  C   . ALA A 1 63  ? 12.519  -5.175  -5.689  1.00 14.11 ? 63  ALA A C   1 
ATOM   458 O  O   . ALA A 1 63  ? 13.216  -4.704  -6.591  1.00 17.30 ? 63  ALA A O   1 
ATOM   459 C  CB  . ALA A 1 63  ? 10.259  -4.186  -6.063  1.00 10.60 ? 63  ALA A CB  1 
ATOM   460 N  N   . GLY A 1 64  ? 12.992  -5.458  -4.481  1.00 13.54 ? 64  GLY A N   1 
ATOM   461 C  CA  . GLY A 1 64  ? 14.375  -5.185  -4.135  1.00 13.19 ? 64  GLY A CA  1 
ATOM   462 C  C   . GLY A 1 64  ? 14.447  -3.785  -3.553  1.00 14.51 ? 64  GLY A C   1 
ATOM   463 O  O   . GLY A 1 64  ? 15.505  -3.157  -3.490  1.00 15.25 ? 64  GLY A O   1 
ATOM   464 N  N   . SER A 1 65  ? 13.287  -3.298  -3.128  1.00 14.70 ? 65  SER A N   1 
ATOM   465 C  CA  . SER A 1 65  ? 13.161  -1.969  -2.551  1.00 13.35 ? 65  SER A CA  1 
ATOM   466 C  C   . SER A 1 65  ? 12.719  -2.122  -1.100  1.00 12.58 ? 65  SER A C   1 
ATOM   467 O  O   . SER A 1 65  ? 12.920  -3.170  -0.483  1.00 11.38 ? 65  SER A O   1 
ATOM   468 C  CB  . SER A 1 65  ? 12.129  -1.162  -3.356  1.00 14.26 ? 65  SER A CB  1 
ATOM   469 O  OG  . SER A 1 65  ? 12.140  0.217   -3.027  1.00 12.72 ? 65  SER A OG  1 
ATOM   470 N  N   . GLY A 1 66  ? 12.121  -1.069  -0.557  1.00 13.47 ? 66  GLY A N   1 
ATOM   471 C  CA  . GLY A 1 66  ? 11.654  -1.101  0.815   1.00 12.65 ? 66  GLY A CA  1 
ATOM   472 C  C   . GLY A 1 66  ? 10.965  0.211   1.126   1.00 14.33 ? 66  GLY A C   1 
ATOM   473 O  O   . GLY A 1 66  ? 11.004  1.143   0.315   1.00 15.05 ? 66  GLY A O   1 
ATOM   474 N  N   . LEU A 1 67  ? 10.345  0.289   2.297   1.00 12.81 ? 67  LEU A N   1 
ATOM   475 C  CA  . LEU A 1 67  ? 9.633   1.493   2.720   1.00 12.93 ? 67  LEU A CA  1 
ATOM   476 C  C   . LEU A 1 67  ? 10.512  2.743   2.770   1.00 12.86 ? 67  LEU A C   1 
ATOM   477 O  O   . LEU A 1 67  ? 10.032  3.845   2.514   1.00 12.27 ? 67  LEU A O   1 
ATOM   478 C  CB  . LEU A 1 67  ? 8.990   1.261   4.094   1.00 13.41 ? 67  LEU A CB  1 
ATOM   479 C  CG  . LEU A 1 67  ? 7.885   0.198   4.155   1.00 12.33 ? 67  LEU A CG  1 
ATOM   480 C  CD1 . LEU A 1 67  ? 7.558   -0.131  5.602   1.00 13.77 ? 67  LEU A CD1 1 
ATOM   481 C  CD2 . LEU A 1 67  ? 6.658   0.696   3.420   1.00 10.86 ? 67  LEU A CD2 1 
ATOM   482 N  N   . SER A 1 68  ? 11.792  2.580   3.091   1.00 12.56 ? 68  SER A N   1 
ATOM   483 C  CA  . SER A 1 68  ? 12.697  3.727   3.168   1.00 12.67 ? 68  SER A CA  1 
ATOM   484 C  C   . SER A 1 68  ? 13.029  4.306   1.793   1.00 12.32 ? 68  SER A C   1 
ATOM   485 O  O   . SER A 1 68  ? 13.632  5.375   1.700   1.00 13.96 ? 68  SER A O   1 
ATOM   486 C  CB  . SER A 1 68  ? 13.995  3.341   3.885   1.00 11.41 ? 68  SER A CB  1 
ATOM   487 O  OG  . SER A 1 68  ? 14.799  2.505   3.079   1.00 12.87 ? 68  SER A OG  1 
ATOM   488 N  N   . ARG A 1 69  ? 12.649  3.597   0.730   1.00 10.94 ? 69  ARG A N   1 
ATOM   489 C  CA  . ARG A 1 69  ? 12.910  4.066   -0.628  1.00 12.79 ? 69  ARG A CA  1 
ATOM   490 C  C   . ARG A 1 69  ? 11.661  4.680   -1.260  1.00 11.47 ? 69  ARG A C   1 
ATOM   491 O  O   . ARG A 1 69  ? 11.719  5.212   -2.371  1.00 10.79 ? 69  ARG A O   1 
ATOM   492 C  CB  . ARG A 1 69  ? 13.409  2.924   -1.518  1.00 11.93 ? 69  ARG A CB  1 
ATOM   493 C  CG  . ARG A 1 69  ? 14.726  2.267   -1.081  1.00 17.39 ? 69  ARG A CG  1 
ATOM   494 C  CD  . ARG A 1 69  ? 15.906  3.241   -0.927  1.00 16.84 ? 69  ARG A CD  1 
ATOM   495 N  NE  . ARG A 1 69  ? 16.048  3.663   0.469   1.00 21.55 ? 69  ARG A NE  1 
ATOM   496 C  CZ  . ARG A 1 69  ? 17.175  4.096   1.030   1.00 19.46 ? 69  ARG A CZ  1 
ATOM   497 N  NH1 . ARG A 1 69  ? 18.293  4.180   0.316   1.00 18.96 ? 69  ARG A NH1 1 
ATOM   498 N  NH2 . ARG A 1 69  ? 17.187  4.423   2.318   1.00 18.58 ? 69  ARG A NH2 1 
ATOM   499 N  N   . VAL A 1 70  ? 10.537  4.599   -0.550  1.00 11.62 ? 70  VAL A N   1 
ATOM   500 C  CA  . VAL A 1 70  ? 9.276   5.166   -1.033  1.00 10.81 ? 70  VAL A CA  1 
ATOM   501 C  C   . VAL A 1 70  ? 9.390   6.696   -1.068  1.00 9.80  ? 70  VAL A C   1 
ATOM   502 O  O   . VAL A 1 70  ? 9.698   7.330   -0.053  1.00 8.54  ? 70  VAL A O   1 
ATOM   503 C  CB  . VAL A 1 70  ? 8.094   4.756   -0.118  1.00 10.59 ? 70  VAL A CB  1 
ATOM   504 C  CG1 . VAL A 1 70  ? 6.800   5.424   -0.586  1.00 7.14  ? 70  VAL A CG1 1 
ATOM   505 C  CG2 . VAL A 1 70  ? 7.948   3.239   -0.131  1.00 9.65  ? 70  VAL A CG2 1 
ATOM   506 N  N   . VAL A 1 71  ? 9.149   7.273   -2.243  1.00 8.80  ? 71  VAL A N   1 
ATOM   507 C  CA  . VAL A 1 71  ? 9.241   8.719   -2.431  1.00 9.10  ? 71  VAL A CA  1 
ATOM   508 C  C   . VAL A 1 71  ? 7.888   9.425   -2.451  1.00 9.47  ? 71  VAL A C   1 
ATOM   509 O  O   . VAL A 1 71  ? 7.802   10.635  -2.190  1.00 10.29 ? 71  VAL A O   1 
ATOM   510 C  CB  . VAL A 1 71  ? 9.975   9.045   -3.751  1.00 9.12  ? 71  VAL A CB  1 
ATOM   511 C  CG1 . VAL A 1 71  ? 11.407  8.499   -3.698  1.00 11.25 ? 71  VAL A CG1 1 
ATOM   512 C  CG2 . VAL A 1 71  ? 9.214   8.449   -4.934  1.00 10.39 ? 71  VAL A CG2 1 
ATOM   513 N  N   . GLN A 1 72  ? 6.837   8.667   -2.757  1.00 8.81  ? 72  GLN A N   1 
ATOM   514 C  CA  . GLN A 1 72  ? 5.485   9.214   -2.844  1.00 9.39  ? 72  GLN A CA  1 
ATOM   515 C  C   . GLN A 1 72  ? 4.433   8.158   -2.535  1.00 8.36  ? 72  GLN A C   1 
ATOM   516 O  O   . GLN A 1 72  ? 4.564   6.999   -2.927  1.00 7.40  ? 72  GLN A O   1 
ATOM   517 C  CB  . GLN A 1 72  ? 5.239   9.755   -4.263  1.00 10.07 ? 72  GLN A CB  1 
ATOM   518 C  CG  . GLN A 1 72  ? 3.830   10.293  -4.522  1.00 10.63 ? 72  GLN A CG  1 
ATOM   519 C  CD  . GLN A 1 72  ? 3.420   10.163  -5.989  1.00 9.34  ? 72  GLN A CD  1 
ATOM   520 O  OE1 . GLN A 1 72  ? 3.273   9.055   -6.500  1.00 12.61 ? 72  GLN A OE1 1 
ATOM   521 N  NE2 . GLN A 1 72  ? 3.244   11.294  -6.667  1.00 9.14  ? 72  GLN A NE2 1 
ATOM   522 N  N   . THR A 1 73  ? 3.394   8.559   -1.817  1.00 7.47  ? 73  THR A N   1 
ATOM   523 C  CA  . THR A 1 73  ? 2.301   7.649   -1.516  1.00 7.39  ? 73  THR A CA  1 
ATOM   524 C  C   . THR A 1 73  ? 0.993   8.381   -1.789  1.00 7.58  ? 73  THR A C   1 
ATOM   525 O  O   . THR A 1 73  ? 0.902   9.601   -1.646  1.00 7.94  ? 73  THR A O   1 
ATOM   526 C  CB  . THR A 1 73  ? 2.314   7.159   -0.041  1.00 8.52  ? 73  THR A CB  1 
ATOM   527 O  OG1 . THR A 1 73  ? 1.979   8.241   0.835   1.00 7.75  ? 73  THR A OG1 1 
ATOM   528 C  CG2 . THR A 1 73  ? 3.682   6.605   0.323   1.00 6.10  ? 73  THR A CG2 1 
ATOM   529 N  N   . THR A 1 74  ? -0.007  7.626   -2.213  1.00 8.51  ? 74  THR A N   1 
ATOM   530 C  CA  . THR A 1 74  ? -1.326  8.169   -2.501  1.00 8.69  ? 74  THR A CA  1 
ATOM   531 C  C   . THR A 1 74  ? -2.258  7.337   -1.641  1.00 8.28  ? 74  THR A C   1 
ATOM   532 O  O   . THR A 1 74  ? -2.449  6.145   -1.883  1.00 8.72  ? 74  THR A O   1 
ATOM   533 C  CB  . THR A 1 74  ? -1.651  8.018   -3.979  1.00 8.09  ? 74  THR A CB  1 
ATOM   534 O  OG1 . THR A 1 74  ? -0.638  8.689   -4.744  1.00 8.53  ? 74  THR A OG1 1 
ATOM   535 C  CG2 . THR A 1 74  ? -2.997  8.635   -4.289  1.00 9.15  ? 74  THR A CG2 1 
ATOM   536 N  N   . CYS A 1 75  ? -2.830  7.983   -0.633  1.00 6.35  ? 75  CYS A N   1 
ATOM   537 C  CA  . CYS A 1 75  ? -3.670  7.296   0.335   1.00 7.58  ? 75  CYS A CA  1 
ATOM   538 C  C   . CYS A 1 75  ? -5.159  7.619   0.288   1.00 6.83  ? 75  CYS A C   1 
ATOM   539 O  O   . CYS A 1 75  ? -5.575  8.758   0.506   1.00 6.58  ? 75  CYS A O   1 
ATOM   540 C  CB  . CYS A 1 75  ? -3.112  7.578   1.736   1.00 7.13  ? 75  CYS A CB  1 
ATOM   541 S  SG  . CYS A 1 75  ? -1.294  7.475   1.812   1.00 10.34 ? 75  CYS A SG  1 
ATOM   542 N  N   . PHE A 1 76  ? -5.959  6.592   0.012   1.00 8.16  ? 76  PHE A N   1 
ATOM   543 C  CA  . PHE A 1 76  ? -7.404  6.748   -0.060  1.00 8.51  ? 76  PHE A CA  1 
ATOM   544 C  C   . PHE A 1 76  ? -8.118  6.081   1.107   1.00 9.57  ? 76  PHE A C   1 
ATOM   545 O  O   . PHE A 1 76  ? -7.894  4.905   1.410   1.00 10.45 ? 76  PHE A O   1 
ATOM   546 C  CB  . PHE A 1 76  ? -7.958  6.146   -1.350  1.00 8.36  ? 76  PHE A CB  1 
ATOM   547 C  CG  . PHE A 1 76  ? -7.157  6.464   -2.566  1.00 8.49  ? 76  PHE A CG  1 
ATOM   548 C  CD1 . PHE A 1 76  ? -6.213  5.557   -3.045  1.00 9.91  ? 76  PHE A CD1 1 
ATOM   549 C  CD2 . PHE A 1 76  ? -7.377  7.640   -3.269  1.00 8.58  ? 76  PHE A CD2 1 
ATOM   550 C  CE1 . PHE A 1 76  ? -5.504  5.812   -4.216  1.00 10.14 ? 76  PHE A CE1 1 
ATOM   551 C  CE2 . PHE A 1 76  ? -6.673  7.909   -4.445  1.00 10.36 ? 76  PHE A CE2 1 
ATOM   552 C  CZ  . PHE A 1 76  ? -5.736  6.990   -4.918  1.00 11.00 ? 76  PHE A CZ  1 
ATOM   553 N  N   . LEU A 1 77  ? -8.983  6.842   1.757   1.00 9.05  ? 77  LEU A N   1 
ATOM   554 C  CA  . LEU A 1 77  ? -9.770  6.336   2.863   1.00 10.81 ? 77  LEU A CA  1 
ATOM   555 C  C   . LEU A 1 77  ? -11.211 6.432   2.380   1.00 12.35 ? 77  LEU A C   1 
ATOM   556 O  O   . LEU A 1 77  ? -11.504 7.194   1.469   1.00 13.48 ? 77  LEU A O   1 
ATOM   557 C  CB  . LEU A 1 77  ? -9.560  7.207   4.100   1.00 10.61 ? 77  LEU A CB  1 
ATOM   558 C  CG  . LEU A 1 77  ? -8.092  7.346   4.509   1.00 13.09 ? 77  LEU A CG  1 
ATOM   559 C  CD1 . LEU A 1 77  ? -7.981  8.306   5.676   1.00 14.02 ? 77  LEU A CD1 1 
ATOM   560 C  CD2 . LEU A 1 77  ? -7.524  5.972   4.868   1.00 12.45 ? 77  LEU A CD2 1 
ATOM   561 N  N   . ALA A 1 78  ? -12.107 5.652   2.964   1.00 13.50 ? 78  ALA A N   1 
ATOM   562 C  CA  . ALA A 1 78  ? -13.498 5.709   2.548   1.00 13.84 ? 78  ALA A CA  1 
ATOM   563 C  C   . ALA A 1 78  ? -14.307 6.524   3.558   1.00 14.48 ? 78  ALA A C   1 
ATOM   564 O  O   . ALA A 1 78  ? -15.510 6.685   3.408   1.00 13.86 ? 78  ALA A O   1 
ATOM   565 C  CB  . ALA A 1 78  ? -14.060 4.300   2.421   1.00 14.65 ? 78  ALA A CB  1 
ATOM   566 N  N   . ASP A 1 79  ? -13.636 7.044   4.581   1.00 16.24 ? 79  ASP A N   1 
ATOM   567 C  CA  . ASP A 1 79  ? -14.303 7.835   5.609   1.00 18.29 ? 79  ASP A CA  1 
ATOM   568 C  C   . ASP A 1 79  ? -13.359 8.817   6.308   1.00 18.42 ? 79  ASP A C   1 
ATOM   569 O  O   . ASP A 1 79  ? -12.262 8.460   6.746   1.00 15.47 ? 79  ASP A O   1 
ATOM   570 C  CB  . ASP A 1 79  ? -14.973 6.891   6.629   1.00 20.63 ? 79  ASP A CB  1 
ATOM   571 C  CG  . ASP A 1 79  ? -15.559 7.626   7.832   1.00 23.75 ? 79  ASP A CG  1 
ATOM   572 O  OD1 . ASP A 1 79  ? -16.077 8.755   7.673   1.00 25.24 ? 79  ASP A OD1 1 
ATOM   573 O  OD2 . ASP A 1 79  ? -15.509 7.051   8.941   1.00 28.65 ? 79  ASP A OD2 1 
HETATM 574 N  N   . MSE A 1 80  ? -13.821 10.062  6.379   1.00 20.70 ? 80  MSE A N   1 
HETATM 575 C  CA  . MSE A 1 80  ? -13.116 11.181  7.000   1.00 22.97 ? 80  MSE A CA  1 
HETATM 576 C  C   . MSE A 1 80  ? -12.708 10.861  8.429   1.00 20.99 ? 80  MSE A C   1 
HETATM 577 O  O   . MSE A 1 80  ? -11.697 11.349  8.926   1.00 21.73 ? 80  MSE A O   1 
HETATM 578 C  CB  . MSE A 1 80  ? -14.040 12.389  7.028   1.00 28.02 ? 80  MSE A CB  1 
HETATM 579 C  CG  . MSE A 1 80  ? -15.061 12.385  5.905   1.00 34.38 ? 80  MSE A CG  1 
HETATM 580 SE SE  . MSE A 1 80  ? -16.660 13.264  6.450   1.00 43.97 ? 80  MSE A SE  1 
HETATM 581 C  CE  . MSE A 1 80  ? -15.978 15.086  6.560   1.00 42.40 ? 80  MSE A CE  1 
ATOM   582 N  N   . GLU A 1 81  ? -13.519 10.051  9.095   1.00 19.30 ? 81  GLU A N   1 
ATOM   583 C  CA  . GLU A 1 81  ? -13.248 9.680   10.474  1.00 19.13 ? 81  GLU A CA  1 
ATOM   584 C  C   . GLU A 1 81  ? -11.992 8.840   10.650  1.00 18.46 ? 81  GLU A C   1 
ATOM   585 O  O   . GLU A 1 81  ? -11.485 8.726   11.758  1.00 19.34 ? 81  GLU A O   1 
ATOM   586 C  CB  . GLU A 1 81  ? -14.452 8.934   11.056  1.00 18.61 ? 81  GLU A CB  1 
ATOM   587 C  CG  . GLU A 1 81  ? -15.561 9.848   11.541  1.00 18.34 ? 81  GLU A CG  1 
ATOM   588 C  CD  . GLU A 1 81  ? -15.126 10.661  12.746  1.00 19.50 ? 81  GLU A CD  1 
ATOM   589 O  OE1 . GLU A 1 81  ? -14.648 10.041  13.720  1.00 19.80 ? 81  GLU A OE1 1 
ATOM   590 O  OE2 . GLU A 1 81  ? -15.256 11.907  12.721  1.00 17.25 ? 81  GLU A OE2 1 
ATOM   591 N  N   . ASP A 1 82  ? -11.491 8.265   9.558   1.00 17.07 ? 82  ASP A N   1 
ATOM   592 C  CA  . ASP A 1 82  ? -10.301 7.416   9.611   1.00 16.98 ? 82  ASP A CA  1 
ATOM   593 C  C   . ASP A 1 82  ? -8.954  8.085   9.318   1.00 16.01 ? 82  ASP A C   1 
ATOM   594 O  O   . ASP A 1 82  ? -7.931  7.403   9.261   1.00 14.48 ? 82  ASP A O   1 
ATOM   595 C  CB  . ASP A 1 82  ? -10.477 6.218   8.674   1.00 16.64 ? 82  ASP A CB  1 
ATOM   596 C  CG  . ASP A 1 82  ? -11.600 5.298   9.116   1.00 19.56 ? 82  ASP A CG  1 
ATOM   597 O  OD1 . ASP A 1 82  ? -12.084 5.458   10.256  1.00 20.51 ? 82  ASP A OD1 1 
ATOM   598 O  OD2 . ASP A 1 82  ? -11.996 4.409   8.334   1.00 23.56 ? 82  ASP A OD2 1 
ATOM   599 N  N   . PHE A 1 83  ? -8.944  9.404   9.142   1.00 14.68 ? 83  PHE A N   1 
ATOM   600 C  CA  . PHE A 1 83  ? -7.694  10.109  8.866   1.00 15.07 ? 83  PHE A CA  1 
ATOM   601 C  C   . PHE A 1 83  ? -6.682  9.959   10.016  1.00 14.30 ? 83  PHE A C   1 
ATOM   602 O  O   . PHE A 1 83  ? -5.524  9.627   9.778   1.00 12.88 ? 83  PHE A O   1 
ATOM   603 C  CB  . PHE A 1 83  ? -7.963  11.598  8.577   1.00 16.29 ? 83  PHE A CB  1 
ATOM   604 C  CG  . PHE A 1 83  ? -8.413  11.883  7.160   1.00 17.35 ? 83  PHE A CG  1 
ATOM   605 C  CD1 . PHE A 1 83  ? -9.586  12.588  6.916   1.00 18.69 ? 83  PHE A CD1 1 
ATOM   606 C  CD2 . PHE A 1 83  ? -7.654  11.466  6.071   1.00 18.57 ? 83  PHE A CD2 1 
ATOM   607 C  CE1 . PHE A 1 83  ? -9.998  12.869  5.611   1.00 18.46 ? 83  PHE A CE1 1 
ATOM   608 C  CE2 . PHE A 1 83  ? -8.059  11.743  4.766   1.00 18.91 ? 83  PHE A CE2 1 
ATOM   609 C  CZ  . PHE A 1 83  ? -9.231  12.446  4.538   1.00 18.53 ? 83  PHE A CZ  1 
ATOM   610 N  N   . PRO A 1 84  ? -7.105  10.199  11.276  1.00 14.98 ? 84  PRO A N   1 
ATOM   611 C  CA  . PRO A 1 84  ? -6.217  10.078  12.444  1.00 13.79 ? 84  PRO A CA  1 
ATOM   612 C  C   . PRO A 1 84  ? -5.685  8.654   12.671  1.00 12.28 ? 84  PRO A C   1 
ATOM   613 O  O   . PRO A 1 84  ? -4.479  8.448   12.845  1.00 11.50 ? 84  PRO A O   1 
ATOM   614 C  CB  . PRO A 1 84  ? -7.107  10.537  13.603  1.00 13.83 ? 84  PRO A CB  1 
ATOM   615 C  CG  . PRO A 1 84  ? -8.054  11.476  12.961  1.00 14.36 ? 84  PRO A CG  1 
ATOM   616 C  CD  . PRO A 1 84  ? -8.409  10.753  11.687  1.00 16.05 ? 84  PRO A CD  1 
ATOM   617 N  N   . GLY A 1 85  ? -6.595  7.678   12.665  1.00 12.48 ? 85  GLY A N   1 
ATOM   618 C  CA  . GLY A 1 85  ? -6.221  6.286   12.877  1.00 12.50 ? 85  GLY A CA  1 
ATOM   619 C  C   . GLY A 1 85  ? -5.298  5.730   11.805  1.00 13.10 ? 85  GLY A C   1 
ATOM   620 O  O   . GLY A 1 85  ? -4.423  4.909   12.096  1.00 11.62 ? 85  GLY A O   1 
ATOM   621 N  N   . PHE A 1 86  ? -5.506  6.169   10.564  1.00 12.67 ? 86  PHE A N   1 
ATOM   622 C  CA  . PHE A 1 86  ? -4.681  5.739   9.443   1.00 12.43 ? 86  PHE A CA  1 
ATOM   623 C  C   . PHE A 1 86  ? -3.277  6.317   9.603   1.00 12.52 ? 86  PHE A C   1 
ATOM   624 O  O   . PHE A 1 86  ? -2.285  5.596   9.536   1.00 10.44 ? 86  PHE A O   1 
ATOM   625 C  CB  . PHE A 1 86  ? -5.296  6.214   8.119   1.00 12.44 ? 86  PHE A CB  1 
ATOM   626 C  CG  . PHE A 1 86  ? -4.361  6.119   6.948   1.00 12.16 ? 86  PHE A CG  1 
ATOM   627 C  CD1 . PHE A 1 86  ? -3.671  7.245   6.494   1.00 12.82 ? 86  PHE A CD1 1 
ATOM   628 C  CD2 . PHE A 1 86  ? -4.144  4.901   6.314   1.00 13.60 ? 86  PHE A CD2 1 
ATOM   629 C  CE1 . PHE A 1 86  ? -2.778  7.157   5.425   1.00 11.88 ? 86  PHE A CE1 1 
ATOM   630 C  CE2 . PHE A 1 86  ? -3.246  4.800   5.237   1.00 13.88 ? 86  PHE A CE2 1 
ATOM   631 C  CZ  . PHE A 1 86  ? -2.565  5.929   4.797   1.00 11.98 ? 86  PHE A CZ  1 
ATOM   632 N  N   . ASN A 1 87  ? -3.204  7.623   9.831   1.00 14.26 ? 87  ASN A N   1 
ATOM   633 C  CA  . ASN A 1 87  ? -1.920  8.287   9.999   1.00 15.83 ? 87  ASN A CA  1 
ATOM   634 C  C   . ASN A 1 87  ? -1.098  7.644   11.122  1.00 15.07 ? 87  ASN A C   1 
ATOM   635 O  O   . ASN A 1 87  ? 0.122   7.517   11.009  1.00 14.37 ? 87  ASN A O   1 
ATOM   636 C  CB  . ASN A 1 87  ? -2.130  9.775   10.286  1.00 18.20 ? 87  ASN A CB  1 
ATOM   637 C  CG  . ASN A 1 87  ? -0.827  10.546  10.339  1.00 20.39 ? 87  ASN A CG  1 
ATOM   638 O  OD1 . ASN A 1 87  ? -0.069  10.570  9.370   1.00 24.33 ? 87  ASN A OD1 1 
ATOM   639 N  ND2 . ASN A 1 87  ? -0.556  11.177  11.474  1.00 21.77 ? 87  ASN A ND2 1 
ATOM   640 N  N   . GLU A 1 88  ? -1.775  7.231   12.194  1.00 14.50 ? 88  GLU A N   1 
ATOM   641 C  CA  . GLU A 1 88  ? -1.115  6.594   13.339  1.00 15.03 ? 88  GLU A CA  1 
ATOM   642 C  C   . GLU A 1 88  ? -0.351  5.332   12.946  1.00 12.86 ? 88  GLU A C   1 
ATOM   643 O  O   . GLU A 1 88  ? 0.794   5.135   13.352  1.00 13.38 ? 88  GLU A O   1 
ATOM   644 C  CB  . GLU A 1 88  ? -2.141  6.243   14.422  1.00 16.37 ? 88  GLU A CB  1 
ATOM   645 C  CG  . GLU A 1 88  ? -1.545  5.444   15.586  1.00 21.51 ? 88  GLU A CG  1 
ATOM   646 C  CD  . GLU A 1 88  ? -2.538  5.182   16.711  1.00 24.24 ? 88  GLU A CD  1 
ATOM   647 O  OE1 . GLU A 1 88  ? -2.136  4.571   17.726  1.00 26.96 ? 88  GLU A OE1 1 
ATOM   648 O  OE2 . GLU A 1 88  ? -3.715  5.583   16.587  1.00 24.41 ? 88  GLU A OE2 1 
ATOM   649 N  N   . VAL A 1 89  ? -0.994  4.478   12.161  1.00 10.64 ? 89  VAL A N   1 
ATOM   650 C  CA  . VAL A 1 89  ? -0.375  3.240   11.711  1.00 12.47 ? 89  VAL A CA  1 
ATOM   651 C  C   . VAL A 1 89  ? 0.697   3.576   10.676  1.00 12.99 ? 89  VAL A C   1 
ATOM   652 O  O   . VAL A 1 89  ? 1.822   3.089   10.746  1.00 13.78 ? 89  VAL A O   1 
ATOM   653 C  CB  . VAL A 1 89  ? -1.434  2.288   11.077  1.00 8.66  ? 89  VAL A CB  1 
ATOM   654 C  CG1 . VAL A 1 89  ? -0.770  1.027   10.547  1.00 9.35  ? 89  VAL A CG1 1 
ATOM   655 C  CG2 . VAL A 1 89  ? -2.491  1.934   12.104  1.00 9.48  ? 89  VAL A CG2 1 
ATOM   656 N  N   . TYR A 1 90  ? 0.329   4.423   9.723   1.00 14.28 ? 90  TYR A N   1 
ATOM   657 C  CA  . TYR A 1 90  ? 1.219   4.863   8.652   1.00 14.76 ? 90  TYR A CA  1 
ATOM   658 C  C   . TYR A 1 90  ? 2.556   5.379   9.203   1.00 14.59 ? 90  TYR A C   1 
ATOM   659 O  O   . TYR A 1 90  ? 3.616   5.112   8.636   1.00 15.21 ? 90  TYR A O   1 
ATOM   660 C  CB  . TYR A 1 90  ? 0.520   5.970   7.850   1.00 12.52 ? 90  TYR A CB  1 
ATOM   661 C  CG  . TYR A 1 90  ? 1.262   6.441   6.614   1.00 14.30 ? 90  TYR A CG  1 
ATOM   662 C  CD1 . TYR A 1 90  ? 0.976   5.906   5.349   1.00 14.49 ? 90  TYR A CD1 1 
ATOM   663 C  CD2 . TYR A 1 90  ? 2.239   7.433   6.705   1.00 12.95 ? 90  TYR A CD2 1 
ATOM   664 C  CE1 . TYR A 1 90  ? 1.645   6.357   4.202   1.00 11.38 ? 90  TYR A CE1 1 
ATOM   665 C  CE2 . TYR A 1 90  ? 2.914   7.886   5.573   1.00 14.34 ? 90  TYR A CE2 1 
ATOM   666 C  CZ  . TYR A 1 90  ? 2.611   7.347   4.324   1.00 12.68 ? 90  TYR A CZ  1 
ATOM   667 O  OH  . TYR A 1 90  ? 3.273   7.824   3.217   1.00 9.54  ? 90  TYR A OH  1 
ATOM   668 N  N   . ALA A 1 91  ? 2.492   6.113   10.311  1.00 16.09 ? 91  ALA A N   1 
ATOM   669 C  CA  . ALA A 1 91  ? 3.680   6.686   10.948  1.00 17.43 ? 91  ALA A CA  1 
ATOM   670 C  C   . ALA A 1 91  ? 4.686   5.647   11.449  1.00 18.79 ? 91  ALA A C   1 
ATOM   671 O  O   . ALA A 1 91  ? 5.894   5.888   11.422  1.00 19.26 ? 91  ALA A O   1 
ATOM   672 C  CB  . ALA A 1 91  ? 3.258   7.603   12.099  1.00 16.26 ? 91  ALA A CB  1 
ATOM   673 N  N   . ARG A 1 92  ? 4.186   4.502   11.906  1.00 19.22 ? 92  ARG A N   1 
ATOM   674 C  CA  . ARG A 1 92  ? 5.033   3.423   12.412  1.00 19.66 ? 92  ARG A CA  1 
ATOM   675 C  C   . ARG A 1 92  ? 5.915   2.811   11.328  1.00 19.41 ? 92  ARG A C   1 
ATOM   676 O  O   . ARG A 1 92  ? 6.953   2.216   11.627  1.00 20.81 ? 92  ARG A O   1 
ATOM   677 C  CB  . ARG A 1 92  ? 4.184   2.284   12.983  1.00 19.82 ? 92  ARG A CB  1 
ATOM   678 C  CG  . ARG A 1 92  ? 3.178   2.660   14.042  1.00 23.29 ? 92  ARG A CG  1 
ATOM   679 C  CD  . ARG A 1 92  ? 2.292   1.456   14.329  1.00 24.92 ? 92  ARG A CD  1 
ATOM   680 N  NE  . ARG A 1 92  ? 1.012   1.836   14.922  1.00 29.15 ? 92  ARG A NE  1 
ATOM   681 C  CZ  . ARG A 1 92  ? -0.065  1.056   14.924  1.00 29.70 ? 92  ARG A CZ  1 
ATOM   682 N  NH1 . ARG A 1 92  ? -0.014  -0.149  14.366  1.00 29.88 ? 92  ARG A NH1 1 
ATOM   683 N  NH2 . ARG A 1 92  ? -1.197  1.486   15.467  1.00 28.90 ? 92  ARG A NH2 1 
ATOM   684 N  N   . TYR A 1 93  ? 5.495   2.939   10.073  1.00 18.70 ? 93  TYR A N   1 
ATOM   685 C  CA  . TYR A 1 93  ? 6.235   2.333   8.975   1.00 17.41 ? 93  TYR A CA  1 
ATOM   686 C  C   . TYR A 1 93  ? 7.300   3.173   8.301   1.00 17.61 ? 93  TYR A C   1 
ATOM   687 O  O   . TYR A 1 93  ? 8.130   2.642   7.570   1.00 16.23 ? 93  TYR A O   1 
ATOM   688 C  CB  . TYR A 1 93  ? 5.253   1.812   7.923   1.00 18.30 ? 93  TYR A CB  1 
ATOM   689 C  CG  . TYR A 1 93  ? 4.402   0.676   8.434   1.00 17.99 ? 93  TYR A CG  1 
ATOM   690 C  CD1 . TYR A 1 93  ? 3.350   0.909   9.316   1.00 17.45 ? 93  TYR A CD1 1 
ATOM   691 C  CD2 . TYR A 1 93  ? 4.690   -0.641  8.082   1.00 19.29 ? 93  TYR A CD2 1 
ATOM   692 C  CE1 . TYR A 1 93  ? 2.609   -0.137  9.837   1.00 17.28 ? 93  TYR A CE1 1 
ATOM   693 C  CE2 . TYR A 1 93  ? 3.959   -1.697  8.600   1.00 20.43 ? 93  TYR A CE2 1 
ATOM   694 C  CZ  . TYR A 1 93  ? 2.920   -1.438  9.474   1.00 19.54 ? 93  TYR A CZ  1 
ATOM   695 O  OH  . TYR A 1 93  ? 2.197   -2.483  9.988   1.00 22.91 ? 93  TYR A OH  1 
ATOM   696 N  N   . PHE A 1 94  ? 7.291   4.475   8.546   1.00 18.80 ? 94  PHE A N   1 
ATOM   697 C  CA  . PHE A 1 94  ? 8.276   5.343   7.923   1.00 19.06 ? 94  PHE A CA  1 
ATOM   698 C  C   . PHE A 1 94  ? 9.136   6.140   8.885   1.00 19.87 ? 94  PHE A C   1 
ATOM   699 O  O   . PHE A 1 94  ? 8.727   6.473   9.998   1.00 19.15 ? 94  PHE A O   1 
ATOM   700 C  CB  . PHE A 1 94  ? 7.600   6.305   6.948   1.00 18.24 ? 94  PHE A CB  1 
ATOM   701 C  CG  . PHE A 1 94  ? 6.883   5.624   5.829   1.00 18.13 ? 94  PHE A CG  1 
ATOM   702 C  CD1 . PHE A 1 94  ? 5.496   5.519   5.836   1.00 18.44 ? 94  PHE A CD1 1 
ATOM   703 C  CD2 . PHE A 1 94  ? 7.592   5.071   4.767   1.00 16.46 ? 94  PHE A CD2 1 
ATOM   704 C  CE1 . PHE A 1 94  ? 4.822   4.872   4.801   1.00 15.80 ? 94  PHE A CE1 1 
ATOM   705 C  CE2 . PHE A 1 94  ? 6.926   4.424   3.730   1.00 16.72 ? 94  PHE A CE2 1 
ATOM   706 C  CZ  . PHE A 1 94  ? 5.539   4.326   3.749   1.00 16.09 ? 94  PHE A CZ  1 
ATOM   707 N  N   . THR A 1 95  ? 10.338  6.448   8.413   1.00 22.58 ? 95  THR A N   1 
ATOM   708 C  CA  . THR A 1 95  ? 11.316  7.221   9.154   1.00 23.85 ? 95  THR A CA  1 
ATOM   709 C  C   . THR A 1 95  ? 11.832  8.316   8.216   1.00 24.07 ? 95  THR A C   1 
ATOM   710 O  O   . THR A 1 95  ? 11.760  8.181   6.994   1.00 22.79 ? 95  THR A O   1 
ATOM   711 C  CB  . THR A 1 95  ? 12.464  6.292   9.641   1.00 24.28 ? 95  THR A CB  1 
ATOM   712 O  OG1 . THR A 1 95  ? 12.239  5.958   11.014  1.00 25.06 ? 95  THR A OG1 1 
ATOM   713 C  CG2 . THR A 1 95  ? 13.828  6.944   9.479   1.00 25.17 ? 95  THR A CG2 1 
ATOM   714 N  N   . PRO A 1 96  ? 12.335  9.429   8.776   1.00 24.43 ? 96  PRO A N   1 
ATOM   715 C  CA  . PRO A 1 96  ? 12.847  10.517  7.937   1.00 24.29 ? 96  PRO A CA  1 
ATOM   716 C  C   . PRO A 1 96  ? 14.000  10.047  7.049   1.00 24.66 ? 96  PRO A C   1 
ATOM   717 O  O   . PRO A 1 96  ? 14.880  9.313   7.504   1.00 25.34 ? 96  PRO A O   1 
ATOM   718 C  CB  . PRO A 1 96  ? 13.296  11.554  8.960   1.00 25.06 ? 96  PRO A CB  1 
ATOM   719 C  CG  . PRO A 1 96  ? 12.367  11.314  10.116  1.00 25.68 ? 96  PRO A CG  1 
ATOM   720 C  CD  . PRO A 1 96  ? 12.348  9.811   10.200  1.00 24.09 ? 96  PRO A CD  1 
ATOM   721 N  N   . PRO A 1 97  ? 14.010  10.457  5.768   1.00 23.76 ? 97  PRO A N   1 
ATOM   722 C  CA  . PRO A 1 97  ? 13.025  11.320  5.106   1.00 22.42 ? 97  PRO A CA  1 
ATOM   723 C  C   . PRO A 1 97  ? 11.733  10.561  4.840   1.00 20.76 ? 97  PRO A C   1 
ATOM   724 O  O   . PRO A 1 97  ? 11.769  9.407   4.406   1.00 20.36 ? 97  PRO A O   1 
ATOM   725 C  CB  . PRO A 1 97  ? 13.710  11.695  3.786   1.00 21.88 ? 97  PRO A CB  1 
ATOM   726 C  CG  . PRO A 1 97  ? 15.153  11.370  3.999   1.00 22.53 ? 97  PRO A CG  1 
ATOM   727 C  CD  . PRO A 1 97  ? 15.112  10.145  4.845   1.00 23.39 ? 97  PRO A CD  1 
ATOM   728 N  N   . TYR A 1 98  ? 10.599  11.203  5.106   1.00 18.73 ? 98  TYR A N   1 
ATOM   729 C  CA  . TYR A 1 98  ? 9.302   10.583  4.849   1.00 18.16 ? 98  TYR A CA  1 
ATOM   730 C  C   . TYR A 1 98  ? 8.918   10.809  3.384   1.00 15.91 ? 98  TYR A C   1 
ATOM   731 O  O   . TYR A 1 98  ? 9.392   11.747  2.742   1.00 15.91 ? 98  TYR A O   1 
ATOM   732 C  CB  . TYR A 1 98  ? 8.219   11.182  5.749   1.00 17.20 ? 98  TYR A CB  1 
ATOM   733 C  CG  . TYR A 1 98  ? 8.401   10.898  7.221   1.00 19.44 ? 98  TYR A CG  1 
ATOM   734 C  CD1 . TYR A 1 98  ? 8.927   11.864  8.080   1.00 20.70 ? 98  TYR A CD1 1 
ATOM   735 C  CD2 . TYR A 1 98  ? 8.042   9.662   7.756   1.00 20.76 ? 98  TYR A CD2 1 
ATOM   736 C  CE1 . TYR A 1 98  ? 9.091   11.602  9.438   1.00 21.56 ? 98  TYR A CE1 1 
ATOM   737 C  CE2 . TYR A 1 98  ? 8.202   9.389   9.106   1.00 20.79 ? 98  TYR A CE2 1 
ATOM   738 C  CZ  . TYR A 1 98  ? 8.726   10.360  9.943   1.00 21.52 ? 98  TYR A CZ  1 
ATOM   739 O  OH  . TYR A 1 98  ? 8.903   10.080  11.279  1.00 18.20 ? 98  TYR A OH  1 
ATOM   740 N  N   . PRO A 1 99  ? 8.058   9.944   2.832   1.00 15.03 ? 99  PRO A N   1 
ATOM   741 C  CA  . PRO A 1 99  ? 7.653   10.114  1.432   1.00 13.89 ? 99  PRO A CA  1 
ATOM   742 C  C   . PRO A 1 99  ? 6.715   11.301  1.279   1.00 11.57 ? 99  PRO A C   1 
ATOM   743 O  O   . PRO A 1 99  ? 6.114   11.743  2.253   1.00 11.97 ? 99  PRO A O   1 
ATOM   744 C  CB  . PRO A 1 99  ? 6.927   8.803   1.111   1.00 14.47 ? 99  PRO A CB  1 
ATOM   745 C  CG  . PRO A 1 99  ? 7.461   7.820   2.142   1.00 15.92 ? 99  PRO A CG  1 
ATOM   746 C  CD  . PRO A 1 99  ? 7.547   8.676   3.380   1.00 15.74 ? 99  PRO A CD  1 
ATOM   747 N  N   . ALA A 1 100 ? 6.613   11.831  0.063   1.00 12.58 ? 100 ALA A N   1 
ATOM   748 C  CA  . ALA A 1 100 ? 5.672   12.916  -0.206  1.00 11.54 ? 100 ALA A CA  1 
ATOM   749 C  C   . ALA A 1 100 ? 4.359   12.146  -0.097  1.00 12.52 ? 100 ALA A C   1 
ATOM   750 O  O   . ALA A 1 100 ? 4.337   10.936  -0.342  1.00 12.54 ? 100 ALA A O   1 
ATOM   751 C  CB  . ALA A 1 100 ? 5.853   13.452  -1.613  1.00 11.13 ? 100 ALA A CB  1 
ATOM   752 N  N   . ARG A 1 101 ? 3.273   12.807  0.276   1.00 11.95 ? 101 ARG A N   1 
ATOM   753 C  CA  . ARG A 1 101 ? 2.023   12.082  0.439   1.00 10.94 ? 101 ARG A CA  1 
ATOM   754 C  C   . ARG A 1 101 ? 0.789   12.884  0.085   1.00 11.07 ? 101 ARG A C   1 
ATOM   755 O  O   . ARG A 1 101 ? 0.787   14.107  0.149   1.00 10.22 ? 101 ARG A O   1 
ATOM   756 C  CB  . ARG A 1 101 ? 1.891   11.600  1.893   1.00 11.87 ? 101 ARG A CB  1 
ATOM   757 C  CG  . ARG A 1 101 ? 0.650   10.758  2.167   1.00 13.48 ? 101 ARG A CG  1 
ATOM   758 C  CD  . ARG A 1 101 ? 0.582   10.271  3.620   1.00 14.59 ? 101 ARG A CD  1 
ATOM   759 N  NE  . ARG A 1 101 ? 0.265   11.334  4.573   1.00 13.51 ? 101 ARG A NE  1 
ATOM   760 C  CZ  . ARG A 1 101 ? 0.052   11.135  5.873   1.00 13.76 ? 101 ARG A CZ  1 
ATOM   761 N  NH1 . ARG A 1 101 ? 0.118   9.909   6.387   1.00 12.76 ? 101 ARG A NH1 1 
ATOM   762 N  NH2 . ARG A 1 101 ? -0.219  12.166  6.661   1.00 12.41 ? 101 ARG A NH2 1 
ATOM   763 N  N   . ALA A 1 102 ? -0.258  12.167  -0.296  1.00 10.00 ? 102 ALA A N   1 
ATOM   764 C  CA  . ALA A 1 102 ? -1.541  12.774  -0.603  1.00 12.02 ? 102 ALA A CA  1 
ATOM   765 C  C   . ALA A 1 102 ? -2.537  11.823  0.044   1.00 10.38 ? 102 ALA A C   1 
ATOM   766 O  O   . ALA A 1 102 ? -2.417  10.604  -0.099  1.00 8.44  ? 102 ALA A O   1 
ATOM   767 C  CB  . ALA A 1 102 ? -1.768  12.861  -2.114  1.00 10.55 ? 102 ALA A CB  1 
ATOM   768 N  N   . THR A 1 103 ? -3.492  12.376  0.782   1.00 11.27 ? 103 THR A N   1 
ATOM   769 C  CA  . THR A 1 103 ? -4.496  11.552  1.450   1.00 10.64 ? 103 THR A CA  1 
ATOM   770 C  C   . THR A 1 103 ? -5.883  12.155  1.256   1.00 9.71  ? 103 THR A C   1 
ATOM   771 O  O   . THR A 1 103 ? -6.086  13.353  1.439   1.00 9.50  ? 103 THR A O   1 
ATOM   772 C  CB  . THR A 1 103 ? -4.199  11.411  2.967   1.00 10.90 ? 103 THR A CB  1 
ATOM   773 O  OG1 . THR A 1 103 ? -4.630  12.588  3.660   1.00 16.20 ? 103 THR A OG1 1 
ATOM   774 C  CG2 . THR A 1 103 ? -2.715  11.237  3.196   1.00 6.80  ? 103 THR A CG2 1 
ATOM   775 N  N   . VAL A 1 104 ? -6.836  11.316  0.875   1.00 8.23  ? 104 VAL A N   1 
ATOM   776 C  CA  . VAL A 1 104 ? -8.196  11.782  0.638   1.00 10.32 ? 104 VAL A CA  1 
ATOM   777 C  C   . VAL A 1 104 ? -9.199  10.733  1.084   1.00 10.39 ? 104 VAL A C   1 
ATOM   778 O  O   . VAL A 1 104 ? -8.852  9.561   1.205   1.00 9.33  ? 104 VAL A O   1 
ATOM   779 C  CB  . VAL A 1 104 ? -8.436  12.084  -0.876  1.00 8.40  ? 104 VAL A CB  1 
ATOM   780 C  CG1 . VAL A 1 104 ? -7.473  13.160  -1.361  1.00 9.56  ? 104 VAL A CG1 1 
ATOM   781 C  CG2 . VAL A 1 104 ? -8.264  10.810  -1.706  1.00 9.12  ? 104 VAL A CG2 1 
ATOM   782 N  N   . ALA A 1 105 ? -10.431 11.167  1.355   1.00 10.96 ? 105 ALA A N   1 
ATOM   783 C  CA  . ALA A 1 105 ? -11.502 10.255  1.740   1.00 9.71  ? 105 ALA A CA  1 
ATOM   784 C  C   . ALA A 1 105 ? -12.389 10.145  0.500   1.00 10.69 ? 105 ALA A C   1 
ATOM   785 O  O   . ALA A 1 105 ? -12.965 11.140  0.056   1.00 11.56 ? 105 ALA A O   1 
ATOM   786 C  CB  . ALA A 1 105 ? -12.310 10.822  2.909   1.00 9.51  ? 105 ALA A CB  1 
ATOM   787 N  N   . VAL A 1 106 ? -12.486 8.949   -0.067  1.00 10.25 ? 106 VAL A N   1 
ATOM   788 C  CA  . VAL A 1 106 ? -13.297 8.740   -1.259  1.00 10.18 ? 106 VAL A CA  1 
ATOM   789 C  C   . VAL A 1 106 ? -14.674 8.182   -0.910  1.00 11.64 ? 106 VAL A C   1 
ATOM   790 O  O   . VAL A 1 106 ? -14.967 7.906   0.256   1.00 9.96  ? 106 VAL A O   1 
ATOM   791 C  CB  . VAL A 1 106 ? -12.591 7.784   -2.249  1.00 10.48 ? 106 VAL A CB  1 
ATOM   792 C  CG1 . VAL A 1 106 ? -11.309 8.433   -2.766  1.00 8.83  ? 106 VAL A CG1 1 
ATOM   793 C  CG2 . VAL A 1 106 ? -12.283 6.452   -1.574  1.00 9.09  ? 106 VAL A CG2 1 
ATOM   794 N  N   . LYS A 1 107 ? -15.527 8.036   -1.920  1.00 13.03 ? 107 LYS A N   1 
ATOM   795 C  CA  . LYS A 1 107 ? -16.861 7.505   -1.686  1.00 13.92 ? 107 LYS A CA  1 
ATOM   796 C  C   . LYS A 1 107 ? -16.803 6.038   -1.295  1.00 12.49 ? 107 LYS A C   1 
ATOM   797 O  O   . LYS A 1 107 ? -17.486 5.611   -0.365  1.00 14.64 ? 107 LYS A O   1 
ATOM   798 C  CB  . LYS A 1 107 ? -17.744 7.667   -2.923  1.00 15.79 ? 107 LYS A CB  1 
ATOM   799 C  CG  . LYS A 1 107 ? -19.147 7.135   -2.694  1.00 17.29 ? 107 LYS A CG  1 
ATOM   800 C  CD  . LYS A 1 107 ? -20.156 7.686   -3.685  1.00 21.19 ? 107 LYS A CD  1 
ATOM   801 C  CE  . LYS A 1 107 ? -19.980 7.094   -5.064  1.00 22.17 ? 107 LYS A CE  1 
ATOM   802 N  NZ  . LYS A 1 107 ? -21.193 7.373   -5.875  1.00 23.29 ? 107 LYS A NZ  1 
ATOM   803 N  N   . ALA A 1 108 ? -15.982 5.270   -2.003  1.00 11.91 ? 108 ALA A N   1 
ATOM   804 C  CA  . ALA A 1 108 ? -15.839 3.846   -1.724  1.00 11.55 ? 108 ALA A CA  1 
ATOM   805 C  C   . ALA A 1 108 ? -14.561 3.275   -2.322  1.00 10.69 ? 108 ALA A C   1 
ATOM   806 O  O   . ALA A 1 108 ? -14.011 3.805   -3.288  1.00 11.83 ? 108 ALA A O   1 
ATOM   807 C  CB  . ALA A 1 108 ? -17.061 3.073   -2.259  1.00 8.70  ? 108 ALA A CB  1 
ATOM   808 N  N   . LEU A 1 109 ? -14.097 2.183   -1.731  1.00 10.80 ? 109 LEU A N   1 
ATOM   809 C  CA  . LEU A 1 109 ? -12.896 1.499   -2.177  1.00 9.79  ? 109 LEU A CA  1 
ATOM   810 C  C   . LEU A 1 109 ? -13.264 0.074   -2.568  1.00 10.20 ? 109 LEU A C   1 
ATOM   811 O  O   . LEU A 1 109 ? -14.341 -0.417  -2.233  1.00 9.08  ? 109 LEU A O   1 
ATOM   812 C  CB  . LEU A 1 109 ? -11.862 1.462   -1.047  1.00 8.38  ? 109 LEU A CB  1 
ATOM   813 C  CG  . LEU A 1 109 ? -11.277 2.795   -0.587  1.00 7.70  ? 109 LEU A CG  1 
ATOM   814 C  CD1 . LEU A 1 109 ? -10.385 2.573   0.615   1.00 7.72  ? 109 LEU A CD1 1 
ATOM   815 C  CD2 . LEU A 1 109 ? -10.492 3.419   -1.735  1.00 7.63  ? 109 LEU A CD2 1 
ATOM   816 N  N   . PRO A 1 110 ? -12.374 -0.609  -3.292  1.00 11.81 ? 110 PRO A N   1 
ATOM   817 C  CA  . PRO A 1 110 ? -12.643 -1.987  -3.700  1.00 13.22 ? 110 PRO A CA  1 
ATOM   818 C  C   . PRO A 1 110 ? -13.133 -2.853  -2.528  1.00 13.65 ? 110 PRO A C   1 
ATOM   819 O  O   . PRO A 1 110 ? -12.546 -2.845  -1.440  1.00 12.35 ? 110 PRO A O   1 
ATOM   820 C  CB  . PRO A 1 110 ? -11.289 -2.443  -4.238  1.00 13.80 ? 110 PRO A CB  1 
ATOM   821 C  CG  . PRO A 1 110 ? -10.787 -1.202  -4.907  1.00 12.31 ? 110 PRO A CG  1 
ATOM   822 C  CD  . PRO A 1 110 ? -11.121 -0.115  -3.896  1.00 12.58 ? 110 PRO A CD  1 
ATOM   823 N  N   . ARG A 1 111 ? -14.223 -3.580  -2.763  1.00 14.66 ? 111 ARG A N   1 
ATOM   824 C  CA  . ARG A 1 111 ? -14.817 -4.475  -1.773  1.00 15.28 ? 111 ARG A CA  1 
ATOM   825 C  C   . ARG A 1 111 ? -15.254 -3.830  -0.454  1.00 14.02 ? 111 ARG A C   1 
ATOM   826 O  O   . ARG A 1 111 ? -15.366 -4.509  0.568   1.00 14.10 ? 111 ARG A O   1 
ATOM   827 C  CB  . ARG A 1 111 ? -13.868 -5.655  -1.522  1.00 16.46 ? 111 ARG A CB  1 
ATOM   828 C  CG  . ARG A 1 111 ? -13.683 -6.495  -2.789  1.00 19.29 ? 111 ARG A CG  1 
ATOM   829 C  CD  . ARG A 1 111 ? -12.633 -7.572  -2.668  1.00 25.64 ? 111 ARG A CD  1 
ATOM   830 N  NE  . ARG A 1 111 ? -13.036 -8.673  -1.799  1.00 29.76 ? 111 ARG A NE  1 
ATOM   831 C  CZ  . ARG A 1 111 ? -12.288 -9.750  -1.572  1.00 29.01 ? 111 ARG A CZ  1 
ATOM   832 N  NH1 . ARG A 1 111 ? -11.101 -9.871  -2.154  1.00 28.84 ? 111 ARG A NH1 1 
ATOM   833 N  NH2 . ARG A 1 111 ? -12.721 -10.699 -0.754  1.00 30.55 ? 111 ARG A NH2 1 
ATOM   834 N  N   . GLY A 1 112 ? -15.517 -2.525  -0.493  1.00 12.28 ? 112 GLY A N   1 
ATOM   835 C  CA  . GLY A 1 112 ? -15.982 -1.810  0.687   1.00 12.72 ? 112 GLY A CA  1 
ATOM   836 C  C   . GLY A 1 112 ? -14.971 -1.563  1.792   1.00 12.73 ? 112 GLY A C   1 
ATOM   837 O  O   . GLY A 1 112 ? -15.329 -1.147  2.894   1.00 12.18 ? 112 GLY A O   1 
ATOM   838 N  N   . VAL A 1 113 ? -13.705 -1.821  1.492   1.00 12.28 ? 113 VAL A N   1 
ATOM   839 C  CA  . VAL A 1 113 ? -12.612 -1.628  2.437   1.00 11.47 ? 113 VAL A CA  1 
ATOM   840 C  C   . VAL A 1 113 ? -12.496 -0.173  2.926   1.00 11.94 ? 113 VAL A C   1 
ATOM   841 O  O   . VAL A 1 113 ? -13.048 0.743   2.318   1.00 10.79 ? 113 VAL A O   1 
ATOM   842 C  CB  . VAL A 1 113 ? -11.300 -2.079  1.774   1.00 13.75 ? 113 VAL A CB  1 
ATOM   843 C  CG1 . VAL A 1 113 ? -10.119 -1.416  2.424   1.00 14.90 ? 113 VAL A CG1 1 
ATOM   844 C  CG2 . VAL A 1 113 ? -11.194 -3.602  1.853   1.00 12.22 ? 113 VAL A CG2 1 
ATOM   845 N  N   . ARG A 1 114 ? -11.778 0.028   4.029   1.00 11.35 ? 114 ARG A N   1 
ATOM   846 C  CA  . ARG A 1 114 ? -11.592 1.360   4.608   1.00 12.93 ? 114 ARG A CA  1 
ATOM   847 C  C   . ARG A 1 114 ? -10.374 2.102   4.059   1.00 12.28 ? 114 ARG A C   1 
ATOM   848 O  O   . ARG A 1 114 ? -10.326 3.336   4.082   1.00 11.26 ? 114 ARG A O   1 
ATOM   849 C  CB  . ARG A 1 114 ? -11.416 1.270   6.133   1.00 14.29 ? 114 ARG A CB  1 
ATOM   850 C  CG  . ARG A 1 114 ? -12.587 0.719   6.953   1.00 16.76 ? 114 ARG A CG  1 
ATOM   851 C  CD  . ARG A 1 114 ? -12.143 0.627   8.415   1.00 19.46 ? 114 ARG A CD  1 
ATOM   852 N  NE  . ARG A 1 114 ? -13.183 0.180   9.341   1.00 22.67 ? 114 ARG A NE  1 
ATOM   853 C  CZ  . ARG A 1 114 ? -14.198 0.928   9.765   1.00 22.17 ? 114 ARG A CZ  1 
ATOM   854 N  NH1 . ARG A 1 114 ? -14.333 2.181   9.348   1.00 23.15 ? 114 ARG A NH1 1 
ATOM   855 N  NH2 . ARG A 1 114 ? -15.068 0.428   10.632  1.00 24.14 ? 114 ARG A NH2 1 
ATOM   856 N  N   . VAL A 1 115 ? -9.393  1.354   3.568   1.00 11.19 ? 115 VAL A N   1 
ATOM   857 C  CA  . VAL A 1 115 ? -8.160  1.967   3.095   1.00 11.18 ? 115 VAL A CA  1 
ATOM   858 C  C   . VAL A 1 115 ? -7.472  1.302   1.904   1.00 10.94 ? 115 VAL A C   1 
ATOM   859 O  O   . VAL A 1 115 ? -7.499  0.074   1.747   1.00 12.35 ? 115 VAL A O   1 
ATOM   860 C  CB  . VAL A 1 115 ? -7.142  2.046   4.270   1.00 10.63 ? 115 VAL A CB  1 
ATOM   861 C  CG1 . VAL A 1 115 ? -6.971  0.668   4.902   1.00 9.65  ? 115 VAL A CG1 1 
ATOM   862 C  CG2 . VAL A 1 115 ? -5.804  2.570   3.791   1.00 11.03 ? 115 VAL A CG2 1 
ATOM   863 N  N   . GLU A 1 116 ? -6.867  2.141   1.067   1.00 10.26 ? 116 GLU A N   1 
ATOM   864 C  CA  . GLU A 1 116 ? -6.104  1.705   -0.099  1.00 10.07 ? 116 GLU A CA  1 
ATOM   865 C  C   . GLU A 1 116 ? -4.925  2.658   -0.226  1.00 9.35  ? 116 GLU A C   1 
ATOM   866 O  O   . GLU A 1 116 ? -5.106  3.881   -0.266  1.00 9.62  ? 116 GLU A O   1 
ATOM   867 C  CB  . GLU A 1 116 ? -6.933  1.772   -1.384  1.00 11.46 ? 116 GLU A CB  1 
ATOM   868 C  CG  . GLU A 1 116 ? -6.184  1.261   -2.619  1.00 10.48 ? 116 GLU A CG  1 
ATOM   869 C  CD  . GLU A 1 116 ? -6.984  1.416   -3.905  1.00 12.59 ? 116 GLU A CD  1 
ATOM   870 O  OE1 . GLU A 1 116 ? -8.228  1.366   -3.851  1.00 10.85 ? 116 GLU A OE1 1 
ATOM   871 O  OE2 . GLU A 1 116 ? -6.370  1.570   -4.979  1.00 10.70 ? 116 GLU A OE2 1 
ATOM   872 N  N   . VAL A 1 117 ? -3.721  2.098   -0.286  1.00 9.51  ? 117 VAL A N   1 
ATOM   873 C  CA  . VAL A 1 117 ? -2.518  2.902   -0.413  1.00 9.02  ? 117 VAL A CA  1 
ATOM   874 C  C   . VAL A 1 117 ? -1.659  2.463   -1.591  1.00 9.77  ? 117 VAL A C   1 
ATOM   875 O  O   . VAL A 1 117 ? -1.269  1.299   -1.692  1.00 10.81 ? 117 VAL A O   1 
ATOM   876 C  CB  . VAL A 1 117 ? -1.645  2.836   0.865   1.00 8.28  ? 117 VAL A CB  1 
ATOM   877 C  CG1 . VAL A 1 117 ? -0.366  3.667   0.668   1.00 5.12  ? 117 VAL A CG1 1 
ATOM   878 C  CG2 . VAL A 1 117 ? -2.445  3.335   2.067   1.00 9.50  ? 117 VAL A CG2 1 
ATOM   879 N  N   . ALA A 1 118 ? -1.373  3.405   -2.482  1.00 10.96 ? 118 ALA A N   1 
ATOM   880 C  CA  . ALA A 1 118 ? -0.523  3.131   -3.631  1.00 10.55 ? 118 ALA A CA  1 
ATOM   881 C  C   . ALA A 1 118 ? 0.747   3.927   -3.382  1.00 9.47  ? 118 ALA A C   1 
ATOM   882 O  O   . ALA A 1 118 ? 0.746   4.856   -2.580  1.00 11.55 ? 118 ALA A O   1 
ATOM   883 C  CB  . ALA A 1 118 ? -1.195  3.589   -4.914  1.00 10.51 ? 118 ALA A CB  1 
ATOM   884 N  N   . CYS A 1 119 ? 1.840   3.563   -4.037  1.00 10.41 ? 119 CYS A N   1 
ATOM   885 C  CA  . CYS A 1 119 ? 3.073   4.313   -3.835  1.00 9.87  ? 119 CYS A CA  1 
ATOM   886 C  C   . CYS A 1 119 ? 4.053   4.170   -4.974  1.00 9.05  ? 119 CYS A C   1 
ATOM   887 O  O   . CYS A 1 119 ? 3.869   3.352   -5.876  1.00 9.34  ? 119 CYS A O   1 
ATOM   888 C  CB  . CYS A 1 119 ? 3.764   3.900   -2.522  1.00 9.79  ? 119 CYS A CB  1 
ATOM   889 S  SG  . CYS A 1 119 ? 4.661   2.323   -2.539  1.00 8.01  ? 119 CYS A SG  1 
ATOM   890 N  N   . VAL A 1 120 ? 5.090   4.999   -4.920  1.00 8.65  ? 120 VAL A N   1 
ATOM   891 C  CA  . VAL A 1 120 ? 6.162   4.998   -5.902  1.00 8.91  ? 120 VAL A CA  1 
ATOM   892 C  C   . VAL A 1 120 ? 7.449   5.033   -5.085  1.00 10.19 ? 120 VAL A C   1 
ATOM   893 O  O   . VAL A 1 120 ? 7.592   5.846   -4.169  1.00 8.55  ? 120 VAL A O   1 
ATOM   894 C  CB  . VAL A 1 120 ? 6.102   6.244   -6.819  1.00 8.78  ? 120 VAL A CB  1 
ATOM   895 C  CG1 . VAL A 1 120 ? 7.329   6.291   -7.713  1.00 9.36  ? 120 VAL A CG1 1 
ATOM   896 C  CG2 . VAL A 1 120 ? 4.840   6.207   -7.671  1.00 9.32  ? 120 VAL A CG2 1 
ATOM   897 N  N   . ALA A 1 121 ? 8.374   4.135   -5.398  1.00 10.03 ? 121 ALA A N   1 
ATOM   898 C  CA  . ALA A 1 121 ? 9.634   4.081   -4.681  1.00 11.37 ? 121 ALA A CA  1 
ATOM   899 C  C   . ALA A 1 121 ? 10.781  4.006   -5.668  1.00 13.89 ? 121 ALA A C   1 
ATOM   900 O  O   . ALA A 1 121 ? 10.573  3.830   -6.866  1.00 13.28 ? 121 ALA A O   1 
ATOM   901 C  CB  . ALA A 1 121 ? 9.663   2.861   -3.752  1.00 11.09 ? 121 ALA A CB  1 
ATOM   902 N  N   . LEU A 1 122 ? 11.994  4.152   -5.151  1.00 16.79 ? 122 LEU A N   1 
ATOM   903 C  CA  . LEU A 1 122 ? 13.191  4.072   -5.970  1.00 21.04 ? 122 LEU A CA  1 
ATOM   904 C  C   . LEU A 1 122 ? 13.618  2.614   -6.126  1.00 24.06 ? 122 LEU A C   1 
ATOM   905 O  O   . LEU A 1 122 ? 13.549  1.827   -5.174  1.00 23.23 ? 122 LEU A O   1 
ATOM   906 C  CB  . LEU A 1 122 ? 14.328  4.856   -5.319  1.00 20.63 ? 122 LEU A CB  1 
ATOM   907 C  CG  . LEU A 1 122 ? 14.221  6.378   -5.302  1.00 20.66 ? 122 LEU A CG  1 
ATOM   908 C  CD1 . LEU A 1 122 ? 15.287  6.950   -4.378  1.00 20.55 ? 122 LEU A CD1 1 
ATOM   909 C  CD2 . LEU A 1 122 ? 14.382  6.912   -6.717  1.00 20.03 ? 122 LEU A CD2 1 
ATOM   910 N  N   . ALA A 1 123 ? 14.050  2.266   -7.336  1.00 28.07 ? 123 ALA A N   1 
ATOM   911 C  CA  . ALA A 1 123 ? 14.529  0.923   -7.637  1.00 31.50 ? 123 ALA A CA  1 
ATOM   912 C  C   . ALA A 1 123 ? 16.033  0.929   -7.374  1.00 35.19 ? 123 ALA A C   1 
ATOM   913 O  O   . ALA A 1 123 ? 16.637  1.998   -7.237  1.00 35.45 ? 123 ALA A O   1 
ATOM   914 C  CB  . ALA A 1 123 ? 14.254  0.580   -9.096  1.00 30.59 ? 123 ALA A CB  1 
ATOM   915 N  N   . GLU A 1 124 ? 16.639  -0.254  -7.301  1.00 38.73 ? 124 GLU A N   1 
ATOM   916 C  CA  . GLU A 1 124 ? 18.078  -0.352  -7.048  1.00 41.83 ? 124 GLU A CA  1 
ATOM   917 C  C   . GLU A 1 124 ? 18.873  -0.575  -8.331  1.00 42.22 ? 124 GLU A C   1 
ATOM   918 O  O   . GLU A 1 124 ? 19.650  -1.553  -8.383  1.00 42.95 ? 124 GLU A O   1 
ATOM   919 C  CB  . GLU A 1 124 ? 18.364  -1.489  -6.062  1.00 43.31 ? 124 GLU A CB  1 
ATOM   920 C  CG  . GLU A 1 124 ? 17.902  -1.217  -4.634  1.00 45.95 ? 124 GLU A CG  1 
ATOM   921 C  CD  . GLU A 1 124 ? 18.672  -0.084  -3.976  1.00 46.21 ? 124 GLU A CD  1 
ATOM   922 O  OE1 . GLU A 1 124 ? 18.530  1.072   -4.428  1.00 46.80 ? 124 GLU A OE1 1 
ATOM   923 O  OE2 . GLU A 1 124 ? 19.423  -0.354  -3.010  1.00 46.81 ? 124 GLU A OE2 1 
ATOM   924 O  OXT . GLU A 1 124 ? 18.718  0.239   -9.265  1.00 43.51 ? 124 GLU A OXT 1 
HETATM 925 O  O   . HOH B 2 .   ? -15.274 1.581   0.559   1.00 10.38 ? 125 HOH A O   1 
HETATM 926 O  O   . HOH B 2 .   ? -3.329  -2.384  -14.298 1.00 9.74  ? 126 HOH A O   1 
HETATM 927 O  O   . HOH B 2 .   ? 1.730   7.268   -4.991  1.00 10.42 ? 127 HOH A O   1 
HETATM 928 O  O   . HOH B 2 .   ? 2.293   8.320   -8.689  1.00 15.00 ? 128 HOH A O   1 
HETATM 929 O  O   . HOH B 2 .   ? -14.098 7.290   13.962  1.00 19.68 ? 129 HOH A O   1 
HETATM 930 O  O   . HOH B 2 .   ? 1.150   3.320   -8.067  1.00 18.44 ? 130 HOH A O   1 
HETATM 931 O  O   . HOH B 2 .   ? -17.266 -0.427  -2.910  1.00 12.49 ? 131 HOH A O   1 
HETATM 932 O  O   . HOH B 2 .   ? -11.003 -3.857  14.702  1.00 15.14 ? 132 HOH A O   1 
HETATM 933 O  O   . HOH B 2 .   ? -11.977 4.756   5.979   1.00 11.28 ? 133 HOH A O   1 
HETATM 934 O  O   . HOH B 2 .   ? -3.829  -5.482  -1.606  1.00 12.08 ? 134 HOH A O   1 
HETATM 935 O  O   . HOH B 2 .   ? -14.718 -4.061  -5.437  1.00 19.35 ? 135 HOH A O   1 
HETATM 936 O  O   . HOH B 2 .   ? -18.075 -0.852  3.209   1.00 18.91 ? 136 HOH A O   1 
HETATM 937 O  O   . HOH B 2 .   ? 10.641  6.617   2.518   1.00 17.61 ? 137 HOH A O   1 
HETATM 938 O  O   . HOH B 2 .   ? 11.128  13.801  6.228   1.00 13.88 ? 138 HOH A O   1 
HETATM 939 O  O   . HOH B 2 .   ? 12.009  5.039   6.384   1.00 27.35 ? 139 HOH A O   1 
HETATM 940 O  O   . HOH B 2 .   ? 17.993  -3.441  -2.108  1.00 11.52 ? 140 HOH A O   1 
HETATM 941 O  O   . HOH B 2 .   ? -9.212  7.592   12.803  1.00 18.64 ? 141 HOH A O   1 
HETATM 942 O  O   . HOH B 2 .   ? 1.689   12.467  -3.120  1.00 25.49 ? 142 HOH A O   1 
HETATM 943 O  O   . HOH B 2 .   ? 8.620   -12.109 -1.927  1.00 17.82 ? 143 HOH A O   1 
HETATM 944 O  O   . HOH B 2 .   ? 1.758   -9.312  -9.525  1.00 21.83 ? 144 HOH A O   1 
HETATM 945 O  O   . HOH B 2 .   ? -11.881 2.758   11.829  1.00 14.65 ? 145 HOH A O   1 
HETATM 946 O  O   . HOH B 2 .   ? 14.015  -7.428  -0.497  1.00 12.85 ? 146 HOH A O   1 
HETATM 947 O  O   . HOH B 2 .   ? 14.468  -5.122  0.685   1.00 14.70 ? 147 HOH A O   1 
HETATM 948 O  O   . HOH B 2 .   ? -4.003  -13.867 -2.768  1.00 16.13 ? 148 HOH A O   1 
HETATM 949 O  O   . HOH B 2 .   ? -3.958  -3.868  -5.730  1.00 31.02 ? 149 HOH A O   1 
HETATM 950 O  O   . HOH B 2 .   ? 13.748  7.095   3.683   1.00 25.17 ? 150 HOH A O   1 
HETATM 951 O  O   . HOH B 2 .   ? 1.338   -13.153 -6.353  1.00 19.74 ? 151 HOH A O   1 
HETATM 952 O  O   . HOH B 2 .   ? -3.972  -5.993  10.395  1.00 16.73 ? 152 HOH A O   1 
HETATM 953 O  O   . HOH B 2 .   ? 8.966   -10.429 -8.630  1.00 27.75 ? 153 HOH A O   1 
HETATM 954 O  O   . HOH B 2 .   ? 11.683  9.658   1.158   1.00 18.68 ? 154 HOH A O   1 
HETATM 955 O  O   . HOH B 2 .   ? 2.480   6.194   15.065  1.00 14.91 ? 155 HOH A O   1 
HETATM 956 O  O   . HOH B 2 .   ? 8.152   -10.034 -0.339  1.00 16.15 ? 156 HOH A O   1 
HETATM 957 O  O   . HOH B 2 .   ? 7.169   7.999   12.146  1.00 30.60 ? 157 HOH A O   1 
HETATM 958 O  O   . HOH B 2 .   ? 0.126   11.192  -4.429  1.00 21.49 ? 158 HOH A O   1 
HETATM 959 O  O   . HOH B 2 .   ? -1.803  -5.550  -6.160  1.00 25.15 ? 159 HOH A O   1 
HETATM 960 O  O   . HOH B 2 .   ? -9.324  -11.916 -2.965  1.00 34.48 ? 160 HOH A O   1 
HETATM 961 O  O   . HOH B 2 .   ? 8.475   4.583   12.597  1.00 16.97 ? 161 HOH A O   1 
HETATM 962 O  O   . HOH B 2 .   ? 13.612  0.176   2.951   1.00 23.35 ? 162 HOH A O   1 
HETATM 963 O  O   . HOH B 2 .   ? 1.012   13.427  -7.005  1.00 13.11 ? 163 HOH A O   1 
HETATM 964 O  O   . HOH B 2 .   ? -18.451 9.699   5.845   1.00 34.27 ? 164 HOH A O   1 
HETATM 965 O  O   . HOH B 2 .   ? 4.829   -7.660  5.058   1.00 31.83 ? 165 HOH A O   1 
HETATM 966 O  O   . HOH B 2 .   ? -14.301 1.490   13.072  1.00 32.67 ? 166 HOH A O   1 
HETATM 967 O  O   . HOH B 2 .   ? -0.136  14.270  3.521   1.00 23.17 ? 167 HOH A O   1 
HETATM 968 O  O   . HOH B 2 .   ? -10.556 2.892   15.556  1.00 24.47 ? 168 HOH A O   1 
HETATM 969 O  O   . HOH B 2 .   ? 0.451   -11.331 -8.490  1.00 28.33 ? 169 HOH A O   1 
HETATM 970 O  O   . HOH B 2 .   ? 10.993  2.784   6.598   1.00 19.17 ? 170 HOH A O   1 
HETATM 971 O  O   . HOH B 2 .   ? 10.582  6.786   5.182   1.00 21.10 ? 171 HOH A O   1 
HETATM 972 O  O   . HOH B 2 .   ? 16.788  4.581   -8.596  1.00 24.60 ? 172 HOH A O   1 
HETATM 973 O  O   . HOH B 2 .   ? -2.339  -14.994 4.591   1.00 32.66 ? 173 HOH A O   1 
HETATM 974 O  O   . HOH B 2 .   ? -4.254  13.600  6.539   1.00 21.29 ? 174 HOH A O   1 
HETATM 975 O  O   . HOH B 2 .   ? -11.844 5.732   13.341  1.00 19.18 ? 175 HOH A O   1 
HETATM 976 O  O   . HOH B 2 .   ? -0.454  -14.093 -2.471  1.00 23.63 ? 176 HOH A O   1 
HETATM 977 O  O   . HOH B 2 .   ? 17.817  4.705   -2.668  1.00 23.76 ? 177 HOH A O   1 
HETATM 978 O  O   . HOH B 2 .   ? 3.415   -10.160 4.383   1.00 27.70 ? 178 HOH A O   1 
HETATM 979 O  O   . HOH B 2 .   ? 0.201   -16.656 -0.911  1.00 33.65 ? 179 HOH A O   1 
HETATM 980 O  O   . HOH B 2 .   ? 8.910   -12.491 -4.663  1.00 25.14 ? 180 HOH A O   1 
HETATM 981 O  O   . HOH B 2 .   ? 17.606  3.404   4.831   1.00 21.84 ? 181 HOH A O   1 
HETATM 982 O  O   . HOH B 2 .   ? -1.472  -2.185  13.868  1.00 29.98 ? 182 HOH A O   1 
HETATM 983 O  O   . HOH B 2 .   ? 7.298   -8.771  -15.829 1.00 26.48 ? 183 HOH A O   1 
# 
